data_9CVU
#
_entry.id   9CVU
#
_cell.length_a   117.330
_cell.length_b   51.467
_cell.length_c   163.223
_cell.angle_alpha   90.00
_cell.angle_beta   90.00
_cell.angle_gamma   90.00
#
_symmetry.space_group_name_H-M   'P 1 21 1'
#
loop_
_entity.id
_entity.type
_entity.pdbx_description
1 polymer 'Nitric oxide synthase, brain'
2 non-polymer 'PROTOPORPHYRIN IX CONTAINING FE'
3 non-polymer 5,6,7,8-TETRAHYDROBIOPTERIN
4 non-polymer (6P)-4-methyl-6-{3-[(methylamino)methyl]-5-(trifluoromethyl)phenyl}pyridin-2-amine
5 non-polymer GLYCEROL
6 non-polymer 'ZINC ION'
7 water water
#
_entity_poly.entity_id   1
_entity_poly.type   'polypeptide(L)'
_entity_poly.pdbx_seq_one_letter_code
;CPRFLKVKNWETEVVLTDTLHLKSTLETGCTEYICMGSIMHPSQHARRPEDVATKDQLFPLAKEFIDQYYSSIKRFGSKA
HMERLEEVNKEIDTTSTYQLKDTELIYGAKHAWRNASRCVGRIQWSKLQVFDARDCTTAHGMFNYICNHVKYATNKGNLR
SAITIFPQRTDGKHDFRVWNSQLIRYAGYKQPDGSTLGDPANVQFTEICIQQGWKPPRGRFDVLPLLLQANGNDPELFQI
PPELVLEVPIRHPKFEWFKDLGLKWYGLPAVSNMLLEIGGLEFSACPFSGWYMGTEIGVRDYCDNSRYNILEEVAKKMNL
DMRKTSSLWKDQALVEINIAVLYSFQSDKVTIVDHHSATESFIKHMENEYRCRGGCPADWVWIVPPMSGSITPVFHQEML
NYRLTPSFEYQPDPWNTHVWKLV
;
_entity_poly.pdbx_strand_id   A,B,C,D
#
loop_
_chem_comp.id
_chem_comp.type
_chem_comp.name
_chem_comp.formula
A1A0F non-polymer (6P)-4-methyl-6-{3-[(methylamino)methyl]-5-(trifluoromethyl)phenyl}pyridin-2-amine 'C15 H16 F3 N3'
GOL non-polymer GLYCEROL 'C3 H8 O3'
H4B non-polymer 5,6,7,8-TETRAHYDROBIOPTERIN 'C9 H15 N5 O3'
HEM non-polymer 'PROTOPORPHYRIN IX CONTAINING FE' 'C34 H32 Fe N4 O4'
ZN non-polymer 'ZINC ION' 'Zn 2'
#
# COMPACT_ATOMS: atom_id res chain seq x y z
N PRO A 2 -36.68 27.51 -22.13
CA PRO A 2 -37.94 27.31 -21.40
C PRO A 2 -37.83 27.83 -19.96
N ARG A 3 -38.00 26.93 -19.00
CA ARG A 3 -37.54 27.17 -17.64
C ARG A 3 -37.00 25.91 -16.98
N PHE A 4 -37.11 24.76 -17.63
CA PHE A 4 -36.50 23.52 -17.18
C PHE A 4 -36.21 22.65 -18.40
N LEU A 5 -35.02 22.04 -18.43
CA LEU A 5 -34.72 21.03 -19.42
C LEU A 5 -34.31 19.75 -18.71
N LYS A 6 -34.72 18.61 -19.23
CA LYS A 6 -34.42 17.33 -18.59
C LYS A 6 -33.40 16.56 -19.41
N VAL A 7 -32.48 15.91 -18.70
CA VAL A 7 -31.51 15.01 -19.32
C VAL A 7 -31.63 13.67 -18.62
N LYS A 8 -31.67 12.61 -19.41
CA LYS A 8 -31.89 11.27 -18.92
C LYS A 8 -30.61 10.46 -19.12
N ASN A 9 -30.33 9.58 -18.17
CA ASN A 9 -29.34 8.53 -18.38
C ASN A 9 -30.09 7.27 -18.78
N TRP A 10 -29.81 6.77 -19.97
CA TRP A 10 -30.54 5.63 -20.51
C TRP A 10 -30.07 4.31 -19.95
N GLU A 11 -28.99 4.31 -19.18
CA GLU A 11 -28.53 3.11 -18.49
C GLU A 11 -29.12 3.02 -17.09
N THR A 12 -29.16 4.15 -16.36
CA THR A 12 -29.60 4.18 -14.98
C THR A 12 -31.02 4.70 -14.82
N GLU A 13 -31.58 5.33 -15.85
CA GLU A 13 -32.89 5.98 -15.85
C GLU A 13 -32.91 7.24 -15.00
N VAL A 14 -31.78 7.62 -14.38
CA VAL A 14 -31.71 8.86 -13.63
C VAL A 14 -32.01 10.04 -14.55
N VAL A 15 -32.85 10.95 -14.08
CA VAL A 15 -33.21 12.13 -14.85
C VAL A 15 -32.88 13.37 -14.02
N LEU A 16 -32.19 14.31 -14.64
CA LEU A 16 -31.76 15.55 -14.03
C LEU A 16 -32.40 16.71 -14.76
N THR A 17 -32.53 17.83 -14.05
CA THR A 17 -33.23 19.00 -14.54
C THR A 17 -32.24 20.14 -14.66
N ASP A 18 -32.08 20.67 -15.86
CA ASP A 18 -31.10 21.73 -16.10
C ASP A 18 -31.84 23.06 -16.10
N THR A 19 -31.57 23.88 -15.11
CA THR A 19 -31.99 25.27 -15.12
C THR A 19 -30.86 26.21 -15.47
N LEU A 20 -29.61 25.74 -15.33
CA LEU A 20 -28.44 26.61 -15.50
C LEU A 20 -28.31 27.12 -16.93
N HIS A 21 -28.79 26.35 -17.91
CA HIS A 21 -28.70 26.79 -19.30
C HIS A 21 -29.35 28.16 -19.53
N LEU A 22 -30.27 28.57 -18.66
CA LEU A 22 -30.89 29.88 -18.85
C LEU A 22 -29.90 31.03 -18.63
N LYS A 23 -28.80 30.78 -17.91
CA LYS A 23 -27.76 31.75 -17.66
C LYS A 23 -26.73 31.80 -18.77
N SER A 24 -26.85 30.95 -19.79
CA SER A 24 -25.93 30.99 -20.91
C SER A 24 -26.07 32.31 -21.66
N THR A 25 -24.95 32.83 -22.15
CA THR A 25 -25.00 34.14 -22.80
C THR A 25 -24.27 34.17 -24.13
N LEU A 26 -23.66 33.08 -24.56
CA LEU A 26 -22.90 33.07 -25.79
C LEU A 26 -23.24 31.82 -26.58
N GLU A 27 -22.99 31.89 -27.88
CA GLU A 27 -23.56 30.96 -28.83
C GLU A 27 -22.85 29.61 -28.82
N THR A 28 -23.62 28.55 -29.11
CA THR A 28 -23.07 27.21 -29.27
C THR A 28 -22.58 26.95 -30.68
N GLY A 29 -23.09 27.68 -31.66
CA GLY A 29 -22.86 27.38 -33.05
C GLY A 29 -24.03 26.71 -33.74
N CYS A 30 -24.91 26.05 -32.99
CA CYS A 30 -26.10 25.43 -33.56
C CYS A 30 -27.15 26.51 -33.86
N THR A 31 -28.06 26.17 -34.76
CA THR A 31 -29.26 26.95 -34.96
C THR A 31 -30.46 26.09 -34.61
N GLU A 32 -31.65 26.67 -34.73
CA GLU A 32 -32.85 25.91 -34.40
C GLU A 32 -33.12 24.78 -35.38
N TYR A 33 -32.55 24.85 -36.57
CA TYR A 33 -32.78 23.84 -37.59
C TYR A 33 -31.54 23.07 -37.97
N ILE A 34 -30.37 23.40 -37.43
CA ILE A 34 -29.24 22.53 -37.68
C ILE A 34 -28.35 22.48 -36.45
N CYS A 35 -27.92 21.28 -36.12
CA CYS A 35 -27.03 21.01 -35.00
C CYS A 35 -25.60 20.92 -35.52
N MET A 36 -24.71 21.71 -34.94
CA MET A 36 -23.28 21.68 -35.22
C MET A 36 -22.50 21.13 -34.05
N GLY A 37 -23.14 20.30 -33.24
CA GLY A 37 -22.50 19.60 -32.14
C GLY A 37 -21.14 19.00 -32.40
N SER A 38 -20.89 18.49 -33.61
CA SER A 38 -19.59 17.86 -33.89
C SER A 38 -18.61 18.76 -34.63
N ILE A 39 -18.91 20.04 -34.82
CA ILE A 39 -17.95 20.97 -35.38
C ILE A 39 -16.91 21.30 -34.31
N MET A 40 -15.63 21.18 -34.66
CA MET A 40 -14.61 21.35 -33.63
C MET A 40 -14.48 22.81 -33.20
N HIS A 41 -14.50 23.75 -34.15
CA HIS A 41 -14.40 25.18 -33.86
C HIS A 41 -15.51 25.92 -34.59
N PRO A 42 -16.71 26.04 -33.98
CA PRO A 42 -17.86 26.68 -34.64
C PRO A 42 -17.73 28.19 -34.82
N ARG A 48 -10.09 39.06 -36.22
CA ARG A 48 -9.10 40.13 -36.12
C ARG A 48 -8.54 40.20 -34.69
N PRO A 49 -7.23 40.49 -34.57
CA PRO A 49 -6.67 40.73 -33.22
C PRO A 49 -7.26 41.97 -32.55
N GLU A 50 -7.61 43.00 -33.32
CA GLU A 50 -8.30 44.22 -32.90
C GLU A 50 -9.79 43.97 -32.50
N ASP A 51 -10.22 42.70 -32.38
CA ASP A 51 -11.50 42.38 -31.75
C ASP A 51 -11.46 42.54 -30.23
N VAL A 52 -10.75 43.57 -29.75
CA VAL A 52 -10.75 43.90 -28.33
C VAL A 52 -12.04 44.65 -28.00
N ALA A 53 -12.62 44.34 -26.85
CA ALA A 53 -13.92 44.88 -26.49
C ALA A 53 -13.83 46.39 -26.23
N THR A 54 -14.80 47.12 -26.76
CA THR A 54 -14.91 48.55 -26.52
C THR A 54 -15.35 48.79 -25.07
N LYS A 55 -15.27 50.06 -24.64
CA LYS A 55 -15.78 50.44 -23.33
C LYS A 55 -17.22 49.97 -23.15
N ASP A 56 -18.10 50.32 -24.10
CA ASP A 56 -19.51 50.01 -23.93
C ASP A 56 -19.78 48.52 -23.97
N GLN A 57 -18.98 47.76 -24.73
CA GLN A 57 -19.11 46.30 -24.66
C GLN A 57 -18.65 45.77 -23.31
N LEU A 58 -17.64 46.40 -22.70
CA LEU A 58 -17.00 45.82 -21.51
C LEU A 58 -17.87 45.96 -20.27
N PHE A 59 -18.56 47.11 -20.11
CA PHE A 59 -19.38 47.41 -18.94
C PHE A 59 -20.32 46.27 -18.57
N PRO A 60 -21.20 45.79 -19.45
CA PRO A 60 -22.13 44.72 -19.04
C PRO A 60 -21.44 43.39 -18.79
N LEU A 61 -20.36 43.10 -19.51
CA LEU A 61 -19.61 41.86 -19.25
C LEU A 61 -19.00 41.91 -17.86
N ALA A 62 -18.36 43.02 -17.53
CA ALA A 62 -17.80 43.20 -16.21
C ALA A 62 -18.90 43.08 -15.15
N LYS A 63 -19.99 43.82 -15.32
CA LYS A 63 -21.07 43.77 -14.34
C LYS A 63 -21.53 42.33 -14.12
N GLU A 64 -21.83 41.62 -15.22
CA GLU A 64 -22.29 40.24 -15.12
C GLU A 64 -21.33 39.39 -14.28
N PHE A 65 -20.03 39.51 -14.52
CA PHE A 65 -19.08 38.70 -13.80
C PHE A 65 -18.99 39.11 -12.33
N ILE A 66 -18.89 40.41 -12.07
CA ILE A 66 -18.83 40.87 -10.69
C ILE A 66 -20.09 40.45 -9.94
N ASP A 67 -21.25 40.59 -10.59
CA ASP A 67 -22.49 40.11 -10.00
C ASP A 67 -22.41 38.62 -9.70
N GLN A 68 -21.89 37.85 -10.66
CA GLN A 68 -21.76 36.41 -10.48
C GLN A 68 -20.84 36.10 -9.30
N TYR A 69 -19.71 36.80 -9.22
CA TYR A 69 -18.75 36.55 -8.15
C TYR A 69 -19.32 36.91 -6.79
N TYR A 70 -20.07 38.00 -6.70
CA TYR A 70 -20.62 38.36 -5.40
C TYR A 70 -21.80 37.49 -5.02
N SER A 71 -22.54 36.99 -6.00
CA SER A 71 -23.52 35.96 -5.71
C SER A 71 -22.84 34.69 -5.20
N SER A 72 -21.74 34.28 -5.83
CA SER A 72 -21.08 33.04 -5.44
C SER A 72 -20.63 33.06 -3.98
N ILE A 73 -20.23 34.24 -3.48
CA ILE A 73 -19.75 34.37 -2.13
C ILE A 73 -20.82 34.92 -1.19
N LYS A 74 -22.09 34.87 -1.61
CA LYS A 74 -23.21 35.29 -0.78
C LYS A 74 -23.00 36.72 -0.25
N ARG A 75 -22.51 37.60 -1.12
CA ARG A 75 -22.40 39.02 -0.84
C ARG A 75 -23.12 39.85 -1.91
N PHE A 76 -24.07 39.25 -2.64
CA PHE A 76 -24.78 40.00 -3.67
C PHE A 76 -25.58 41.14 -3.04
N GLY A 77 -25.51 42.31 -3.65
CA GLY A 77 -26.15 43.50 -3.11
C GLY A 77 -25.40 44.18 -1.99
N SER A 78 -24.32 43.57 -1.47
CA SER A 78 -23.62 44.13 -0.33
C SER A 78 -23.00 45.48 -0.67
N LYS A 79 -22.56 46.16 0.38
CA LYS A 79 -21.81 47.41 0.20
C LYS A 79 -20.57 47.17 -0.65
N ALA A 80 -19.81 46.12 -0.34
CA ALA A 80 -18.60 45.82 -1.09
C ALA A 80 -18.90 45.39 -2.52
N HIS A 81 -20.05 44.79 -2.76
CA HIS A 81 -20.45 44.47 -4.13
C HIS A 81 -20.71 45.74 -4.92
N MET A 82 -21.44 46.69 -4.33
CA MET A 82 -21.78 47.92 -5.06
C MET A 82 -20.53 48.78 -5.29
N GLU A 83 -19.64 48.86 -4.30
CA GLU A 83 -18.44 49.67 -4.48
C GLU A 83 -17.51 49.04 -5.51
N ARG A 84 -17.42 47.70 -5.52
CA ARG A 84 -16.60 47.04 -6.52
C ARG A 84 -17.12 47.33 -7.92
N LEU A 85 -18.43 47.26 -8.11
CA LEU A 85 -19.04 47.63 -9.39
C LEU A 85 -18.71 49.07 -9.77
N GLU A 86 -18.92 50.00 -8.85
CA GLU A 86 -18.53 51.38 -9.07
C GLU A 86 -17.04 51.48 -9.37
N GLU A 87 -16.22 50.73 -8.65
CA GLU A 87 -14.78 50.78 -8.88
C GLU A 87 -14.43 50.24 -10.26
N VAL A 88 -15.08 49.16 -10.69
CA VAL A 88 -14.80 48.61 -12.02
C VAL A 88 -15.21 49.59 -13.10
N ASN A 89 -16.42 50.16 -12.96
CA ASN A 89 -16.92 51.08 -13.97
C ASN A 89 -16.01 52.29 -14.11
N LYS A 90 -15.47 52.78 -13.00
CA LYS A 90 -14.52 53.90 -13.09
C LYS A 90 -13.33 53.52 -13.96
N GLU A 91 -12.74 52.34 -13.71
CA GLU A 91 -11.59 51.90 -14.52
C GLU A 91 -11.96 51.79 -15.99
N ILE A 92 -13.09 51.16 -16.30
CA ILE A 92 -13.50 51.04 -17.69
C ILE A 92 -13.66 52.43 -18.31
N ASP A 93 -14.33 53.33 -17.59
CA ASP A 93 -14.49 54.71 -18.06
C ASP A 93 -13.14 55.37 -18.32
N THR A 94 -12.22 55.27 -17.35
CA THR A 94 -10.98 56.04 -17.43
C THR A 94 -9.92 55.32 -18.29
N THR A 95 -9.74 54.01 -18.09
CA THR A 95 -8.63 53.29 -18.68
C THR A 95 -9.03 52.38 -19.83
N SER A 96 -10.32 52.28 -20.14
CA SER A 96 -10.90 51.40 -21.16
C SER A 96 -10.80 49.92 -20.81
N THR A 97 -10.34 49.59 -19.61
CA THR A 97 -10.27 48.20 -19.16
C THR A 97 -10.39 48.22 -17.63
N TYR A 98 -10.22 47.06 -17.00
CA TYR A 98 -10.16 47.02 -15.54
C TYR A 98 -9.31 45.85 -15.09
N GLN A 99 -9.05 45.81 -13.79
CA GLN A 99 -8.14 44.84 -13.21
C GLN A 99 -8.89 43.99 -12.21
N LEU A 100 -8.84 42.67 -12.40
CA LEU A 100 -9.46 41.77 -11.46
C LEU A 100 -8.73 41.80 -10.13
N LYS A 101 -9.48 41.77 -9.03
CA LYS A 101 -8.87 41.44 -7.74
C LYS A 101 -8.36 40.01 -7.79
N ASP A 102 -7.47 39.69 -6.86
CA ASP A 102 -6.91 38.33 -6.84
C ASP A 102 -7.98 37.28 -6.61
N THR A 103 -8.94 37.57 -5.73
CA THR A 103 -10.04 36.63 -5.47
C THR A 103 -10.87 36.38 -6.72
N GLU A 104 -11.17 37.45 -7.45
CA GLU A 104 -11.93 37.34 -8.68
C GLU A 104 -11.18 36.52 -9.71
N LEU A 105 -9.87 36.74 -9.82
CA LEU A 105 -9.07 36.00 -10.79
C LEU A 105 -9.12 34.51 -10.51
N ILE A 106 -8.90 34.13 -9.24
CA ILE A 106 -8.97 32.73 -8.83
C ILE A 106 -10.35 32.16 -9.13
N TYR A 107 -11.39 32.86 -8.66
CA TYR A 107 -12.77 32.46 -8.93
C TYR A 107 -13.00 32.30 -10.43
N GLY A 108 -12.58 33.30 -11.21
CA GLY A 108 -12.79 33.25 -12.65
C GLY A 108 -12.09 32.06 -13.30
N ALA A 109 -10.82 31.82 -12.93
CA ALA A 109 -10.09 30.73 -13.56
C ALA A 109 -10.71 29.39 -13.22
N LYS A 110 -11.08 29.20 -11.95
CA LYS A 110 -11.72 27.95 -11.52
C LYS A 110 -13.04 27.74 -12.26
N HIS A 111 -13.83 28.80 -12.42
CA HIS A 111 -15.14 28.63 -13.06
C HIS A 111 -15.03 28.45 -14.57
N ALA A 112 -13.99 29.01 -15.20
CA ALA A 112 -13.74 28.67 -16.59
C ALA A 112 -13.48 27.19 -16.74
N TRP A 113 -12.75 26.61 -15.79
CA TRP A 113 -12.60 25.17 -15.83
C TRP A 113 -13.95 24.49 -15.55
N ARG A 114 -14.69 24.97 -14.56
CA ARG A 114 -15.97 24.36 -14.22
C ARG A 114 -16.92 24.40 -15.41
N ASN A 115 -16.81 25.43 -16.24
CA ASN A 115 -17.68 25.66 -17.38
C ASN A 115 -17.16 25.04 -18.67
N ALA A 116 -16.01 24.37 -18.65
CA ALA A 116 -15.44 23.79 -19.86
C ALA A 116 -16.21 22.51 -20.25
N SER A 117 -17.22 22.65 -21.11
CA SER A 117 -18.10 21.52 -21.37
CA SER A 117 -18.12 21.55 -21.43
C SER A 117 -17.38 20.32 -21.97
N ARG A 118 -16.20 20.52 -22.54
CA ARG A 118 -15.46 19.43 -23.17
C ARG A 118 -14.53 18.69 -22.22
N CYS A 119 -14.44 19.11 -20.97
CA CYS A 119 -13.47 18.54 -20.05
C CYS A 119 -14.15 17.49 -19.16
N VAL A 120 -13.66 16.26 -19.24
CA VAL A 120 -14.17 15.18 -18.40
C VAL A 120 -13.62 15.21 -16.99
N GLY A 121 -12.54 15.96 -16.75
CA GLY A 121 -11.93 16.00 -15.42
C GLY A 121 -12.41 17.12 -14.52
N ARG A 122 -13.62 17.64 -14.73
CA ARG A 122 -14.06 18.80 -13.95
C ARG A 122 -14.47 18.46 -12.53
N ILE A 123 -14.45 17.20 -12.10
CA ILE A 123 -14.77 16.93 -10.72
C ILE A 123 -13.75 17.61 -9.81
N GLN A 124 -12.58 17.92 -10.35
CA GLN A 124 -11.46 18.53 -9.63
C GLN A 124 -11.47 20.06 -9.68
N TRP A 125 -12.48 20.67 -10.30
CA TRP A 125 -12.40 22.07 -10.72
C TRP A 125 -12.05 23.01 -9.57
N SER A 126 -12.57 22.73 -8.38
CA SER A 126 -12.38 23.66 -7.28
C SER A 126 -11.01 23.52 -6.62
N LYS A 127 -10.27 22.45 -6.93
CA LYS A 127 -8.88 22.28 -6.46
C LYS A 127 -7.92 22.67 -7.59
N LEU A 128 -7.91 23.95 -7.90
CA LEU A 128 -7.05 24.48 -8.95
C LEU A 128 -6.10 25.48 -8.30
N GLN A 129 -4.82 25.37 -8.61
CA GLN A 129 -3.83 26.27 -8.06
C GLN A 129 -3.61 27.40 -9.06
N VAL A 130 -3.99 28.62 -8.69
CA VAL A 130 -3.92 29.75 -9.61
C VAL A 130 -2.64 30.53 -9.33
N PHE A 131 -1.80 30.64 -10.35
CA PHE A 131 -0.56 31.43 -10.27
C PHE A 131 -0.79 32.74 -11.01
N ASP A 132 -0.80 33.84 -10.27
CA ASP A 132 -1.06 35.16 -10.83
C ASP A 132 0.24 35.72 -11.41
N ALA A 133 0.34 35.75 -12.73
CA ALA A 133 1.52 36.28 -13.39
C ALA A 133 1.21 37.57 -14.15
N ARG A 134 0.25 38.34 -13.65
CA ARG A 134 -0.14 39.56 -14.31
C ARG A 134 0.90 40.67 -14.21
N ASP A 135 1.91 40.54 -13.33
CA ASP A 135 3.00 41.52 -13.27
C ASP A 135 4.14 41.22 -14.25
N CYS A 136 4.05 40.11 -14.96
CA CYS A 136 5.07 39.72 -15.94
C CYS A 136 5.16 40.75 -17.06
N THR A 137 6.38 41.02 -17.53
CA THR A 137 6.58 41.97 -18.61
C THR A 137 7.45 41.45 -19.74
N THR A 138 8.18 40.36 -19.56
CA THR A 138 9.09 39.89 -20.61
C THR A 138 8.99 38.38 -20.74
N ALA A 139 9.51 37.89 -21.88
CA ALA A 139 9.54 36.45 -22.12
C ALA A 139 10.35 35.71 -21.07
N HIS A 140 11.48 36.30 -20.63
CA HIS A 140 12.25 35.70 -19.53
C HIS A 140 11.39 35.55 -18.31
N GLY A 141 10.60 36.58 -17.99
CA GLY A 141 9.69 36.47 -16.87
C GLY A 141 8.69 35.35 -17.07
N MET A 142 8.11 35.26 -18.27
CA MET A 142 7.16 34.19 -18.56
C MET A 142 7.80 32.82 -18.40
N PHE A 143 9.04 32.68 -18.88
CA PHE A 143 9.77 31.42 -18.72
C PHE A 143 9.87 31.05 -17.25
N ASN A 144 10.24 32.02 -16.42
CA ASN A 144 10.34 31.78 -14.99
C ASN A 144 9.02 31.28 -14.42
N TYR A 145 7.94 32.03 -14.67
CA TYR A 145 6.62 31.62 -14.20
C TYR A 145 6.27 30.21 -14.70
N ILE A 146 6.56 29.92 -15.97
CA ILE A 146 6.18 28.62 -16.53
C ILE A 146 7.01 27.50 -15.90
N CYS A 147 8.29 27.75 -15.64
CA CYS A 147 9.10 26.74 -14.97
C CYS A 147 8.57 26.44 -13.57
N ASN A 148 8.22 27.49 -12.82
CA ASN A 148 7.67 27.28 -11.47
C ASN A 148 6.33 26.54 -11.56
N HIS A 149 5.52 26.87 -12.56
CA HIS A 149 4.28 26.14 -12.78
C HIS A 149 4.56 24.66 -13.01
N VAL A 150 5.40 24.35 -14.00
CA VAL A 150 5.72 22.96 -14.30
C VAL A 150 6.23 22.24 -13.06
N LYS A 151 7.09 22.89 -12.29
CA LYS A 151 7.66 22.23 -11.14
C LYS A 151 6.59 21.96 -10.09
N TYR A 152 5.73 22.95 -9.84
CA TYR A 152 4.67 22.81 -8.86
C TYR A 152 3.69 21.73 -9.27
N ALA A 153 3.28 21.78 -10.54
CA ALA A 153 2.26 20.87 -11.07
C ALA A 153 2.75 19.44 -11.10
N THR A 154 4.02 19.24 -11.51
CA THR A 154 4.57 17.90 -11.63
C THR A 154 4.73 17.24 -10.27
N ASN A 155 5.25 17.98 -9.28
CA ASN A 155 5.26 17.54 -7.89
C ASN A 155 5.79 16.11 -7.78
N LYS A 156 6.89 15.84 -8.48
CA LYS A 156 7.57 14.53 -8.48
C LYS A 156 6.63 13.38 -8.88
N GLY A 157 5.63 13.65 -9.71
CA GLY A 157 4.72 12.62 -10.15
C GLY A 157 3.35 12.70 -9.52
N ASN A 158 3.24 13.37 -8.37
CA ASN A 158 1.95 13.50 -7.70
C ASN A 158 1.33 14.80 -8.20
N LEU A 159 0.75 14.70 -9.40
CA LEU A 159 0.44 15.87 -10.19
C LEU A 159 -0.67 16.69 -9.54
N ARG A 160 -0.53 18.00 -9.67
CA ARG A 160 -1.45 18.96 -9.09
C ARG A 160 -1.87 19.90 -10.20
N SER A 161 -3.15 20.14 -10.31
CA SER A 161 -3.64 20.97 -11.38
C SER A 161 -3.30 22.43 -11.06
N ALA A 162 -2.94 23.16 -12.09
CA ALA A 162 -2.54 24.54 -11.87
C ALA A 162 -2.78 25.31 -13.16
N ILE A 163 -2.82 26.63 -13.01
CA ILE A 163 -2.90 27.56 -14.13
C ILE A 163 -2.04 28.77 -13.80
N THR A 164 -1.37 29.30 -14.80
CA THR A 164 -0.61 30.54 -14.65
C THR A 164 -1.19 31.56 -15.61
N ILE A 165 -1.62 32.68 -15.07
CA ILE A 165 -2.35 33.69 -15.82
C ILE A 165 -1.44 34.89 -16.05
N PHE A 166 -1.15 35.16 -17.31
CA PHE A 166 -0.29 36.26 -17.74
C PHE A 166 -1.14 37.48 -18.01
N PRO A 167 -0.55 38.65 -18.27
CA PRO A 167 -1.37 39.87 -18.34
C PRO A 167 -2.42 39.76 -19.45
N GLN A 168 -3.59 40.31 -19.16
CA GLN A 168 -4.71 40.30 -20.09
C GLN A 168 -4.40 41.12 -21.33
N ARG A 169 -5.17 40.86 -22.37
CA ARG A 169 -5.08 41.62 -23.60
C ARG A 169 -5.45 43.07 -23.34
N THR A 170 -4.79 43.98 -24.06
CA THR A 170 -5.08 45.41 -23.94
C THR A 170 -5.63 45.86 -25.25
N ASP A 171 -4.82 46.24 -26.23
CA ASP A 171 -5.29 46.70 -27.53
C ASP A 171 -5.19 45.62 -28.59
N GLY A 172 -4.89 44.38 -28.20
CA GLY A 172 -4.63 43.32 -29.14
C GLY A 172 -3.26 43.34 -29.78
N LYS A 173 -2.48 44.40 -29.52
CA LYS A 173 -1.14 44.57 -30.08
C LYS A 173 -0.05 44.28 -29.07
N HIS A 174 -0.40 43.99 -27.82
CA HIS A 174 0.56 43.74 -26.77
C HIS A 174 0.26 42.46 -26.05
N ASP A 175 -0.22 41.46 -26.79
CA ASP A 175 -0.66 40.21 -26.21
C ASP A 175 0.52 39.44 -25.66
N PHE A 176 0.29 38.75 -24.54
CA PHE A 176 1.16 37.67 -24.10
C PHE A 176 0.62 36.37 -24.71
N ARG A 177 1.52 35.58 -25.26
CA ARG A 177 1.14 34.29 -25.83
C ARG A 177 2.22 33.28 -25.53
N VAL A 178 1.81 32.11 -25.07
CA VAL A 178 2.66 30.94 -25.25
C VAL A 178 2.38 30.40 -26.64
N TRP A 179 3.41 30.37 -27.50
CA TRP A 179 3.22 29.90 -28.86
C TRP A 179 3.06 28.38 -28.91
N ASN A 180 3.54 27.68 -27.88
CA ASN A 180 3.34 26.25 -27.76
C ASN A 180 1.86 25.95 -27.54
N SER A 181 1.42 24.81 -28.06
CA SER A 181 0.03 24.41 -27.81
C SER A 181 -0.08 23.72 -26.47
N GLN A 182 0.93 22.95 -26.09
CA GLN A 182 1.14 22.53 -24.71
C GLN A 182 2.54 22.97 -24.27
N LEU A 183 2.73 23.09 -22.95
CA LEU A 183 4.03 23.50 -22.41
C LEU A 183 5.11 22.48 -22.72
N ILE A 184 4.76 21.20 -22.65
CA ILE A 184 5.64 20.09 -22.95
C ILE A 184 5.01 19.31 -24.10
N ARG A 185 5.67 19.29 -25.26
CA ARG A 185 5.29 18.42 -26.35
C ARG A 185 6.56 17.96 -27.06
N TYR A 186 6.42 16.91 -27.87
CA TYR A 186 7.56 16.41 -28.60
C TYR A 186 7.62 17.01 -30.00
N ALA A 187 8.84 17.26 -30.46
CA ALA A 187 9.06 17.79 -31.78
C ALA A 187 8.63 16.78 -32.84
N GLY A 188 8.39 17.28 -34.02
CA GLY A 188 8.15 16.44 -35.19
C GLY A 188 8.96 16.99 -36.34
N TYR A 189 9.58 16.08 -37.08
CA TYR A 189 10.42 16.44 -38.21
C TYR A 189 9.96 15.69 -39.43
N LYS A 190 9.52 16.43 -40.45
CA LYS A 190 9.30 15.83 -41.75
C LYS A 190 10.65 15.47 -42.38
N GLN A 191 10.78 14.22 -42.79
CA GLN A 191 11.96 13.73 -43.50
C GLN A 191 11.82 13.97 -44.99
N PRO A 192 12.91 13.99 -45.74
CA PRO A 192 12.80 14.17 -47.20
C PRO A 192 11.97 13.08 -47.88
N ASP A 193 11.89 11.88 -47.29
CA ASP A 193 11.23 10.75 -47.94
C ASP A 193 9.74 10.70 -47.62
N GLY A 194 9.18 11.78 -47.08
CA GLY A 194 7.79 11.82 -46.70
C GLY A 194 7.50 11.36 -45.30
N SER A 195 8.39 10.56 -44.70
CA SER A 195 8.14 10.07 -43.36
C SER A 195 8.27 11.20 -42.34
N THR A 196 7.84 10.91 -41.12
CA THR A 196 7.91 11.88 -40.04
C THR A 196 8.61 11.22 -38.86
N LEU A 197 9.48 11.98 -38.21
CA LEU A 197 10.14 11.56 -36.98
C LEU A 197 9.58 12.40 -35.84
N GLY A 198 9.26 11.75 -34.72
CA GLY A 198 8.59 12.45 -33.65
C GLY A 198 7.10 12.57 -33.87
N ASP A 199 6.53 13.67 -33.34
CA ASP A 199 5.09 13.86 -33.34
C ASP A 199 4.67 14.65 -34.58
N PRO A 200 3.95 14.05 -35.54
CA PRO A 200 3.59 14.80 -36.76
C PRO A 200 2.73 16.02 -36.50
N ALA A 201 1.95 16.03 -35.41
CA ALA A 201 1.14 17.20 -35.06
C ALA A 201 1.97 18.45 -34.85
N ASN A 202 3.24 18.28 -34.51
CA ASN A 202 4.05 19.42 -34.11
C ASN A 202 5.06 19.78 -35.18
N VAL A 203 4.84 19.31 -36.42
CA VAL A 203 5.80 19.55 -37.49
C VAL A 203 5.93 21.04 -37.78
N GLN A 204 4.81 21.75 -37.84
CA GLN A 204 4.90 23.16 -38.19
C GLN A 204 5.49 23.98 -37.05
N PHE A 205 5.05 23.72 -35.82
CA PHE A 205 5.61 24.44 -34.69
C PHE A 205 7.09 24.12 -34.50
N THR A 206 7.50 22.88 -34.76
CA THR A 206 8.92 22.54 -34.76
C THR A 206 9.68 23.37 -35.79
N GLU A 207 9.15 23.46 -37.03
CA GLU A 207 9.80 24.31 -38.03
C GLU A 207 9.92 25.75 -37.54
N ILE A 208 8.86 26.29 -36.93
CA ILE A 208 8.94 27.65 -36.40
C ILE A 208 10.10 27.77 -35.40
N CYS A 209 10.21 26.81 -34.48
CA CYS A 209 11.27 26.88 -33.47
C CYS A 209 12.64 26.85 -34.13
N ILE A 210 12.84 25.90 -35.04
CA ILE A 210 14.11 25.79 -35.74
C ILE A 210 14.43 27.11 -36.43
N GLN A 211 13.41 27.73 -37.00
CA GLN A 211 13.62 29.00 -37.68
C GLN A 211 14.04 30.11 -36.72
N GLN A 212 13.51 30.08 -35.49
CA GLN A 212 13.86 31.06 -34.47
C GLN A 212 15.21 30.79 -33.84
N GLY A 213 15.89 29.71 -34.24
CA GLY A 213 17.22 29.41 -33.79
C GLY A 213 17.38 28.09 -33.06
N TRP A 214 16.29 27.40 -32.72
CA TRP A 214 16.42 26.16 -31.97
C TRP A 214 17.28 25.15 -32.72
N LYS A 215 18.18 24.50 -32.00
CA LYS A 215 19.05 23.46 -32.53
C LYS A 215 18.40 22.12 -32.22
N PRO A 216 17.70 21.49 -33.15
CA PRO A 216 16.92 20.31 -32.82
C PRO A 216 17.81 19.09 -32.68
N PRO A 217 17.59 18.25 -31.67
CA PRO A 217 18.32 16.97 -31.61
C PRO A 217 17.99 16.04 -32.75
N ARG A 218 16.84 16.23 -33.41
CA ARG A 218 16.36 15.36 -34.48
C ARG A 218 16.23 13.92 -33.98
N GLY A 219 15.35 13.76 -32.98
CA GLY A 219 15.02 12.46 -32.44
C GLY A 219 13.52 12.32 -32.31
N ARG A 220 13.10 11.15 -31.79
CA ARG A 220 11.68 10.82 -31.79
C ARG A 220 10.91 11.49 -30.64
N PHE A 221 11.59 11.90 -29.57
CA PHE A 221 10.93 12.41 -28.38
C PHE A 221 11.72 13.61 -27.83
N ASP A 222 11.92 14.61 -28.69
CA ASP A 222 12.58 15.85 -28.28
C ASP A 222 11.56 16.76 -27.64
N VAL A 223 11.75 17.09 -26.35
CA VAL A 223 10.89 18.09 -25.75
C VAL A 223 11.12 19.40 -26.48
N LEU A 224 10.02 20.01 -26.95
CA LEU A 224 10.17 21.25 -27.68
C LEU A 224 10.62 22.37 -26.73
N PRO A 225 11.20 23.44 -27.26
CA PRO A 225 11.48 24.60 -26.44
C PRO A 225 10.20 25.42 -26.28
N LEU A 226 10.16 26.21 -25.23
CA LEU A 226 9.11 27.19 -25.11
C LEU A 226 9.36 28.34 -26.07
N LEU A 227 8.28 28.83 -26.67
CA LEU A 227 8.32 29.99 -27.56
C LEU A 227 7.36 30.98 -26.93
N LEU A 228 7.92 31.99 -26.28
CA LEU A 228 7.17 32.82 -25.35
C LEU A 228 7.12 34.25 -25.86
N GLN A 229 5.94 34.83 -25.83
CA GLN A 229 5.72 36.18 -26.35
C GLN A 229 5.12 37.03 -25.24
N ALA A 230 5.78 38.13 -24.93
CA ALA A 230 5.36 39.05 -23.88
C ALA A 230 5.11 40.41 -24.50
N ASN A 231 4.00 41.03 -24.12
CA ASN A 231 3.67 42.39 -24.53
C ASN A 231 3.68 42.58 -26.05
N GLY A 232 3.35 41.54 -26.80
CA GLY A 232 3.25 41.67 -28.24
C GLY A 232 4.56 41.72 -28.97
N ASN A 233 5.67 41.51 -28.29
CA ASN A 233 6.98 41.45 -28.92
C ASN A 233 7.19 40.09 -29.59
N ASP A 234 8.22 40.02 -30.43
CA ASP A 234 8.57 38.75 -31.05
C ASP A 234 8.78 37.68 -29.98
N PRO A 235 8.37 36.45 -30.21
CA PRO A 235 8.55 35.42 -29.19
C PRO A 235 10.01 34.99 -29.11
N GLU A 236 10.38 34.51 -27.93
CA GLU A 236 11.76 34.14 -27.63
C GLU A 236 11.82 32.67 -27.19
N LEU A 237 12.91 32.01 -27.55
CA LEU A 237 13.09 30.60 -27.29
C LEU A 237 13.68 30.36 -25.91
N PHE A 238 13.21 29.30 -25.26
CA PHE A 238 13.67 28.92 -23.92
C PHE A 238 13.60 27.41 -23.79
N GLN A 239 14.69 26.81 -23.31
CA GLN A 239 14.75 25.38 -23.05
C GLN A 239 14.23 25.11 -21.65
N ILE A 240 13.12 24.36 -21.53
CA ILE A 240 12.70 23.94 -20.20
C ILE A 240 13.80 23.08 -19.58
N PRO A 241 14.23 23.35 -18.35
CA PRO A 241 15.25 22.51 -17.71
C PRO A 241 14.83 21.05 -17.71
N PRO A 242 15.67 20.16 -18.22
CA PRO A 242 15.24 18.76 -18.41
C PRO A 242 14.84 18.07 -17.12
N GLU A 243 15.43 18.45 -16.00
CA GLU A 243 15.03 17.88 -14.72
C GLU A 243 13.59 18.26 -14.36
N LEU A 244 13.03 19.31 -14.97
CA LEU A 244 11.63 19.65 -14.72
C LEU A 244 10.65 18.86 -15.60
N VAL A 245 11.11 18.11 -16.59
CA VAL A 245 10.20 17.42 -17.51
C VAL A 245 10.12 15.96 -17.09
N LEU A 246 9.01 15.59 -16.46
CA LEU A 246 8.87 14.23 -15.98
C LEU A 246 8.38 13.38 -17.14
N GLU A 247 9.08 12.30 -17.42
CA GLU A 247 8.71 11.41 -18.51
C GLU A 247 8.54 9.99 -18.00
N VAL A 248 7.71 9.23 -18.70
CA VAL A 248 7.39 7.86 -18.33
C VAL A 248 7.75 6.97 -19.52
N PRO A 249 8.68 6.04 -19.39
CA PRO A 249 8.89 5.05 -20.46
C PRO A 249 7.76 4.04 -20.45
N ILE A 250 7.26 3.73 -21.64
CA ILE A 250 6.04 2.93 -21.76
C ILE A 250 6.43 1.47 -21.92
N ARG A 251 6.01 0.66 -20.96
CA ARG A 251 6.22 -0.78 -21.02
C ARG A 251 4.88 -1.45 -20.75
N HIS A 252 4.83 -2.71 -21.08
CA HIS A 252 3.60 -3.45 -20.94
C HIS A 252 3.76 -4.48 -19.82
N PRO A 253 2.72 -4.73 -19.01
CA PRO A 253 2.87 -5.69 -17.90
C PRO A 253 3.05 -7.13 -18.34
N LYS A 254 2.63 -7.49 -19.54
CA LYS A 254 2.75 -8.85 -20.02
C LYS A 254 3.66 -8.99 -21.24
N PHE A 255 3.70 -7.99 -22.10
CA PHE A 255 4.48 -8.06 -23.34
C PHE A 255 5.88 -7.50 -23.09
N GLU A 256 6.86 -8.40 -22.93
CA GLU A 256 8.24 -8.00 -22.68
C GLU A 256 8.76 -7.06 -23.77
N TRP A 257 8.42 -7.35 -25.02
CA TRP A 257 8.92 -6.62 -26.17
C TRP A 257 8.41 -5.20 -26.23
N PHE A 258 7.38 -4.84 -25.46
CA PHE A 258 6.76 -3.53 -25.61
C PHE A 258 7.76 -2.42 -25.36
N LYS A 259 8.57 -2.55 -24.29
CA LYS A 259 9.58 -1.55 -23.98
C LYS A 259 10.52 -1.32 -25.15
N ASP A 260 10.67 -2.31 -26.04
CA ASP A 260 11.56 -2.17 -27.19
C ASP A 260 10.99 -1.26 -28.27
N LEU A 261 9.75 -0.82 -28.13
CA LEU A 261 9.25 0.18 -29.05
C LEU A 261 9.87 1.54 -28.79
N GLY A 262 10.59 1.70 -27.69
CA GLY A 262 11.22 2.97 -27.35
C GLY A 262 10.24 4.07 -27.07
N LEU A 263 9.01 3.74 -26.69
CA LEU A 263 8.00 4.76 -26.47
C LEU A 263 8.14 5.36 -25.08
N LYS A 264 7.91 6.66 -25.00
CA LYS A 264 7.77 7.33 -23.73
C LYS A 264 6.75 8.43 -23.91
N TRP A 265 6.33 8.99 -22.79
CA TRP A 265 5.49 10.17 -22.84
C TRP A 265 5.78 11.02 -21.62
N TYR A 266 5.37 12.27 -21.71
CA TYR A 266 5.58 13.20 -20.61
C TYR A 266 4.42 13.11 -19.63
N GLY A 267 4.70 13.41 -18.37
CA GLY A 267 3.66 13.21 -17.38
C GLY A 267 2.63 14.31 -17.30
N LEU A 268 2.94 15.49 -17.80
CA LEU A 268 2.17 16.69 -17.47
C LEU A 268 1.48 17.26 -18.68
N PRO A 269 0.16 17.07 -18.85
CA PRO A 269 -0.56 17.74 -19.94
C PRO A 269 -0.86 19.17 -19.52
N ALA A 270 -0.31 20.13 -20.26
CA ALA A 270 -0.40 21.54 -19.91
C ALA A 270 -0.79 22.33 -21.16
N VAL A 271 -2.08 22.58 -21.33
CA VAL A 271 -2.56 23.32 -22.49
C VAL A 271 -2.16 24.78 -22.35
N SER A 272 -1.57 25.34 -23.39
CA SER A 272 -0.99 26.67 -23.31
C SER A 272 -1.42 27.62 -24.43
N ASN A 273 -2.31 27.20 -25.35
CA ASN A 273 -2.66 28.03 -26.49
C ASN A 273 -4.09 28.56 -26.42
N MET A 274 -4.78 28.34 -25.31
CA MET A 274 -6.15 28.78 -25.17
C MET A 274 -6.21 30.16 -24.54
N LEU A 275 -7.40 30.71 -24.51
CA LEU A 275 -7.60 32.06 -24.03
C LEU A 275 -8.63 31.99 -22.92
N LEU A 276 -8.30 32.60 -21.79
CA LEU A 276 -9.16 32.64 -20.63
C LEU A 276 -9.91 33.96 -20.64
N GLU A 277 -11.23 33.88 -20.62
CA GLU A 277 -12.08 35.06 -20.68
C GLU A 277 -12.83 35.17 -19.37
N ILE A 278 -12.60 36.25 -18.64
CA ILE A 278 -13.23 36.53 -17.36
C ILE A 278 -13.77 37.96 -17.41
N GLY A 279 -15.09 38.09 -17.31
CA GLY A 279 -15.70 39.42 -17.23
C GLY A 279 -15.39 40.31 -18.41
N GLY A 280 -15.33 39.75 -19.61
CA GLY A 280 -14.90 40.48 -20.78
C GLY A 280 -13.40 40.65 -20.91
N LEU A 281 -12.62 40.35 -19.88
CA LEU A 281 -11.17 40.46 -20.00
C LEU A 281 -10.61 39.21 -20.67
N GLU A 282 -9.62 39.38 -21.52
CA GLU A 282 -9.08 38.26 -22.29
C GLU A 282 -7.64 38.00 -21.88
N PHE A 283 -7.42 36.85 -21.24
CA PHE A 283 -6.08 36.42 -20.82
C PHE A 283 -5.56 35.47 -21.89
N SER A 284 -4.82 36.02 -22.83
CA SER A 284 -4.40 35.31 -24.04
C SER A 284 -3.27 34.31 -23.76
N ALA A 285 -2.68 34.36 -22.58
CA ALA A 285 -1.68 33.38 -22.17
C ALA A 285 -2.04 32.93 -20.77
N CYS A 286 -2.45 31.68 -20.65
CA CYS A 286 -2.98 31.15 -19.40
C CYS A 286 -2.74 29.65 -19.32
N PRO A 287 -1.52 29.17 -19.50
CA PRO A 287 -1.30 27.72 -19.53
C PRO A 287 -1.79 27.06 -18.24
N PHE A 288 -2.57 26.01 -18.42
CA PHE A 288 -3.13 25.24 -17.33
C PHE A 288 -2.76 23.79 -17.53
N SER A 289 -2.77 23.04 -16.43
CA SER A 289 -2.29 21.68 -16.48
C SER A 289 -3.06 20.87 -15.46
N GLY A 290 -3.09 19.56 -15.67
CA GLY A 290 -3.77 18.67 -14.76
C GLY A 290 -3.01 17.38 -14.75
N TRP A 291 -3.67 16.28 -15.11
CA TRP A 291 -2.99 15.01 -15.31
C TRP A 291 -3.74 14.31 -16.43
N TYR A 292 -3.12 13.28 -16.98
CA TYR A 292 -3.66 12.65 -18.17
C TYR A 292 -4.78 11.67 -17.86
N MET A 293 -5.72 11.59 -18.79
CA MET A 293 -6.51 10.39 -18.96
C MET A 293 -5.75 9.49 -19.93
N GLY A 294 -5.65 8.21 -19.60
CA GLY A 294 -4.75 7.35 -20.34
C GLY A 294 -5.00 7.34 -21.84
N THR A 295 -6.27 7.45 -22.24
CA THR A 295 -6.62 7.33 -23.65
C THR A 295 -6.09 8.51 -24.46
N GLU A 296 -5.91 9.66 -23.82
CA GLU A 296 -5.31 10.78 -24.53
C GLU A 296 -3.98 10.38 -25.14
N ILE A 297 -3.18 9.61 -24.38
CA ILE A 297 -1.88 9.15 -24.86
C ILE A 297 -2.05 7.90 -25.71
N GLY A 298 -2.68 6.87 -25.12
CA GLY A 298 -2.68 5.55 -25.74
C GLY A 298 -3.53 5.44 -26.99
N VAL A 299 -4.61 6.22 -27.07
CA VAL A 299 -5.48 6.21 -28.23
C VAL A 299 -5.14 7.33 -29.21
N ARG A 300 -5.13 8.57 -28.73
CA ARG A 300 -4.99 9.69 -29.66
C ARG A 300 -3.53 9.96 -30.01
N ASP A 301 -2.69 10.18 -28.99
CA ASP A 301 -1.29 10.52 -29.23
C ASP A 301 -0.56 9.39 -29.94
N TYR A 302 -0.82 8.14 -29.56
CA TYR A 302 -0.08 7.02 -30.13
C TYR A 302 -0.72 6.40 -31.36
N CYS A 303 -2.05 6.47 -31.48
CA CYS A 303 -2.75 5.67 -32.47
C CYS A 303 -3.53 6.45 -33.53
N ASP A 304 -3.73 7.76 -33.36
CA ASP A 304 -4.22 8.54 -34.50
C ASP A 304 -3.32 8.31 -35.70
N ASN A 305 -3.92 8.16 -36.88
CA ASN A 305 -3.11 8.03 -38.09
C ASN A 305 -2.20 9.22 -38.31
N SER A 306 -2.64 10.42 -37.90
CA SER A 306 -1.89 11.68 -38.02
C SER A 306 -0.87 11.90 -36.90
N ARG A 307 -0.79 10.99 -35.93
CA ARG A 307 0.06 11.17 -34.76
C ARG A 307 1.18 10.14 -34.80
N TYR A 308 1.52 9.49 -33.68
CA TYR A 308 2.65 8.57 -33.73
C TYR A 308 2.31 7.33 -34.53
N ASN A 309 1.03 6.95 -34.57
CA ASN A 309 0.51 5.98 -35.54
C ASN A 309 1.20 4.61 -35.40
N ILE A 310 1.11 4.06 -34.18
CA ILE A 310 1.86 2.86 -33.84
C ILE A 310 1.02 1.59 -33.88
N LEU A 311 -0.26 1.66 -34.27
CA LEU A 311 -1.08 0.46 -34.28
C LEU A 311 -0.41 -0.64 -35.08
N GLU A 312 0.03 -0.34 -36.30
CA GLU A 312 0.62 -1.36 -37.16
C GLU A 312 1.84 -1.99 -36.50
N GLU A 313 2.70 -1.18 -35.89
CA GLU A 313 3.88 -1.71 -35.22
C GLU A 313 3.51 -2.65 -34.07
N VAL A 314 2.56 -2.23 -33.24
CA VAL A 314 2.17 -3.03 -32.08
C VAL A 314 1.49 -4.30 -32.52
N ALA A 315 0.62 -4.21 -33.54
CA ALA A 315 -0.09 -5.38 -34.02
C ALA A 315 0.86 -6.37 -34.68
N LYS A 316 1.88 -5.86 -35.38
CA LYS A 316 2.92 -6.73 -35.92
C LYS A 316 3.59 -7.52 -34.81
N LYS A 317 4.06 -6.82 -33.78
CA LYS A 317 4.67 -7.50 -32.65
C LYS A 317 3.70 -8.46 -31.99
N MET A 318 2.41 -8.12 -31.97
CA MET A 318 1.41 -9.00 -31.37
C MET A 318 1.07 -10.19 -32.25
N ASN A 319 1.61 -10.24 -33.47
CA ASN A 319 1.36 -11.34 -34.40
C ASN A 319 -0.09 -11.37 -34.88
N LEU A 320 -0.75 -10.22 -34.94
CA LEU A 320 -2.15 -10.18 -35.30
C LEU A 320 -2.34 -10.37 -36.80
N ASP A 321 -3.47 -10.97 -37.18
CA ASP A 321 -3.85 -11.04 -38.59
C ASP A 321 -4.28 -9.66 -39.04
N MET A 322 -3.43 -8.99 -39.81
CA MET A 322 -3.70 -7.64 -40.26
C MET A 322 -4.17 -7.58 -41.70
N ARG A 323 -4.52 -8.72 -42.29
CA ARG A 323 -4.92 -8.75 -43.69
C ARG A 323 -6.32 -8.18 -43.90
N LYS A 324 -7.21 -8.30 -42.91
CA LYS A 324 -8.56 -7.76 -43.03
C LYS A 324 -8.96 -7.01 -41.78
N THR A 325 -9.80 -5.98 -41.95
CA THR A 325 -10.16 -5.13 -40.82
C THR A 325 -10.97 -5.90 -39.79
N SER A 326 -11.77 -6.87 -40.24
CA SER A 326 -12.70 -7.57 -39.37
C SER A 326 -12.00 -8.49 -38.37
N SER A 327 -10.70 -8.73 -38.51
CA SER A 327 -9.99 -9.37 -37.41
C SER A 327 -9.92 -8.45 -36.20
N LEU A 328 -10.25 -7.17 -36.37
CA LEU A 328 -10.20 -6.16 -35.30
C LEU A 328 -8.80 -6.06 -34.71
N TRP A 329 -7.78 -6.27 -35.54
CA TRP A 329 -6.41 -6.14 -35.05
C TRP A 329 -6.12 -4.74 -34.52
N LYS A 330 -6.65 -3.70 -35.16
CA LYS A 330 -6.44 -2.35 -34.65
C LYS A 330 -7.02 -2.21 -33.25
N ASP A 331 -8.26 -2.68 -33.07
CA ASP A 331 -8.91 -2.61 -31.77
C ASP A 331 -8.12 -3.40 -30.74
N GLN A 332 -7.56 -4.55 -31.13
CA GLN A 332 -6.84 -5.39 -30.18
C GLN A 332 -5.53 -4.74 -29.74
N ALA A 333 -4.81 -4.12 -30.69
CA ALA A 333 -3.56 -3.45 -30.33
C ALA A 333 -3.81 -2.14 -29.61
N LEU A 334 -4.89 -1.43 -29.98
CA LEU A 334 -5.26 -0.22 -29.26
C LEU A 334 -5.41 -0.47 -27.76
N VAL A 335 -6.09 -1.56 -27.39
CA VAL A 335 -6.30 -1.84 -25.98
C VAL A 335 -4.98 -2.10 -25.28
N GLU A 336 -4.15 -2.98 -25.85
CA GLU A 336 -2.87 -3.29 -25.24
C GLU A 336 -2.01 -2.05 -25.06
N ILE A 337 -1.98 -1.17 -26.07
CA ILE A 337 -1.24 0.08 -25.94
C ILE A 337 -1.74 0.87 -24.74
N ASN A 338 -3.07 0.91 -24.57
CA ASN A 338 -3.62 1.72 -23.50
C ASN A 338 -3.40 1.07 -22.15
N ILE A 339 -3.34 -0.26 -22.08
CA ILE A 339 -2.94 -0.93 -20.85
C ILE A 339 -1.53 -0.53 -20.50
N ALA A 340 -0.66 -0.48 -21.51
CA ALA A 340 0.74 -0.19 -21.27
C ALA A 340 0.91 1.23 -20.72
N VAL A 341 0.20 2.19 -21.29
CA VAL A 341 0.26 3.56 -20.80
C VAL A 341 -0.14 3.62 -19.34
N LEU A 342 -1.26 2.98 -18.99
CA LEU A 342 -1.71 3.02 -17.59
C LEU A 342 -0.72 2.32 -16.68
N TYR A 343 -0.32 1.09 -17.03
CA TYR A 343 0.63 0.35 -16.22
C TYR A 343 1.91 1.14 -16.02
N SER A 344 2.34 1.86 -17.05
CA SER A 344 3.61 2.56 -17.00
C SER A 344 3.55 3.74 -16.07
N PHE A 345 2.52 4.59 -16.21
CA PHE A 345 2.39 5.72 -15.30
C PHE A 345 2.19 5.24 -13.87
N GLN A 346 1.34 4.22 -13.67
CA GLN A 346 1.10 3.74 -12.31
C GLN A 346 2.37 3.16 -11.71
N SER A 347 3.11 2.36 -12.50
CA SER A 347 4.37 1.81 -12.02
C SER A 347 5.32 2.93 -11.61
N ASP A 348 5.42 3.97 -12.44
CA ASP A 348 6.29 5.10 -12.09
C ASP A 348 5.64 6.09 -11.14
N LYS A 349 4.47 5.77 -10.60
CA LYS A 349 3.79 6.62 -9.62
C LYS A 349 3.61 8.06 -10.14
N VAL A 350 3.26 8.14 -11.41
CA VAL A 350 2.87 9.39 -12.04
C VAL A 350 1.36 9.38 -12.19
N THR A 351 0.71 10.42 -11.67
CA THR A 351 -0.74 10.50 -11.68
C THR A 351 -1.30 10.27 -13.08
N ILE A 352 -2.27 9.39 -13.17
CA ILE A 352 -2.99 9.16 -14.41
C ILE A 352 -4.36 8.64 -14.02
N VAL A 353 -5.32 8.76 -14.95
CA VAL A 353 -6.65 8.24 -14.71
C VAL A 353 -7.09 7.51 -15.97
N ASP A 354 -7.68 6.33 -15.80
CA ASP A 354 -8.14 5.58 -16.94
C ASP A 354 -9.52 6.07 -17.34
N HIS A 355 -9.93 5.76 -18.56
CA HIS A 355 -11.16 6.35 -19.06
C HIS A 355 -12.37 5.86 -18.27
N HIS A 356 -12.30 4.68 -17.67
CA HIS A 356 -13.42 4.20 -16.88
C HIS A 356 -13.56 5.00 -15.58
N SER A 357 -12.46 5.19 -14.86
CA SER A 357 -12.55 5.97 -13.63
CA SER A 357 -12.55 5.97 -13.63
C SER A 357 -12.95 7.41 -13.92
N ALA A 358 -12.32 8.02 -14.94
CA ALA A 358 -12.62 9.42 -15.26
C ALA A 358 -14.09 9.61 -15.59
N THR A 359 -14.65 8.72 -16.42
CA THR A 359 -16.04 8.94 -16.83
C THR A 359 -17.01 8.68 -15.70
N GLU A 360 -16.76 7.65 -14.89
CA GLU A 360 -17.57 7.47 -13.70
C GLU A 360 -17.48 8.69 -12.79
N SER A 361 -16.29 9.23 -12.61
CA SER A 361 -16.18 10.42 -11.78
C SER A 361 -16.96 11.57 -12.39
N PHE A 362 -16.93 11.69 -13.73
CA PHE A 362 -17.60 12.82 -14.35
C PHE A 362 -19.11 12.74 -14.17
N ILE A 363 -19.67 11.52 -14.21
CA ILE A 363 -21.10 11.34 -13.95
C ILE A 363 -21.43 11.80 -12.53
N LYS A 364 -20.62 11.38 -11.55
CA LYS A 364 -20.81 11.86 -10.20
C LYS A 364 -20.69 13.38 -10.15
N HIS A 365 -19.69 13.93 -10.82
CA HIS A 365 -19.56 15.39 -10.89
C HIS A 365 -20.79 16.01 -11.53
N MET A 366 -21.18 15.52 -12.69
CA MET A 366 -22.38 16.04 -13.35
C MET A 366 -23.58 16.02 -12.42
N GLU A 367 -23.82 14.88 -11.77
CA GLU A 367 -24.98 14.79 -10.89
C GLU A 367 -24.89 15.79 -9.75
N ASN A 368 -23.69 16.01 -9.22
CA ASN A 368 -23.53 16.99 -8.14
C ASN A 368 -23.76 18.40 -8.66
N GLU A 369 -23.21 18.72 -9.84
CA GLU A 369 -23.43 20.04 -10.44
C GLU A 369 -24.91 20.31 -10.68
N TYR A 370 -25.67 19.32 -11.14
CA TYR A 370 -27.11 19.53 -11.27
C TYR A 370 -27.72 19.83 -9.91
N ARG A 371 -27.35 19.06 -8.88
CA ARG A 371 -27.91 19.25 -7.54
C ARG A 371 -27.66 20.66 -7.02
N CYS A 372 -26.41 21.11 -7.04
CA CYS A 372 -26.04 22.36 -6.37
CA CYS A 372 -26.07 22.36 -6.37
C CYS A 372 -26.04 23.57 -7.29
N ARG A 373 -25.94 23.37 -8.60
CA ARG A 373 -25.78 24.47 -9.54
C ARG A 373 -26.92 24.59 -10.54
N GLY A 374 -27.75 23.57 -10.68
CA GLY A 374 -28.79 23.63 -11.69
C GLY A 374 -28.37 23.16 -13.07
N GLY A 375 -27.18 22.58 -13.20
CA GLY A 375 -26.77 22.03 -14.46
C GLY A 375 -25.27 21.90 -14.54
N CYS A 376 -24.86 21.33 -15.65
CA CYS A 376 -23.44 21.13 -15.95
C CYS A 376 -23.32 21.02 -17.46
N PRO A 377 -22.89 22.07 -18.14
CA PRO A 377 -22.74 22.00 -19.60
C PRO A 377 -21.71 20.94 -19.95
N ALA A 378 -22.07 20.11 -20.94
CA ALA A 378 -21.22 18.97 -21.25
C ALA A 378 -21.34 18.64 -22.73
N ASP A 379 -20.19 18.39 -23.33
CA ASP A 379 -20.09 18.16 -24.76
C ASP A 379 -19.85 16.67 -24.95
N TRP A 380 -20.95 15.94 -25.17
CA TRP A 380 -20.91 14.48 -25.28
C TRP A 380 -19.83 14.03 -26.26
N VAL A 381 -19.71 14.74 -27.38
CA VAL A 381 -18.80 14.37 -28.46
C VAL A 381 -17.37 14.29 -27.96
N TRP A 382 -17.02 15.12 -26.97
CA TRP A 382 -15.69 15.15 -26.34
C TRP A 382 -15.61 14.38 -25.04
N ILE A 383 -16.69 14.36 -24.25
CA ILE A 383 -16.67 13.66 -22.97
C ILE A 383 -16.52 12.15 -23.16
N VAL A 384 -17.22 11.59 -24.16
CA VAL A 384 -17.09 10.14 -24.37
C VAL A 384 -15.66 9.83 -24.80
N PRO A 385 -14.98 8.90 -24.15
CA PRO A 385 -13.57 8.59 -24.49
C PRO A 385 -13.43 8.09 -25.92
N PRO A 386 -12.24 8.21 -26.51
CA PRO A 386 -12.06 7.80 -27.92
C PRO A 386 -11.98 6.31 -28.16
N MET A 387 -12.13 5.48 -27.13
CA MET A 387 -12.21 4.03 -27.32
C MET A 387 -13.24 3.51 -26.33
N SER A 388 -13.81 2.34 -26.63
CA SER A 388 -14.70 1.65 -25.70
C SER A 388 -15.82 2.58 -25.23
N GLY A 389 -16.31 3.43 -26.12
CA GLY A 389 -17.27 4.45 -25.76
C GLY A 389 -18.42 3.97 -24.90
N SER A 390 -19.15 2.95 -25.36
CA SER A 390 -20.38 2.61 -24.68
C SER A 390 -20.17 1.70 -23.46
N ILE A 391 -18.96 1.26 -23.17
CA ILE A 391 -18.81 0.51 -21.93
C ILE A 391 -18.45 1.50 -20.82
N THR A 392 -18.48 2.81 -21.16
CA THR A 392 -18.28 3.82 -20.12
C THR A 392 -19.61 4.49 -19.80
N PRO A 393 -19.81 4.96 -18.58
CA PRO A 393 -21.14 5.45 -18.18
C PRO A 393 -21.58 6.72 -18.91
N VAL A 394 -20.67 7.55 -19.39
CA VAL A 394 -21.06 8.82 -20.01
C VAL A 394 -21.72 8.61 -21.36
N PHE A 395 -21.48 7.47 -22.00
CA PHE A 395 -22.04 7.22 -23.32
C PHE A 395 -23.56 7.24 -23.29
N HIS A 396 -24.14 6.73 -22.21
CA HIS A 396 -25.57 6.61 -22.02
C HIS A 396 -26.17 7.81 -21.32
N GLN A 397 -25.35 8.83 -21.06
CA GLN A 397 -25.77 10.01 -20.34
C GLN A 397 -26.12 11.11 -21.34
N GLU A 398 -27.39 11.46 -21.42
CA GLU A 398 -27.74 12.70 -22.09
C GLU A 398 -27.05 13.87 -21.40
N MET A 399 -26.56 14.81 -22.21
CA MET A 399 -25.86 15.99 -21.74
C MET A 399 -26.35 17.17 -22.57
N LEU A 400 -26.49 18.32 -21.93
CA LEU A 400 -26.77 19.57 -22.61
C LEU A 400 -25.50 20.39 -22.69
N ASN A 401 -25.24 20.95 -23.87
CA ASN A 401 -24.06 21.75 -24.11
C ASN A 401 -24.46 23.21 -24.22
N TYR A 402 -23.81 24.08 -23.44
CA TYR A 402 -24.07 25.49 -23.53
C TYR A 402 -22.85 26.22 -22.98
N ARG A 403 -22.73 27.47 -23.33
CA ARG A 403 -21.49 28.21 -23.08
C ARG A 403 -21.74 29.20 -21.95
N LEU A 404 -21.09 28.95 -20.82
CA LEU A 404 -21.07 29.88 -19.70
C LEU A 404 -19.74 30.61 -19.67
N THR A 405 -19.77 31.81 -19.18
CA THR A 405 -18.57 32.57 -18.88
CA THR A 405 -18.62 32.66 -18.87
C THR A 405 -18.40 32.71 -17.36
N PRO A 406 -17.14 32.75 -16.86
CA PRO A 406 -15.83 32.67 -17.52
C PRO A 406 -15.65 31.40 -18.32
N SER A 407 -14.82 31.46 -19.34
CA SER A 407 -14.66 30.31 -20.21
C SER A 407 -13.24 30.25 -20.72
N PHE A 408 -12.85 29.06 -21.17
CA PHE A 408 -11.66 28.92 -21.99
C PHE A 408 -12.10 28.89 -23.44
N GLU A 409 -11.43 29.68 -24.26
CA GLU A 409 -11.76 29.85 -25.65
C GLU A 409 -10.52 29.53 -26.47
N TYR A 410 -10.76 29.03 -27.67
CA TYR A 410 -9.71 28.92 -28.66
C TYR A 410 -9.39 30.28 -29.26
N GLN A 411 -8.20 30.38 -29.80
CA GLN A 411 -7.74 31.61 -30.40
C GLN A 411 -6.83 31.24 -31.55
N PRO A 412 -6.71 32.10 -32.55
CA PRO A 412 -5.85 31.77 -33.68
C PRO A 412 -4.41 31.51 -33.21
N ASP A 413 -3.75 30.60 -33.92
CA ASP A 413 -2.35 30.36 -33.69
C ASP A 413 -1.57 31.65 -33.87
N PRO A 414 -0.62 31.95 -32.98
CA PRO A 414 0.00 33.28 -32.99
C PRO A 414 0.74 33.59 -34.26
N TRP A 415 1.37 32.57 -34.87
CA TRP A 415 2.16 32.82 -36.06
C TRP A 415 1.31 33.17 -37.27
N ASN A 416 -0.01 33.03 -37.20
CA ASN A 416 -0.86 33.50 -38.29
C ASN A 416 -1.13 34.98 -38.19
N THR A 417 -1.14 35.54 -36.99
CA THR A 417 -1.53 36.92 -36.79
C THR A 417 -0.42 37.82 -36.26
N HIS A 418 0.73 37.27 -35.89
CA HIS A 418 1.76 38.09 -35.27
C HIS A 418 2.40 39.02 -36.29
N VAL A 419 2.50 40.30 -35.92
CA VAL A 419 3.21 41.29 -36.71
C VAL A 419 4.65 41.29 -36.22
N TRP A 420 5.54 40.68 -37.00
CA TRP A 420 6.94 40.55 -36.60
C TRP A 420 7.65 41.90 -36.58
N LYS A 421 8.43 42.12 -35.53
CA LYS A 421 9.26 43.32 -35.38
C LYS A 421 10.64 43.14 -36.02
N ARG B 3 -25.49 30.18 -43.27
CA ARG B 3 -26.08 30.35 -44.60
C ARG B 3 -25.65 29.23 -45.56
N PHE B 4 -24.35 28.89 -45.57
CA PHE B 4 -23.84 27.75 -46.33
C PHE B 4 -22.64 27.21 -45.56
N LEU B 5 -22.78 26.01 -45.00
CA LEU B 5 -21.91 25.53 -43.92
C LEU B 5 -20.91 24.48 -44.41
N LYS B 6 -19.68 24.56 -43.89
CA LYS B 6 -18.62 23.63 -44.21
C LYS B 6 -18.40 22.64 -43.08
N VAL B 7 -18.10 21.40 -43.43
CA VAL B 7 -17.65 20.39 -42.48
C VAL B 7 -16.26 19.94 -42.91
N LYS B 8 -15.38 19.79 -41.93
CA LYS B 8 -14.01 19.38 -42.18
C LYS B 8 -13.81 18.00 -41.59
N ASN B 9 -13.06 17.16 -42.30
CA ASN B 9 -12.52 15.93 -41.72
C ASN B 9 -11.10 16.24 -41.26
N TRP B 10 -10.82 16.03 -39.96
CA TRP B 10 -9.55 16.47 -39.38
C TRP B 10 -8.40 15.48 -39.62
N GLU B 11 -8.69 14.29 -40.15
CA GLU B 11 -7.65 13.40 -40.65
C GLU B 11 -7.21 13.79 -42.05
N THR B 12 -8.17 14.04 -42.94
CA THR B 12 -7.85 14.22 -44.35
C THR B 12 -7.79 15.68 -44.77
N GLU B 13 -8.32 16.58 -43.95
CA GLU B 13 -8.56 17.99 -44.29
C GLU B 13 -9.52 18.15 -45.47
N VAL B 14 -10.27 17.10 -45.83
CA VAL B 14 -11.34 17.28 -46.80
C VAL B 14 -12.42 18.16 -46.18
N VAL B 15 -12.77 19.24 -46.88
CA VAL B 15 -13.85 20.13 -46.48
C VAL B 15 -15.02 19.94 -47.43
N LEU B 16 -16.21 19.76 -46.88
CA LEU B 16 -17.45 19.62 -47.65
C LEU B 16 -18.34 20.81 -47.34
N THR B 17 -19.11 21.25 -48.33
CA THR B 17 -19.89 22.47 -48.21
C THR B 17 -21.36 22.12 -48.36
N ASP B 18 -22.14 22.46 -47.35
CA ASP B 18 -23.49 21.97 -47.19
C ASP B 18 -24.48 23.07 -47.53
N THR B 19 -25.30 22.82 -48.55
CA THR B 19 -26.47 23.64 -48.84
C THR B 19 -27.77 22.89 -48.60
N LEU B 20 -27.72 21.56 -48.53
CA LEU B 20 -28.93 20.77 -48.37
C LEU B 20 -29.69 21.12 -47.10
N HIS B 21 -28.96 21.58 -46.06
CA HIS B 21 -29.61 21.93 -44.79
C HIS B 21 -30.63 23.05 -44.96
N LEU B 22 -30.53 23.82 -46.05
CA LEU B 22 -31.52 24.88 -46.28
C LEU B 22 -32.90 24.32 -46.56
N LYS B 23 -33.00 23.04 -46.89
CA LYS B 23 -34.28 22.40 -47.12
C LYS B 23 -34.83 21.73 -45.87
N SER B 24 -34.22 21.97 -44.71
CA SER B 24 -34.64 21.27 -43.51
C SER B 24 -35.89 21.91 -42.94
N THR B 25 -36.82 21.08 -42.49
CA THR B 25 -38.13 21.56 -42.09
C THR B 25 -38.29 21.68 -40.58
N LEU B 26 -37.90 20.67 -39.83
CA LEU B 26 -38.25 20.57 -38.42
C LEU B 26 -37.09 20.97 -37.51
N GLU B 27 -37.43 21.37 -36.29
CA GLU B 27 -36.42 21.82 -35.34
C GLU B 27 -35.58 20.63 -34.87
N THR B 28 -34.27 20.88 -34.74
CA THR B 28 -33.38 19.87 -34.18
C THR B 28 -33.54 19.75 -32.67
N GLY B 29 -34.03 20.80 -32.01
CA GLY B 29 -33.98 20.93 -30.58
C GLY B 29 -32.93 21.92 -30.11
N CYS B 30 -31.87 22.09 -30.87
CA CYS B 30 -30.83 23.04 -30.50
C CYS B 30 -31.33 24.47 -30.70
N THR B 31 -30.60 25.39 -30.10
CA THR B 31 -30.73 26.82 -30.37
C THR B 31 -29.33 27.38 -30.48
N GLU B 32 -29.25 28.68 -30.79
CA GLU B 32 -27.97 29.36 -30.73
C GLU B 32 -27.33 29.26 -29.36
N TYR B 33 -28.11 28.97 -28.31
CA TYR B 33 -27.60 29.00 -26.94
C TYR B 33 -27.57 27.64 -26.23
N ILE B 34 -28.24 26.61 -26.77
CA ILE B 34 -28.19 25.28 -26.18
C ILE B 34 -28.02 24.29 -27.31
N CYS B 35 -27.24 23.24 -27.10
CA CYS B 35 -27.12 22.17 -28.07
C CYS B 35 -27.67 20.90 -27.47
N MET B 36 -28.60 20.26 -28.19
CA MET B 36 -29.24 19.05 -27.75
C MET B 36 -28.72 17.83 -28.50
N GLY B 37 -27.54 17.94 -29.11
CA GLY B 37 -26.97 16.87 -29.91
C GLY B 37 -26.91 15.49 -29.30
N SER B 38 -26.83 15.39 -27.96
CA SER B 38 -26.83 14.08 -27.31
C SER B 38 -28.11 13.79 -26.56
N ILE B 39 -29.18 14.55 -26.82
CA ILE B 39 -30.49 14.19 -26.30
C ILE B 39 -31.13 13.16 -27.24
N MET B 40 -31.63 12.06 -26.68
CA MET B 40 -32.17 10.98 -27.51
C MET B 40 -33.35 11.45 -28.38
N HIS B 41 -34.28 12.21 -27.79
CA HIS B 41 -35.46 12.74 -28.49
C HIS B 41 -35.52 14.23 -28.20
N PRO B 42 -34.74 15.04 -28.91
CA PRO B 42 -34.63 16.45 -28.53
C PRO B 42 -35.85 17.28 -28.88
N SER B 43 -36.72 16.82 -29.77
CA SER B 43 -37.74 17.70 -30.32
C SER B 43 -39.07 16.97 -30.46
N GLN B 44 -40.16 17.68 -30.16
CA GLN B 44 -41.48 17.18 -30.50
C GLN B 44 -42.09 17.92 -31.68
N HIS B 45 -41.29 18.76 -32.37
CA HIS B 45 -41.74 19.46 -33.57
C HIS B 45 -42.16 18.45 -34.63
N ALA B 46 -43.45 18.40 -34.91
CA ALA B 46 -44.00 17.52 -35.92
C ALA B 46 -44.58 18.34 -37.06
N ARG B 47 -44.67 17.72 -38.23
CA ARG B 47 -45.14 18.44 -39.40
C ARG B 47 -46.66 18.58 -39.43
N ARG B 48 -47.40 17.72 -38.72
CA ARG B 48 -48.85 17.78 -38.64
C ARG B 48 -49.30 17.54 -37.21
N PRO B 49 -50.45 18.11 -36.81
CA PRO B 49 -50.85 18.05 -35.39
C PRO B 49 -51.30 16.69 -34.90
N GLU B 50 -52.00 16.69 -33.76
CA GLU B 50 -52.35 15.50 -32.99
C GLU B 50 -53.06 14.43 -33.82
N ASP B 51 -54.35 14.64 -34.09
CA ASP B 51 -55.14 13.68 -34.83
C ASP B 51 -55.36 14.17 -36.27
N VAL B 52 -56.44 13.68 -36.90
CA VAL B 52 -56.61 13.90 -38.33
C VAL B 52 -56.61 15.39 -38.63
N ALA B 53 -55.64 15.81 -39.43
CA ALA B 53 -55.48 17.23 -39.75
C ALA B 53 -56.64 17.73 -40.58
N THR B 54 -56.88 19.04 -40.49
CA THR B 54 -57.76 19.70 -41.44
C THR B 54 -57.07 19.77 -42.80
N LYS B 55 -57.77 20.33 -43.78
CA LYS B 55 -57.18 20.41 -45.11
C LYS B 55 -55.95 21.31 -45.13
N ASP B 56 -56.06 22.52 -44.54
CA ASP B 56 -54.94 23.45 -44.58
C ASP B 56 -53.74 22.95 -43.78
N GLN B 57 -53.89 21.87 -43.02
CA GLN B 57 -52.76 21.28 -42.33
C GLN B 57 -52.13 20.16 -43.16
N LEU B 58 -52.96 19.34 -43.82
CA LEU B 58 -52.42 18.19 -44.53
C LEU B 58 -52.01 18.53 -45.96
N PHE B 59 -52.79 19.33 -46.68
CA PHE B 59 -52.44 19.60 -48.09
C PHE B 59 -51.06 20.20 -48.26
N PRO B 60 -50.65 21.24 -47.49
CA PRO B 60 -49.31 21.82 -47.73
C PRO B 60 -48.18 20.81 -47.59
N LEU B 61 -48.30 19.89 -46.63
CA LEU B 61 -47.33 18.80 -46.51
C LEU B 61 -47.38 17.90 -47.74
N ALA B 62 -48.59 17.49 -48.14
CA ALA B 62 -48.76 16.67 -49.33
C ALA B 62 -48.16 17.34 -50.55
N LYS B 63 -48.54 18.61 -50.78
CA LYS B 63 -48.02 19.34 -51.92
C LYS B 63 -46.50 19.36 -51.90
N GLU B 64 -45.91 19.57 -50.73
CA GLU B 64 -44.45 19.67 -50.67
C GLU B 64 -43.80 18.35 -51.06
N PHE B 65 -44.37 17.23 -50.62
CA PHE B 65 -43.78 15.94 -50.98
C PHE B 65 -44.04 15.62 -52.45
N ILE B 66 -45.25 15.88 -52.93
CA ILE B 66 -45.51 15.63 -54.35
C ILE B 66 -44.61 16.50 -55.21
N ASP B 67 -44.44 17.77 -54.84
CA ASP B 67 -43.50 18.66 -55.53
C ASP B 67 -42.10 18.06 -55.53
N GLN B 68 -41.65 17.56 -54.37
CA GLN B 68 -40.31 16.99 -54.27
C GLN B 68 -40.19 15.74 -55.13
N TYR B 69 -41.20 14.87 -55.10
CA TYR B 69 -41.14 13.66 -55.92
C TYR B 69 -41.09 13.99 -57.40
N TYR B 70 -41.95 14.92 -57.85
CA TYR B 70 -41.93 15.23 -59.27
C TYR B 70 -40.71 16.05 -59.63
N SER B 71 -40.19 16.83 -58.68
CA SER B 71 -38.87 17.44 -58.90
C SER B 71 -37.80 16.37 -59.07
N SER B 72 -37.85 15.33 -58.24
CA SER B 72 -36.83 14.28 -58.28
C SER B 72 -36.76 13.61 -59.65
N ILE B 73 -37.89 13.47 -60.35
CA ILE B 73 -37.89 12.82 -61.65
C ILE B 73 -37.90 13.83 -62.80
N LYS B 74 -37.49 15.07 -62.54
CA LYS B 74 -37.32 16.10 -63.58
C LYS B 74 -38.64 16.33 -64.33
N ARG B 75 -39.75 16.18 -63.64
CA ARG B 75 -40.96 16.86 -64.07
C ARG B 75 -41.04 18.18 -63.36
N PHE B 76 -42.01 18.28 -62.45
CA PHE B 76 -42.40 19.51 -61.77
C PHE B 76 -43.15 20.42 -62.73
N GLY B 77 -44.41 20.67 -62.41
CA GLY B 77 -45.29 21.38 -63.30
C GLY B 77 -45.71 20.57 -64.50
N SER B 78 -45.21 19.34 -64.64
CA SER B 78 -45.65 18.47 -65.72
C SER B 78 -47.13 18.22 -65.61
N LYS B 79 -47.71 17.74 -66.71
CA LYS B 79 -49.09 17.25 -66.70
C LYS B 79 -49.35 16.40 -65.45
N ALA B 80 -48.62 15.28 -65.30
CA ALA B 80 -48.89 14.33 -64.22
C ALA B 80 -48.73 14.96 -62.85
N HIS B 81 -47.79 15.89 -62.69
CA HIS B 81 -47.61 16.54 -61.41
C HIS B 81 -48.85 17.36 -61.04
N MET B 82 -49.34 18.17 -61.98
CA MET B 82 -50.47 19.04 -61.70
C MET B 82 -51.74 18.23 -61.45
N GLU B 83 -51.92 17.14 -62.19
CA GLU B 83 -53.07 16.27 -61.95
C GLU B 83 -52.97 15.59 -60.61
N ARG B 84 -51.77 15.15 -60.24
CA ARG B 84 -51.56 14.56 -58.92
C ARG B 84 -51.95 15.54 -57.82
N LEU B 85 -51.62 16.82 -57.97
CA LEU B 85 -51.98 17.79 -56.95
C LEU B 85 -53.49 17.90 -56.83
N GLU B 86 -54.19 17.94 -57.97
CA GLU B 86 -55.65 17.97 -57.95
C GLU B 86 -56.23 16.67 -57.42
N GLU B 87 -55.57 15.54 -57.71
CA GLU B 87 -56.03 14.26 -57.18
C GLU B 87 -55.85 14.21 -55.67
N VAL B 88 -54.68 14.65 -55.20
CA VAL B 88 -54.46 14.74 -53.76
C VAL B 88 -55.45 15.71 -53.13
N ASN B 89 -55.68 16.85 -53.80
CA ASN B 89 -56.61 17.84 -53.27
C ASN B 89 -58.00 17.26 -53.12
N LYS B 90 -58.48 16.58 -54.17
CA LYS B 90 -59.81 15.98 -54.12
C LYS B 90 -59.87 14.90 -53.05
N GLU B 91 -58.82 14.09 -52.95
CA GLU B 91 -58.82 12.97 -52.01
C GLU B 91 -58.90 13.46 -50.57
N ILE B 92 -58.17 14.54 -50.25
CA ILE B 92 -58.22 15.10 -48.91
C ILE B 92 -59.59 15.70 -48.65
N ASP B 93 -60.17 16.35 -49.66
CA ASP B 93 -61.53 16.90 -49.55
C ASP B 93 -62.55 15.82 -49.22
N THR B 94 -62.32 14.59 -49.66
CA THR B 94 -63.34 13.56 -49.59
C THR B 94 -63.02 12.43 -48.61
N THR B 95 -61.79 12.38 -48.07
CA THR B 95 -61.45 11.40 -47.06
C THR B 95 -60.63 11.96 -45.91
N SER B 96 -60.21 13.23 -45.95
CA SER B 96 -59.35 13.86 -44.96
C SER B 96 -57.93 13.28 -44.96
N THR B 97 -57.57 12.56 -46.03
CA THR B 97 -56.24 11.98 -46.20
C THR B 97 -56.04 11.79 -47.70
N TYR B 98 -55.00 11.05 -48.08
CA TYR B 98 -54.78 10.73 -49.49
C TYR B 98 -53.87 9.52 -49.56
N GLN B 99 -53.79 8.92 -50.75
CA GLN B 99 -53.11 7.64 -50.92
C GLN B 99 -51.89 7.83 -51.81
N LEU B 100 -50.76 7.30 -51.39
CA LEU B 100 -49.55 7.42 -52.20
C LEU B 100 -49.58 6.43 -53.34
N LYS B 101 -49.17 6.89 -54.52
CA LYS B 101 -48.85 5.95 -55.59
C LYS B 101 -47.69 5.06 -55.17
N ASP B 102 -47.59 3.90 -55.83
CA ASP B 102 -46.51 2.96 -55.56
C ASP B 102 -45.14 3.61 -55.73
N THR B 103 -44.98 4.40 -56.81
CA THR B 103 -43.72 5.10 -57.06
C THR B 103 -43.43 6.11 -55.96
N GLU B 104 -44.46 6.81 -55.48
CA GLU B 104 -44.25 7.78 -54.42
C GLU B 104 -43.88 7.09 -53.12
N LEU B 105 -44.56 5.98 -52.82
CA LEU B 105 -44.26 5.21 -51.62
C LEU B 105 -42.81 4.74 -51.64
N ILE B 106 -42.36 4.23 -52.79
CA ILE B 106 -40.99 3.73 -52.90
C ILE B 106 -40.00 4.87 -52.73
N TYR B 107 -40.25 5.98 -53.45
CA TYR B 107 -39.46 7.19 -53.31
C TYR B 107 -39.40 7.65 -51.86
N GLY B 108 -40.57 7.70 -51.20
CA GLY B 108 -40.64 8.16 -49.83
C GLY B 108 -39.87 7.26 -48.87
N ALA B 109 -40.05 5.94 -49.00
CA ALA B 109 -39.35 5.03 -48.10
C ALA B 109 -37.85 5.12 -48.28
N LYS B 110 -37.38 5.17 -49.53
CA LYS B 110 -35.94 5.23 -49.77
C LYS B 110 -35.36 6.53 -49.24
N HIS B 111 -36.13 7.62 -49.32
CA HIS B 111 -35.64 8.92 -48.90
C HIS B 111 -35.72 9.11 -47.39
N ALA B 112 -36.70 8.52 -46.73
CA ALA B 112 -36.65 8.47 -45.26
C ALA B 112 -35.38 7.79 -44.80
N TRP B 113 -35.01 6.68 -45.43
CA TRP B 113 -33.75 6.05 -45.10
C TRP B 113 -32.57 6.95 -45.45
N ARG B 114 -32.60 7.56 -46.64
CA ARG B 114 -31.51 8.44 -47.05
C ARG B 114 -31.34 9.60 -46.06
N ASN B 115 -32.43 10.00 -45.41
CA ASN B 115 -32.45 11.16 -44.53
C ASN B 115 -32.20 10.79 -43.07
N ALA B 116 -32.00 9.51 -42.75
CA ALA B 116 -31.87 9.06 -41.37
C ALA B 116 -30.48 9.42 -40.85
N SER B 117 -30.40 10.56 -40.18
CA SER B 117 -29.10 11.11 -39.80
CA SER B 117 -29.12 11.13 -39.76
C SER B 117 -28.33 10.17 -38.88
N ARG B 118 -29.01 9.28 -38.15
CA ARG B 118 -28.36 8.38 -37.23
C ARG B 118 -27.89 7.07 -37.85
N CYS B 119 -28.13 6.83 -39.14
CA CYS B 119 -27.88 5.54 -39.74
C CYS B 119 -26.56 5.55 -40.50
N VAL B 120 -25.63 4.69 -40.08
CA VAL B 120 -24.33 4.63 -40.74
C VAL B 120 -24.39 3.77 -41.99
N GLY B 121 -25.48 3.05 -42.18
CA GLY B 121 -25.61 2.18 -43.32
C GLY B 121 -26.15 2.80 -44.59
N ARG B 122 -26.34 4.13 -44.63
CA ARG B 122 -27.11 4.75 -45.71
C ARG B 122 -26.46 4.70 -47.07
N ILE B 123 -25.25 4.16 -47.23
CA ILE B 123 -24.70 4.14 -48.58
C ILE B 123 -25.53 3.23 -49.47
N GLN B 124 -26.30 2.34 -48.87
CA GLN B 124 -27.19 1.41 -49.54
C GLN B 124 -28.58 1.97 -49.81
N TRP B 125 -28.83 3.24 -49.45
CA TRP B 125 -30.21 3.74 -49.29
C TRP B 125 -31.10 3.46 -50.51
N SER B 126 -30.56 3.56 -51.72
CA SER B 126 -31.40 3.43 -52.90
C SER B 126 -31.61 1.97 -53.31
N LYS B 127 -30.99 1.04 -52.60
CA LYS B 127 -31.12 -0.39 -52.81
C LYS B 127 -31.94 -0.91 -51.64
N LEU B 128 -33.24 -0.66 -51.71
CA LEU B 128 -34.18 -0.98 -50.64
C LEU B 128 -35.38 -1.65 -51.30
N GLN B 129 -35.74 -2.82 -50.80
CA GLN B 129 -36.91 -3.51 -51.29
C GLN B 129 -38.10 -3.01 -50.48
N VAL B 130 -39.09 -2.46 -51.16
CA VAL B 130 -40.27 -1.89 -50.51
C VAL B 130 -41.44 -2.84 -50.76
N PHE B 131 -41.99 -3.40 -49.69
CA PHE B 131 -43.16 -4.25 -49.77
C PHE B 131 -44.37 -3.44 -49.35
N ASP B 132 -45.28 -3.21 -50.31
CA ASP B 132 -46.48 -2.43 -50.07
C ASP B 132 -47.51 -3.33 -49.41
N ALA B 133 -47.85 -3.03 -48.17
CA ALA B 133 -48.79 -3.84 -47.42
C ALA B 133 -49.98 -3.00 -47.00
N ARG B 134 -50.30 -1.97 -47.78
CA ARG B 134 -51.37 -1.07 -47.42
C ARG B 134 -52.75 -1.68 -47.64
N ASP B 135 -52.83 -2.86 -48.23
CA ASP B 135 -54.11 -3.55 -48.34
C ASP B 135 -54.40 -4.41 -47.11
N CYS B 136 -53.48 -4.42 -46.16
CA CYS B 136 -53.61 -5.30 -45.00
C CYS B 136 -54.75 -4.84 -44.09
N THR B 137 -55.51 -5.79 -43.57
CA THR B 137 -56.66 -5.47 -42.73
C THR B 137 -56.65 -6.13 -41.36
N THR B 138 -55.88 -7.20 -41.13
CA THR B 138 -55.92 -7.89 -39.85
C THR B 138 -54.51 -8.23 -39.40
N ALA B 139 -54.38 -8.56 -38.11
CA ALA B 139 -53.10 -8.98 -37.57
C ALA B 139 -52.57 -10.23 -38.27
N HIS B 140 -53.48 -11.15 -38.62
CA HIS B 140 -53.05 -12.31 -39.40
C HIS B 140 -52.37 -11.87 -40.69
N GLY B 141 -52.98 -10.93 -41.42
CA GLY B 141 -52.35 -10.45 -42.63
C GLY B 141 -51.00 -9.80 -42.35
N MET B 142 -50.91 -9.05 -41.25
CA MET B 142 -49.62 -8.43 -40.89
C MET B 142 -48.57 -9.48 -40.64
N PHE B 143 -48.97 -10.54 -39.91
CA PHE B 143 -48.06 -11.64 -39.66
C PHE B 143 -47.59 -12.26 -40.97
N ASN B 144 -48.52 -12.46 -41.90
CA ASN B 144 -48.17 -13.00 -43.21
C ASN B 144 -47.18 -12.08 -43.91
N TYR B 145 -47.43 -10.76 -43.89
CA TYR B 145 -46.52 -9.83 -44.56
C TYR B 145 -45.15 -9.81 -43.91
N ILE B 146 -45.12 -9.88 -42.58
CA ILE B 146 -43.85 -9.81 -41.86
C ILE B 146 -43.05 -11.08 -42.10
N CYS B 147 -43.74 -12.22 -42.15
CA CYS B 147 -43.05 -13.48 -42.44
C CYS B 147 -42.38 -13.43 -43.80
N ASN B 148 -43.09 -12.91 -44.81
CA ASN B 148 -42.52 -12.79 -46.14
C ASN B 148 -41.35 -11.81 -46.13
N HIS B 149 -41.50 -10.69 -45.44
CA HIS B 149 -40.42 -9.74 -45.30
C HIS B 149 -39.19 -10.42 -44.71
N VAL B 150 -39.38 -11.12 -43.59
CA VAL B 150 -38.28 -11.81 -42.93
C VAL B 150 -37.63 -12.81 -43.86
N LYS B 151 -38.43 -13.60 -44.58
CA LYS B 151 -37.85 -14.59 -45.48
C LYS B 151 -37.08 -13.93 -46.61
N TYR B 152 -37.63 -12.87 -47.20
CA TYR B 152 -36.95 -12.19 -48.29
C TYR B 152 -35.67 -11.52 -47.80
N ALA B 153 -35.79 -10.74 -46.73
CA ALA B 153 -34.65 -9.99 -46.21
C ALA B 153 -33.53 -10.91 -45.76
N THR B 154 -33.88 -12.05 -45.16
CA THR B 154 -32.87 -12.97 -44.67
C THR B 154 -32.10 -13.62 -45.81
N ASN B 155 -32.83 -14.21 -46.77
CA ASN B 155 -32.27 -14.69 -48.02
C ASN B 155 -31.13 -15.67 -47.74
N LYS B 156 -31.39 -16.62 -46.84
CA LYS B 156 -30.45 -17.68 -46.47
C LYS B 156 -29.09 -17.14 -46.03
N GLY B 157 -29.08 -15.95 -45.46
CA GLY B 157 -27.88 -15.34 -44.92
C GLY B 157 -27.31 -14.23 -45.77
N ASN B 158 -27.71 -14.15 -47.04
CA ASN B 158 -27.28 -13.06 -47.91
C ASN B 158 -28.30 -11.91 -47.79
N LEU B 159 -28.19 -11.16 -46.70
CA LEU B 159 -29.28 -10.29 -46.27
C LEU B 159 -29.55 -9.18 -47.29
N ARG B 160 -30.82 -8.79 -47.36
CA ARG B 160 -31.28 -7.81 -48.32
C ARG B 160 -32.11 -6.77 -47.59
N SER B 161 -31.85 -5.50 -47.88
CA SER B 161 -32.58 -4.45 -47.18
C SER B 161 -34.04 -4.44 -47.62
N ALA B 162 -34.95 -4.34 -46.66
CA ALA B 162 -36.36 -4.34 -47.01
C ALA B 162 -37.14 -3.51 -45.99
N ILE B 163 -38.29 -3.02 -46.44
CA ILE B 163 -39.27 -2.39 -45.56
C ILE B 163 -40.63 -2.88 -46.02
N THR B 164 -41.52 -3.10 -45.06
CA THR B 164 -42.91 -3.47 -45.33
C THR B 164 -43.78 -2.38 -44.75
N ILE B 165 -44.61 -1.76 -45.58
CA ILE B 165 -45.37 -0.59 -45.20
C ILE B 165 -46.86 -0.94 -45.11
N PHE B 166 -47.37 -0.93 -43.89
CA PHE B 166 -48.76 -1.22 -43.58
C PHE B 166 -49.58 0.06 -43.69
N PRO B 167 -50.91 -0.03 -43.57
CA PRO B 167 -51.74 1.15 -43.80
C PRO B 167 -51.37 2.34 -42.91
N GLN B 168 -51.35 3.51 -43.53
CA GLN B 168 -51.11 4.75 -42.82
C GLN B 168 -52.16 4.99 -41.74
N ARG B 169 -51.77 5.80 -40.77
CA ARG B 169 -52.70 6.23 -39.74
C ARG B 169 -53.82 7.06 -40.34
N THR B 170 -55.05 6.80 -39.88
CA THR B 170 -56.19 7.57 -40.35
C THR B 170 -56.62 8.56 -39.27
N ASP B 171 -57.36 8.09 -38.27
CA ASP B 171 -57.83 8.96 -37.19
C ASP B 171 -57.03 8.81 -35.91
N GLY B 172 -56.07 7.89 -35.86
CA GLY B 172 -55.31 7.64 -34.66
C GLY B 172 -55.90 6.58 -33.74
N LYS B 173 -57.16 6.22 -33.94
CA LYS B 173 -57.77 5.12 -33.20
C LYS B 173 -57.70 3.81 -33.96
N HIS B 174 -57.15 3.81 -35.17
CA HIS B 174 -57.12 2.63 -36.03
C HIS B 174 -55.69 2.31 -36.45
N ASP B 175 -54.73 2.59 -35.58
CA ASP B 175 -53.34 2.43 -35.96
C ASP B 175 -52.99 0.97 -36.20
N PHE B 176 -52.24 0.73 -37.26
CA PHE B 176 -51.48 -0.50 -37.40
C PHE B 176 -50.18 -0.34 -36.63
N ARG B 177 -49.90 -1.27 -35.73
CA ARG B 177 -48.66 -1.23 -34.96
C ARG B 177 -48.06 -2.62 -34.87
N VAL B 178 -46.75 -2.72 -35.08
CA VAL B 178 -46.00 -3.85 -34.56
C VAL B 178 -45.55 -3.44 -33.16
N TRP B 179 -46.00 -4.19 -32.16
CA TRP B 179 -45.67 -3.82 -30.78
C TRP B 179 -44.22 -4.13 -30.45
N ASN B 180 -43.64 -5.14 -31.09
CA ASN B 180 -42.22 -5.43 -30.95
C ASN B 180 -41.41 -4.24 -31.41
N SER B 181 -40.30 -3.97 -30.72
CA SER B 181 -39.42 -2.91 -31.20
C SER B 181 -38.60 -3.38 -32.38
N GLN B 182 -38.16 -4.65 -32.38
CA GLN B 182 -37.64 -5.31 -33.56
C GLN B 182 -38.40 -6.60 -33.81
N LEU B 183 -38.46 -7.01 -35.08
CA LEU B 183 -39.21 -8.21 -35.42
C LEU B 183 -38.70 -9.42 -34.67
N ILE B 184 -37.38 -9.48 -34.44
CA ILE B 184 -36.73 -10.59 -33.78
C ILE B 184 -35.91 -10.02 -32.63
N ARG B 185 -36.30 -10.36 -31.41
CA ARG B 185 -35.55 -10.04 -30.20
C ARG B 185 -35.73 -11.20 -29.24
N TYR B 186 -34.90 -11.23 -28.21
CA TYR B 186 -34.96 -12.30 -27.23
C TYR B 186 -35.69 -11.83 -25.99
N ALA B 187 -36.42 -12.76 -25.38
CA ALA B 187 -37.19 -12.45 -24.18
C ALA B 187 -36.27 -12.06 -23.03
N GLY B 188 -36.83 -11.27 -22.12
CA GLY B 188 -36.19 -10.99 -20.85
C GLY B 188 -37.09 -11.41 -19.72
N TYR B 189 -36.55 -12.14 -18.74
CA TYR B 189 -37.33 -12.71 -17.66
C TYR B 189 -36.82 -12.16 -16.34
N LYS B 190 -37.74 -11.59 -15.56
CA LYS B 190 -37.44 -11.14 -14.21
C LYS B 190 -37.41 -12.35 -13.28
N GLN B 191 -36.22 -12.68 -12.77
CA GLN B 191 -36.09 -13.86 -11.92
C GLN B 191 -36.61 -13.59 -10.52
N PRO B 192 -36.95 -14.64 -9.76
CA PRO B 192 -37.41 -14.42 -8.38
C PRO B 192 -36.34 -13.81 -7.48
N ASP B 193 -35.07 -14.13 -7.70
CA ASP B 193 -33.98 -13.54 -6.94
C ASP B 193 -33.56 -12.17 -7.44
N GLY B 194 -34.40 -11.50 -8.23
CA GLY B 194 -34.15 -10.14 -8.65
C GLY B 194 -33.26 -9.96 -9.84
N SER B 195 -32.45 -10.97 -10.20
CA SER B 195 -31.65 -10.88 -11.41
C SER B 195 -32.55 -11.03 -12.64
N THR B 196 -31.95 -11.00 -13.82
CA THR B 196 -32.69 -11.02 -15.07
C THR B 196 -32.11 -12.08 -16.00
N LEU B 197 -33.00 -12.89 -16.58
CA LEU B 197 -32.61 -13.93 -17.53
C LEU B 197 -32.99 -13.49 -18.94
N GLY B 198 -32.05 -13.60 -19.86
CA GLY B 198 -32.28 -13.19 -21.24
C GLY B 198 -31.91 -11.73 -21.47
N ASP B 199 -32.79 -11.00 -22.17
CA ASP B 199 -32.51 -9.63 -22.57
C ASP B 199 -33.27 -8.67 -21.66
N PRO B 200 -32.59 -7.94 -20.76
CA PRO B 200 -33.31 -7.06 -19.83
C PRO B 200 -34.11 -5.95 -20.51
N ALA B 201 -33.67 -5.44 -21.66
CA ALA B 201 -34.46 -4.45 -22.39
C ALA B 201 -35.87 -4.95 -22.65
N ASN B 202 -36.03 -6.24 -22.88
CA ASN B 202 -37.31 -6.80 -23.31
C ASN B 202 -38.11 -7.37 -22.16
N VAL B 203 -37.71 -7.10 -20.91
CA VAL B 203 -38.46 -7.60 -19.77
C VAL B 203 -39.92 -7.16 -19.84
N GLN B 204 -40.15 -5.86 -20.00
CA GLN B 204 -41.53 -5.38 -20.00
C GLN B 204 -42.31 -5.92 -21.20
N PHE B 205 -41.70 -5.90 -22.38
CA PHE B 205 -42.40 -6.43 -23.54
C PHE B 205 -42.62 -7.94 -23.40
N THR B 206 -41.63 -8.65 -22.86
CA THR B 206 -41.83 -10.07 -22.57
C THR B 206 -42.99 -10.28 -21.61
N GLU B 207 -43.13 -9.41 -20.60
CA GLU B 207 -44.22 -9.57 -19.65
C GLU B 207 -45.57 -9.31 -20.31
N ILE B 208 -45.65 -8.34 -21.23
CA ILE B 208 -46.88 -8.14 -21.98
C ILE B 208 -47.23 -9.39 -22.77
N CYS B 209 -46.24 -9.99 -23.42
CA CYS B 209 -46.47 -11.20 -24.18
C CYS B 209 -47.00 -12.33 -23.29
N ILE B 210 -46.35 -12.54 -22.14
CA ILE B 210 -46.80 -13.58 -21.22
C ILE B 210 -48.21 -13.26 -20.71
N GLN B 211 -48.42 -12.01 -20.31
CA GLN B 211 -49.73 -11.53 -19.90
C GLN B 211 -50.75 -11.60 -21.03
N GLN B 212 -50.31 -11.74 -22.28
CA GLN B 212 -51.20 -11.94 -23.41
C GLN B 212 -51.42 -13.41 -23.73
N GLY B 213 -50.88 -14.32 -22.93
CA GLY B 213 -51.04 -15.74 -23.16
C GLY B 213 -49.83 -16.44 -23.74
N TRP B 214 -48.72 -15.74 -23.93
CA TRP B 214 -47.52 -16.40 -24.45
C TRP B 214 -46.96 -17.35 -23.40
N LYS B 215 -46.54 -18.52 -23.87
CA LYS B 215 -45.91 -19.53 -23.01
C LYS B 215 -44.42 -19.36 -23.15
N PRO B 216 -43.75 -18.66 -22.24
CA PRO B 216 -42.32 -18.50 -22.35
C PRO B 216 -41.62 -19.81 -22.07
N PRO B 217 -40.69 -20.22 -22.94
CA PRO B 217 -39.81 -21.35 -22.58
C PRO B 217 -38.78 -20.99 -21.52
N ARG B 218 -38.68 -19.71 -21.13
CA ARG B 218 -37.85 -19.22 -20.04
C ARG B 218 -36.38 -19.65 -20.21
N GLY B 219 -35.79 -19.14 -21.30
CA GLY B 219 -34.39 -19.35 -21.60
C GLY B 219 -33.67 -18.03 -21.84
N ARG B 220 -32.40 -18.11 -22.24
CA ARG B 220 -31.61 -16.91 -22.45
C ARG B 220 -31.75 -16.35 -23.87
N PHE B 221 -32.21 -17.17 -24.81
CA PHE B 221 -32.36 -16.78 -26.20
C PHE B 221 -33.70 -17.31 -26.74
N ASP B 222 -34.78 -16.84 -26.12
CA ASP B 222 -36.14 -17.13 -26.54
C ASP B 222 -36.58 -16.04 -27.51
N VAL B 223 -36.72 -16.39 -28.78
CA VAL B 223 -37.26 -15.43 -29.74
C VAL B 223 -38.65 -15.03 -29.31
N LEU B 224 -38.88 -13.74 -29.18
CA LEU B 224 -40.17 -13.22 -28.78
C LEU B 224 -41.20 -13.48 -29.87
N PRO B 225 -42.46 -13.69 -29.50
CA PRO B 225 -43.53 -13.73 -30.49
C PRO B 225 -43.76 -12.34 -31.05
N LEU B 226 -44.37 -12.30 -32.22
CA LEU B 226 -44.86 -11.03 -32.74
C LEU B 226 -46.14 -10.66 -32.01
N LEU B 227 -46.28 -9.38 -31.69
CA LEU B 227 -47.49 -8.82 -31.07
C LEU B 227 -47.98 -7.78 -32.04
N LEU B 228 -48.95 -8.14 -32.87
CA LEU B 228 -49.32 -7.32 -34.02
C LEU B 228 -50.68 -6.69 -33.80
N GLN B 229 -50.78 -5.39 -34.07
CA GLN B 229 -52.01 -4.63 -33.95
C GLN B 229 -52.39 -4.10 -35.33
N ALA B 230 -53.59 -4.44 -35.78
CA ALA B 230 -54.13 -4.01 -37.07
C ALA B 230 -55.38 -3.19 -36.82
N ASN B 231 -55.45 -2.01 -37.44
CA ASN B 231 -56.65 -1.17 -37.44
C ASN B 231 -57.15 -0.90 -36.02
N GLY B 232 -56.22 -0.60 -35.10
CA GLY B 232 -56.53 -0.22 -33.74
C GLY B 232 -57.10 -1.31 -32.86
N ASN B 233 -57.18 -2.55 -33.34
CA ASN B 233 -57.72 -3.62 -32.52
C ASN B 233 -56.67 -4.10 -31.52
N ASP B 234 -57.14 -4.89 -30.55
CA ASP B 234 -56.22 -5.49 -29.58
C ASP B 234 -55.12 -6.25 -30.33
N PRO B 235 -53.88 -6.21 -29.84
CA PRO B 235 -52.81 -6.93 -30.53
C PRO B 235 -52.96 -8.43 -30.40
N GLU B 236 -52.38 -9.14 -31.36
CA GLU B 236 -52.46 -10.59 -31.38
C GLU B 236 -51.07 -11.20 -31.44
N LEU B 237 -50.86 -12.24 -30.63
CA LEU B 237 -49.61 -12.97 -30.61
C LEU B 237 -49.46 -13.90 -31.82
N PHE B 238 -48.24 -13.96 -32.36
CA PHE B 238 -47.88 -14.87 -33.45
C PHE B 238 -46.45 -15.33 -33.25
N GLN B 239 -46.21 -16.62 -33.44
CA GLN B 239 -44.86 -17.15 -33.35
C GLN B 239 -44.23 -17.15 -34.74
N ILE B 240 -43.15 -16.41 -34.90
CA ILE B 240 -42.43 -16.45 -36.18
C ILE B 240 -41.91 -17.86 -36.38
N PRO B 241 -42.14 -18.48 -37.54
CA PRO B 241 -41.68 -19.84 -37.75
C PRO B 241 -40.17 -19.89 -37.65
N PRO B 242 -39.64 -20.76 -36.79
CA PRO B 242 -38.20 -20.68 -36.48
C PRO B 242 -37.32 -20.87 -37.69
N GLU B 243 -37.79 -21.60 -38.72
CA GLU B 243 -36.98 -21.75 -39.93
C GLU B 243 -36.74 -20.41 -40.62
N LEU B 244 -37.55 -19.40 -40.31
CA LEU B 244 -37.35 -18.08 -40.85
C LEU B 244 -36.41 -17.22 -40.00
N VAL B 245 -36.06 -17.65 -38.79
CA VAL B 245 -35.29 -16.81 -37.86
C VAL B 245 -33.85 -17.35 -37.89
N LEU B 246 -33.03 -16.72 -38.72
CA LEU B 246 -31.65 -17.15 -38.86
C LEU B 246 -30.85 -16.71 -37.65
N GLU B 247 -30.19 -17.66 -36.99
CA GLU B 247 -29.37 -17.36 -35.84
C GLU B 247 -27.94 -17.84 -36.08
N VAL B 248 -26.99 -17.18 -35.42
CA VAL B 248 -25.58 -17.48 -35.60
C VAL B 248 -24.99 -17.84 -34.24
N PRO B 249 -24.54 -19.08 -34.04
CA PRO B 249 -23.87 -19.41 -32.78
C PRO B 249 -22.54 -18.68 -32.71
N ILE B 250 -22.28 -18.03 -31.58
CA ILE B 250 -21.08 -17.21 -31.44
C ILE B 250 -19.95 -18.09 -30.94
N ARG B 251 -18.93 -18.25 -31.78
CA ARG B 251 -17.66 -18.85 -31.38
C ARG B 251 -16.53 -17.87 -31.69
N HIS B 252 -15.33 -18.23 -31.23
CA HIS B 252 -14.14 -17.39 -31.37
C HIS B 252 -13.06 -18.11 -32.17
N PRO B 253 -12.38 -17.41 -33.07
CA PRO B 253 -11.37 -18.08 -33.91
C PRO B 253 -10.14 -18.58 -33.17
N LYS B 254 -9.96 -18.19 -31.91
CA LYS B 254 -8.81 -18.60 -31.11
C LYS B 254 -9.20 -19.21 -29.77
N PHE B 255 -10.16 -18.61 -29.07
CA PHE B 255 -10.64 -19.11 -27.79
C PHE B 255 -11.63 -20.24 -28.06
N GLU B 256 -11.15 -21.48 -27.98
CA GLU B 256 -12.02 -22.63 -28.17
C GLU B 256 -13.14 -22.65 -27.13
N TRP B 257 -12.89 -22.09 -25.94
CA TRP B 257 -13.88 -22.08 -24.89
C TRP B 257 -15.02 -21.09 -25.15
N PHE B 258 -14.86 -20.18 -26.11
CA PHE B 258 -15.89 -19.18 -26.33
C PHE B 258 -17.22 -19.82 -26.66
N LYS B 259 -17.22 -20.82 -27.55
CA LYS B 259 -18.49 -21.42 -27.96
C LYS B 259 -19.21 -22.04 -26.76
N ASP B 260 -18.46 -22.52 -25.77
CA ASP B 260 -19.06 -23.08 -24.57
C ASP B 260 -19.80 -22.05 -23.73
N LEU B 261 -19.71 -20.75 -24.06
CA LEU B 261 -20.52 -19.74 -23.40
C LEU B 261 -21.99 -19.84 -23.78
N GLY B 262 -22.33 -20.63 -24.79
CA GLY B 262 -23.70 -20.82 -25.22
C GLY B 262 -24.37 -19.57 -25.76
N LEU B 263 -23.63 -18.74 -26.48
CA LEU B 263 -24.14 -17.49 -26.99
C LEU B 263 -24.55 -17.65 -28.45
N LYS B 264 -25.64 -16.98 -28.83
CA LYS B 264 -25.98 -16.83 -30.23
C LYS B 264 -26.65 -15.48 -30.41
N TRP B 265 -26.81 -15.08 -31.65
CA TRP B 265 -27.61 -13.91 -31.96
C TRP B 265 -28.33 -14.18 -33.26
N TYR B 266 -29.37 -13.40 -33.51
CA TYR B 266 -30.12 -13.54 -34.74
C TYR B 266 -29.44 -12.71 -35.83
N GLY B 267 -29.69 -13.08 -37.07
CA GLY B 267 -29.00 -12.42 -38.17
C GLY B 267 -29.64 -11.15 -38.65
N LEU B 268 -30.93 -11.00 -38.41
CA LEU B 268 -31.70 -9.94 -39.07
C LEU B 268 -32.05 -8.83 -38.09
N PRO B 269 -31.46 -7.63 -38.21
CA PRO B 269 -31.95 -6.49 -37.43
C PRO B 269 -33.11 -5.83 -38.16
N ALA B 270 -34.30 -5.82 -37.56
CA ALA B 270 -35.50 -5.37 -38.25
C ALA B 270 -36.28 -4.41 -37.37
N VAL B 271 -36.01 -3.10 -37.49
CA VAL B 271 -36.67 -2.15 -36.60
C VAL B 271 -38.15 -2.08 -36.94
N SER B 272 -39.00 -2.28 -35.93
CA SER B 272 -40.43 -2.37 -36.18
C SER B 272 -41.27 -1.41 -35.34
N ASN B 273 -40.67 -0.48 -34.59
CA ASN B 273 -41.47 0.41 -33.76
C ASN B 273 -41.42 1.85 -34.22
N MET B 274 -40.87 2.12 -35.38
CA MET B 274 -40.70 3.49 -35.83
C MET B 274 -41.82 3.91 -36.76
N LEU B 275 -41.98 5.22 -36.90
CA LEU B 275 -43.04 5.80 -37.72
C LEU B 275 -42.43 6.35 -38.99
N LEU B 276 -42.97 5.96 -40.13
CA LEU B 276 -42.50 6.43 -41.43
C LEU B 276 -43.40 7.58 -41.87
N GLU B 277 -42.82 8.74 -42.08
CA GLU B 277 -43.59 9.95 -42.39
C GLU B 277 -43.29 10.39 -43.82
N ILE B 278 -44.32 10.39 -44.66
CA ILE B 278 -44.19 10.82 -46.04
C ILE B 278 -45.36 11.76 -46.36
N GLY B 279 -45.03 12.96 -46.82
CA GLY B 279 -46.03 13.96 -47.16
C GLY B 279 -47.16 14.10 -46.17
N GLY B 280 -46.82 14.19 -44.88
CA GLY B 280 -47.84 14.25 -43.83
C GLY B 280 -48.59 12.95 -43.59
N LEU B 281 -48.35 11.91 -44.37
CA LEU B 281 -48.89 10.59 -44.06
C LEU B 281 -48.01 9.92 -43.02
N GLU B 282 -48.65 9.22 -42.09
CA GLU B 282 -47.98 8.59 -40.96
C GLU B 282 -48.16 7.09 -41.08
N PHE B 283 -47.09 6.39 -41.44
CA PHE B 283 -47.11 4.94 -41.51
C PHE B 283 -46.52 4.41 -40.21
N SER B 284 -47.41 4.03 -39.29
CA SER B 284 -47.08 3.67 -37.92
C SER B 284 -46.59 2.24 -37.78
N ALA B 285 -46.73 1.44 -38.82
CA ALA B 285 -46.17 0.08 -38.87
C ALA B 285 -45.41 0.00 -40.17
N CYS B 286 -44.08 0.06 -40.07
CA CYS B 286 -43.23 0.06 -41.24
C CYS B 286 -41.93 -0.67 -40.93
N PRO B 287 -42.00 -1.93 -40.52
CA PRO B 287 -40.79 -2.65 -40.13
C PRO B 287 -39.79 -2.68 -41.27
N PHE B 288 -38.56 -2.28 -40.97
CA PHE B 288 -37.50 -2.26 -41.95
C PHE B 288 -36.27 -2.97 -41.40
N SER B 289 -35.50 -3.56 -42.30
CA SER B 289 -34.40 -4.39 -41.89
C SER B 289 -33.24 -4.20 -42.84
N GLY B 290 -32.05 -4.45 -42.34
CA GLY B 290 -30.89 -4.42 -43.20
C GLY B 290 -29.98 -5.55 -42.80
N TRP B 291 -28.76 -5.22 -42.37
CA TRP B 291 -27.86 -6.21 -41.81
C TRP B 291 -27.06 -5.53 -40.71
N TYR B 292 -26.51 -6.34 -39.83
CA TYR B 292 -25.90 -5.82 -38.61
C TYR B 292 -24.52 -5.23 -38.87
N MET B 293 -24.18 -4.22 -38.08
CA MET B 293 -22.80 -3.86 -37.86
C MET B 293 -22.37 -4.61 -36.60
N GLY B 294 -21.22 -5.27 -36.66
CA GLY B 294 -20.86 -6.21 -35.59
C GLY B 294 -20.94 -5.62 -34.20
N THR B 295 -20.66 -4.32 -34.07
CA THR B 295 -20.64 -3.70 -32.76
C THR B 295 -22.02 -3.56 -32.15
N GLU B 296 -23.10 -3.62 -32.96
CA GLU B 296 -24.44 -3.56 -32.40
C GLU B 296 -24.71 -4.77 -31.53
N ILE B 297 -24.33 -5.96 -32.01
CA ILE B 297 -24.44 -7.17 -31.21
C ILE B 297 -23.37 -7.17 -30.13
N GLY B 298 -22.10 -7.05 -30.53
CA GLY B 298 -20.98 -7.35 -29.65
C GLY B 298 -20.69 -6.28 -28.61
N VAL B 299 -20.94 -5.02 -28.93
CA VAL B 299 -20.77 -3.95 -27.95
C VAL B 299 -22.07 -3.67 -27.19
N ARG B 300 -23.12 -3.26 -27.92
CA ARG B 300 -24.33 -2.80 -27.25
C ARG B 300 -25.20 -3.95 -26.74
N ASP B 301 -25.53 -4.93 -27.59
CA ASP B 301 -26.41 -6.02 -27.15
C ASP B 301 -25.74 -6.86 -26.06
N TYR B 302 -24.46 -7.18 -26.23
CA TYR B 302 -23.81 -8.12 -25.32
C TYR B 302 -23.19 -7.47 -24.10
N CYS B 303 -22.85 -6.17 -24.18
CA CYS B 303 -22.00 -5.55 -23.15
C CYS B 303 -22.57 -4.33 -22.47
N ASP B 304 -23.69 -3.77 -22.94
CA ASP B 304 -24.40 -2.78 -22.12
C ASP B 304 -24.73 -3.39 -20.76
N ASN B 305 -24.63 -2.56 -19.72
CA ASN B 305 -24.89 -3.03 -18.37
C ASN B 305 -26.34 -3.51 -18.20
N SER B 306 -27.30 -2.76 -18.74
CA SER B 306 -28.70 -3.16 -18.65
C SER B 306 -29.14 -4.02 -19.84
N ARG B 307 -28.18 -4.63 -20.54
CA ARG B 307 -28.51 -5.64 -21.54
C ARG B 307 -27.92 -6.98 -21.12
N TYR B 308 -27.24 -7.68 -22.03
CA TYR B 308 -26.78 -9.02 -21.66
C TYR B 308 -25.60 -8.98 -20.70
N ASN B 309 -24.74 -7.96 -20.80
CA ASN B 309 -23.75 -7.68 -19.76
C ASN B 309 -22.78 -8.85 -19.53
N ILE B 310 -22.25 -9.42 -20.62
CA ILE B 310 -21.47 -10.64 -20.51
C ILE B 310 -19.99 -10.35 -20.33
N LEU B 311 -19.64 -9.10 -19.97
CA LEU B 311 -18.23 -8.73 -19.91
C LEU B 311 -17.49 -9.53 -18.84
N GLU B 312 -18.01 -9.56 -17.61
CA GLU B 312 -17.32 -10.28 -16.55
C GLU B 312 -17.19 -11.76 -16.91
N GLU B 313 -18.25 -12.35 -17.45
CA GLU B 313 -18.23 -13.76 -17.84
C GLU B 313 -17.08 -14.04 -18.80
N VAL B 314 -16.92 -13.20 -19.80
CA VAL B 314 -15.86 -13.40 -20.80
C VAL B 314 -14.49 -13.08 -20.20
N ALA B 315 -14.40 -11.97 -19.46
CA ALA B 315 -13.14 -11.62 -18.81
C ALA B 315 -12.65 -12.75 -17.91
N LYS B 316 -13.56 -13.33 -17.11
CA LYS B 316 -13.20 -14.44 -16.25
C LYS B 316 -12.58 -15.58 -17.06
N LYS B 317 -13.23 -15.97 -18.16
CA LYS B 317 -12.67 -17.02 -19.00
C LYS B 317 -11.32 -16.61 -19.59
N MET B 318 -11.15 -15.33 -19.89
CA MET B 318 -9.86 -14.85 -20.38
C MET B 318 -8.80 -14.69 -19.29
N ASN B 319 -9.17 -14.87 -18.02
CA ASN B 319 -8.25 -14.74 -16.89
C ASN B 319 -7.66 -13.33 -16.80
N LEU B 320 -8.55 -12.34 -16.69
CA LEU B 320 -8.16 -10.94 -16.63
C LEU B 320 -8.20 -10.43 -15.20
N ASP B 321 -7.31 -9.50 -14.90
CA ASP B 321 -7.30 -8.76 -13.65
C ASP B 321 -8.55 -7.90 -13.56
N MET B 322 -9.56 -8.31 -12.81
CA MET B 322 -10.81 -7.58 -12.74
C MET B 322 -10.99 -6.82 -11.42
N ARG B 323 -9.89 -6.58 -10.68
CA ARG B 323 -9.99 -5.83 -9.43
C ARG B 323 -10.09 -4.33 -9.66
N LYS B 324 -9.40 -3.80 -10.67
CA LYS B 324 -9.41 -2.37 -10.95
C LYS B 324 -9.76 -2.13 -12.42
N THR B 325 -10.15 -0.90 -12.72
CA THR B 325 -10.52 -0.57 -14.10
C THR B 325 -9.30 -0.47 -15.01
N SER B 326 -8.19 0.07 -14.48
CA SER B 326 -7.04 0.40 -15.31
C SER B 326 -6.35 -0.81 -15.91
N SER B 327 -6.71 -2.03 -15.50
CA SER B 327 -6.29 -3.20 -16.28
C SER B 327 -6.94 -3.22 -17.65
N LEU B 328 -8.02 -2.46 -17.85
CA LEU B 328 -8.75 -2.41 -19.11
C LEU B 328 -9.31 -3.78 -19.49
N TRP B 329 -9.68 -4.57 -18.48
CA TRP B 329 -10.20 -5.90 -18.73
C TRP B 329 -11.52 -5.86 -19.51
N LYS B 330 -12.38 -4.89 -19.20
CA LYS B 330 -13.58 -4.69 -19.99
C LYS B 330 -13.24 -4.42 -21.45
N ASP B 331 -12.23 -3.59 -21.69
CA ASP B 331 -11.89 -3.23 -23.07
C ASP B 331 -11.34 -4.45 -23.82
N GLN B 332 -10.59 -5.31 -23.12
CA GLN B 332 -10.01 -6.48 -23.75
C GLN B 332 -11.07 -7.50 -24.12
N ALA B 333 -11.93 -7.83 -23.16
CA ALA B 333 -13.03 -8.75 -23.44
C ALA B 333 -13.94 -8.17 -24.52
N LEU B 334 -14.20 -6.86 -24.45
CA LEU B 334 -15.05 -6.24 -25.46
C LEU B 334 -14.53 -6.49 -26.86
N VAL B 335 -13.21 -6.34 -27.05
CA VAL B 335 -12.63 -6.61 -28.37
C VAL B 335 -12.83 -8.08 -28.75
N GLU B 336 -12.58 -8.99 -27.80
CA GLU B 336 -12.65 -10.40 -28.13
C GLU B 336 -14.07 -10.81 -28.51
N ILE B 337 -15.06 -10.24 -27.83
CA ILE B 337 -16.46 -10.52 -28.16
C ILE B 337 -16.79 -10.06 -29.56
N ASN B 338 -16.27 -8.91 -29.95
CA ASN B 338 -16.56 -8.40 -31.29
C ASN B 338 -15.79 -9.14 -32.36
N ILE B 339 -14.56 -9.59 -32.06
CA ILE B 339 -13.90 -10.51 -32.97
C ILE B 339 -14.75 -11.75 -33.17
N ALA B 340 -15.30 -12.30 -32.07
CA ALA B 340 -16.08 -13.52 -32.16
C ALA B 340 -17.35 -13.30 -32.99
N VAL B 341 -18.05 -12.20 -32.73
CA VAL B 341 -19.30 -11.94 -33.45
C VAL B 341 -19.05 -11.86 -34.95
N LEU B 342 -18.03 -11.10 -35.36
CA LEU B 342 -17.69 -11.00 -36.77
C LEU B 342 -17.27 -12.36 -37.33
N TYR B 343 -16.40 -13.08 -36.62
CA TYR B 343 -15.96 -14.39 -37.07
C TYR B 343 -17.13 -15.35 -37.24
N SER B 344 -18.09 -15.31 -36.30
CA SER B 344 -19.21 -16.24 -36.36
C SER B 344 -20.11 -15.94 -37.56
N PHE B 345 -20.50 -14.68 -37.73
CA PHE B 345 -21.36 -14.33 -38.86
C PHE B 345 -20.67 -14.61 -40.19
N GLN B 346 -19.39 -14.24 -40.31
CA GLN B 346 -18.70 -14.46 -41.57
C GLN B 346 -18.52 -15.95 -41.85
N SER B 347 -18.25 -16.74 -40.81
CA SER B 347 -18.10 -18.18 -40.99
C SER B 347 -19.39 -18.80 -41.50
N ASP B 348 -20.53 -18.38 -40.95
CA ASP B 348 -21.83 -18.88 -41.40
C ASP B 348 -22.36 -18.16 -42.62
N LYS B 349 -21.51 -17.37 -43.29
CA LYS B 349 -21.87 -16.62 -44.50
C LYS B 349 -23.19 -15.87 -44.31
N VAL B 350 -23.35 -15.27 -43.13
CA VAL B 350 -24.44 -14.34 -42.86
C VAL B 350 -23.88 -12.93 -42.94
N THR B 351 -24.55 -12.07 -43.72
CA THR B 351 -24.08 -10.71 -43.93
C THR B 351 -23.84 -10.00 -42.61
N ILE B 352 -22.69 -9.34 -42.51
CA ILE B 352 -22.37 -8.50 -41.37
C ILE B 352 -21.27 -7.58 -41.83
N VAL B 353 -21.15 -6.42 -41.18
CA VAL B 353 -20.14 -5.45 -41.53
C VAL B 353 -19.45 -5.01 -40.25
N ASP B 354 -18.13 -4.89 -40.28
CA ASP B 354 -17.44 -4.42 -39.10
C ASP B 354 -17.46 -2.89 -39.04
N HIS B 355 -17.20 -2.35 -37.85
CA HIS B 355 -17.27 -0.90 -37.72
C HIS B 355 -16.19 -0.18 -38.52
N HIS B 356 -15.10 -0.86 -38.91
CA HIS B 356 -14.10 -0.16 -39.71
C HIS B 356 -14.58 0.04 -41.14
N SER B 357 -15.10 -1.03 -41.74
CA SER B 357 -15.56 -0.91 -43.10
C SER B 357 -16.86 -0.12 -43.17
N ALA B 358 -17.74 -0.29 -42.18
CA ALA B 358 -19.01 0.44 -42.23
C ALA B 358 -18.78 1.94 -42.15
N THR B 359 -17.88 2.37 -41.26
CA THR B 359 -17.66 3.81 -41.14
C THR B 359 -16.93 4.35 -42.37
N GLU B 360 -16.00 3.56 -42.93
CA GLU B 360 -15.35 3.98 -44.17
C GLU B 360 -16.38 4.17 -45.28
N SER B 361 -17.33 3.24 -45.40
CA SER B 361 -18.38 3.39 -46.40
CA SER B 361 -18.38 3.39 -46.40
C SER B 361 -19.19 4.65 -46.15
N PHE B 362 -19.42 4.99 -44.88
CA PHE B 362 -20.21 6.17 -44.61
C PHE B 362 -19.50 7.44 -45.04
N ILE B 363 -18.18 7.52 -44.79
CA ILE B 363 -17.40 8.66 -45.27
C ILE B 363 -17.58 8.79 -46.77
N LYS B 364 -17.42 7.68 -47.50
CA LYS B 364 -17.67 7.67 -48.93
C LYS B 364 -19.10 8.08 -49.25
N HIS B 365 -20.07 7.61 -48.48
CA HIS B 365 -21.46 8.03 -48.71
C HIS B 365 -21.61 9.54 -48.52
N MET B 366 -21.03 10.08 -47.44
CA MET B 366 -21.07 11.52 -47.23
C MET B 366 -20.52 12.27 -48.44
N GLU B 367 -19.36 11.86 -48.93
CA GLU B 367 -18.74 12.55 -50.05
CA GLU B 367 -18.75 12.58 -50.05
C GLU B 367 -19.63 12.48 -51.29
N ASN B 368 -20.20 11.30 -51.54
CA ASN B 368 -21.19 11.16 -52.62
C ASN B 368 -22.35 12.14 -52.42
N GLU B 369 -22.92 12.17 -51.22
CA GLU B 369 -24.08 12.99 -50.97
C GLU B 369 -23.77 14.48 -51.10
N TYR B 370 -22.63 14.94 -50.57
CA TYR B 370 -22.29 16.34 -50.75
C TYR B 370 -22.11 16.66 -52.23
N ARG B 371 -21.45 15.77 -52.96
CA ARG B 371 -21.19 15.98 -54.38
C ARG B 371 -22.48 16.07 -55.18
N CYS B 372 -23.43 15.18 -54.95
CA CYS B 372 -24.63 15.25 -55.80
C CYS B 372 -25.79 15.99 -55.16
N ARG B 373 -25.89 16.01 -53.83
CA ARG B 373 -27.08 16.51 -53.17
C ARG B 373 -26.84 17.80 -52.38
N GLY B 374 -25.59 18.23 -52.26
CA GLY B 374 -25.30 19.41 -51.47
C GLY B 374 -25.27 19.21 -49.98
N GLY B 375 -25.19 17.97 -49.51
CA GLY B 375 -25.08 17.72 -48.09
C GLY B 375 -25.59 16.34 -47.73
N CYS B 376 -25.45 16.04 -46.45
CA CYS B 376 -25.87 14.76 -45.91
C CYS B 376 -26.04 14.92 -44.41
N PRO B 377 -27.26 14.86 -43.89
CA PRO B 377 -27.46 15.00 -42.45
C PRO B 377 -26.90 13.79 -41.72
N ALA B 378 -26.18 14.05 -40.63
CA ALA B 378 -25.49 12.98 -39.94
C ALA B 378 -25.35 13.33 -38.48
N ASP B 379 -25.71 12.38 -37.64
CA ASP B 379 -25.69 12.53 -36.20
C ASP B 379 -24.39 11.87 -35.70
N TRP B 380 -23.36 12.68 -35.46
CA TRP B 380 -22.06 12.15 -35.02
C TRP B 380 -22.23 11.23 -33.81
N VAL B 381 -23.06 11.64 -32.85
CA VAL B 381 -23.24 10.88 -31.62
C VAL B 381 -23.66 9.46 -31.91
N TRP B 382 -24.43 9.24 -32.98
CA TRP B 382 -24.92 7.92 -33.33
C TRP B 382 -24.07 7.22 -34.38
N ILE B 383 -23.36 7.98 -35.21
CA ILE B 383 -22.61 7.41 -36.31
C ILE B 383 -21.28 6.83 -35.81
N VAL B 384 -20.63 7.51 -34.88
CA VAL B 384 -19.36 6.97 -34.37
C VAL B 384 -19.66 5.69 -33.60
N PRO B 385 -18.93 4.60 -33.85
CA PRO B 385 -19.26 3.32 -33.24
C PRO B 385 -19.00 3.33 -31.74
N PRO B 386 -19.64 2.43 -31.00
CA PRO B 386 -19.51 2.42 -29.54
C PRO B 386 -18.22 1.83 -29.01
N MET B 387 -17.31 1.37 -29.86
CA MET B 387 -15.95 1.03 -29.44
C MET B 387 -14.96 1.59 -30.46
N SER B 388 -13.74 1.84 -29.99
CA SER B 388 -12.64 2.22 -30.85
C SER B 388 -13.01 3.40 -31.76
N GLY B 389 -13.76 4.35 -31.21
CA GLY B 389 -14.22 5.50 -31.96
C GLY B 389 -13.18 6.16 -32.84
N SER B 390 -12.09 6.67 -32.23
CA SER B 390 -11.17 7.50 -32.98
C SER B 390 -10.26 6.72 -33.92
N ILE B 391 -10.31 5.39 -33.93
CA ILE B 391 -9.53 4.73 -34.97
C ILE B 391 -10.45 4.44 -36.15
N THR B 392 -11.64 4.99 -36.11
CA THR B 392 -12.51 4.98 -37.27
C THR B 392 -12.58 6.37 -37.87
N PRO B 393 -12.76 6.47 -39.20
CA PRO B 393 -12.69 7.80 -39.82
C PRO B 393 -13.84 8.72 -39.44
N VAL B 394 -15.00 8.19 -39.06
CA VAL B 394 -16.13 9.08 -38.79
C VAL B 394 -15.86 9.93 -37.57
N PHE B 395 -15.05 9.41 -36.64
CA PHE B 395 -14.76 10.16 -35.42
C PHE B 395 -14.13 11.51 -35.73
N HIS B 396 -13.27 11.55 -36.75
CA HIS B 396 -12.57 12.74 -37.17
C HIS B 396 -13.35 13.56 -38.18
N GLN B 397 -14.61 13.20 -38.43
CA GLN B 397 -15.44 13.83 -39.44
C GLN B 397 -16.47 14.75 -38.78
N GLU B 398 -16.35 16.05 -39.01
CA GLU B 398 -17.43 16.97 -38.66
C GLU B 398 -18.67 16.61 -39.46
N MET B 399 -19.83 16.70 -38.81
CA MET B 399 -21.11 16.38 -39.42
C MET B 399 -22.12 17.46 -39.08
N LEU B 400 -23.00 17.76 -40.03
CA LEU B 400 -24.12 18.64 -39.78
C LEU B 400 -25.35 17.77 -39.61
N ASN B 401 -26.13 18.03 -38.57
CA ASN B 401 -27.35 17.28 -38.34
C ASN B 401 -28.54 18.20 -38.56
N TYR B 402 -29.45 17.76 -39.43
CA TYR B 402 -30.68 18.50 -39.68
C TYR B 402 -31.72 17.51 -40.15
N ARG B 403 -32.97 17.92 -40.08
CA ARG B 403 -34.09 17.00 -40.24
C ARG B 403 -34.76 17.24 -41.58
N LEU B 404 -34.66 16.26 -42.48
CA LEU B 404 -35.25 16.30 -43.80
C LEU B 404 -36.46 15.38 -43.84
N THR B 405 -37.37 15.66 -44.76
CA THR B 405 -38.52 14.81 -44.92
C THR B 405 -38.56 14.28 -46.35
N PRO B 406 -39.04 13.05 -46.58
CA PRO B 406 -39.56 12.03 -45.65
C PRO B 406 -38.58 11.53 -44.62
N SER B 407 -39.11 10.96 -43.53
CA SER B 407 -38.24 10.58 -42.43
C SER B 407 -38.87 9.44 -41.65
N PHE B 408 -38.01 8.73 -40.93
CA PHE B 408 -38.41 7.82 -39.86
C PHE B 408 -38.41 8.58 -38.53
N GLU B 409 -39.47 8.41 -37.77
CA GLU B 409 -39.65 9.09 -36.50
C GLU B 409 -39.83 8.06 -35.38
N TYR B 410 -39.51 8.46 -34.16
CA TYR B 410 -39.98 7.64 -33.07
C TYR B 410 -41.45 7.91 -32.79
N GLN B 411 -42.04 7.05 -31.97
CA GLN B 411 -43.44 7.14 -31.60
C GLN B 411 -43.61 6.41 -30.29
N PRO B 412 -44.67 6.70 -29.54
CA PRO B 412 -44.84 6.06 -28.24
C PRO B 412 -44.97 4.55 -28.39
N ASP B 413 -44.49 3.83 -27.38
CA ASP B 413 -44.78 2.42 -27.28
C ASP B 413 -46.29 2.24 -27.15
N PRO B 414 -46.91 1.39 -27.97
CA PRO B 414 -48.38 1.41 -28.07
C PRO B 414 -49.07 0.99 -26.79
N TRP B 415 -48.40 0.30 -25.88
CA TRP B 415 -49.07 -0.10 -24.65
C TRP B 415 -49.30 1.06 -23.69
N ASN B 416 -48.56 2.16 -23.85
CA ASN B 416 -48.88 3.38 -23.11
C ASN B 416 -50.12 4.07 -23.65
N THR B 417 -50.47 3.80 -24.90
CA THR B 417 -51.56 4.46 -25.61
C THR B 417 -52.81 3.59 -25.70
N HIS B 418 -52.64 2.29 -25.92
CA HIS B 418 -53.75 1.45 -26.38
C HIS B 418 -54.86 1.37 -25.35
N VAL B 419 -56.09 1.61 -25.79
CA VAL B 419 -57.29 1.38 -24.99
C VAL B 419 -57.86 0.03 -25.43
N TRP B 420 -57.82 -0.95 -24.53
CA TRP B 420 -58.16 -2.32 -24.87
C TRP B 420 -59.67 -2.50 -24.97
N LYS B 421 -60.08 -3.66 -25.49
CA LYS B 421 -61.48 -3.95 -25.70
C LYS B 421 -61.77 -5.45 -25.61
N PHE C 4 5.29 7.34 31.30
CA PHE C 4 5.78 6.34 32.25
C PHE C 4 6.01 4.98 31.58
N LEU C 5 6.86 4.16 32.20
CA LEU C 5 7.07 2.78 31.78
C LEU C 5 7.09 1.90 33.02
N LYS C 6 6.40 0.78 32.98
CA LYS C 6 6.34 -0.13 34.10
C LYS C 6 7.30 -1.29 33.89
N VAL C 7 7.81 -1.82 34.99
CA VAL C 7 8.53 -3.08 35.00
C VAL C 7 7.84 -3.97 36.02
N LYS C 8 7.84 -5.26 35.74
CA LYS C 8 7.18 -6.24 36.58
C LYS C 8 8.21 -7.24 37.04
N ASN C 9 8.13 -7.62 38.31
CA ASN C 9 8.80 -8.81 38.78
C ASN C 9 7.82 -9.97 38.64
N TRP C 10 8.25 -11.05 37.96
CA TRP C 10 7.31 -12.11 37.64
C TRP C 10 7.19 -13.15 38.74
N GLU C 11 8.02 -13.08 39.77
CA GLU C 11 7.85 -13.89 40.98
C GLU C 11 6.84 -13.25 41.92
N THR C 12 7.04 -11.97 42.22
CA THR C 12 6.28 -11.28 43.26
C THR C 12 5.09 -10.50 42.72
N GLU C 13 5.05 -10.25 41.41
CA GLU C 13 4.08 -9.39 40.75
C GLU C 13 4.19 -7.94 41.20
N VAL C 14 5.28 -7.57 41.87
CA VAL C 14 5.52 -6.17 42.13
C VAL C 14 5.74 -5.46 40.80
N VAL C 15 5.00 -4.37 40.57
CA VAL C 15 5.15 -3.54 39.39
C VAL C 15 5.69 -2.19 39.81
N LEU C 16 6.76 -1.75 39.15
CA LEU C 16 7.38 -0.46 39.41
C LEU C 16 7.17 0.45 38.19
N THR C 17 7.08 1.74 38.44
CA THR C 17 6.74 2.71 37.41
C THR C 17 7.87 3.71 37.26
N ASP C 18 8.46 3.72 36.07
CA ASP C 18 9.70 4.43 35.81
C ASP C 18 9.39 5.72 35.05
N THR C 19 9.72 6.86 35.68
CA THR C 19 9.77 8.13 34.97
C THR C 19 11.18 8.67 34.86
N LEU C 20 12.10 8.17 35.68
CA LEU C 20 13.48 8.67 35.68
C LEU C 20 14.10 8.61 34.29
N HIS C 21 13.70 7.62 33.48
CA HIS C 21 14.24 7.49 32.13
C HIS C 21 13.99 8.73 31.28
N LEU C 22 13.04 9.59 31.67
CA LEU C 22 12.81 10.80 30.89
C LEU C 22 14.02 11.73 30.97
N LYS C 23 14.91 11.53 31.93
CA LYS C 23 16.17 12.27 32.05
C LYS C 23 17.31 11.64 31.28
N SER C 24 17.03 10.59 30.51
CA SER C 24 18.09 9.87 29.81
C SER C 24 18.82 10.81 28.84
N THR C 25 20.14 10.73 28.81
CA THR C 25 20.91 11.66 28.01
C THR C 25 21.42 11.06 26.70
N LEU C 26 21.89 9.83 26.72
CA LEU C 26 22.60 9.25 25.59
C LEU C 26 21.87 8.03 25.02
N GLU C 27 22.09 7.79 23.74
CA GLU C 27 21.50 6.65 23.06
C GLU C 27 21.95 5.34 23.70
N THR C 28 21.01 4.40 23.84
CA THR C 28 21.33 3.07 24.36
C THR C 28 22.05 2.23 23.32
N GLY C 29 21.78 2.51 22.04
CA GLY C 29 22.13 1.64 20.94
C GLY C 29 20.90 1.02 20.29
N CYS C 30 19.85 0.79 21.07
CA CYS C 30 18.63 0.21 20.54
C CYS C 30 17.87 1.20 19.68
N THR C 31 16.96 0.66 18.87
CA THR C 31 15.95 1.47 18.22
C THR C 31 14.61 0.76 18.39
N GLU C 32 13.56 1.35 17.81
CA GLU C 32 12.28 0.66 17.72
C GLU C 32 12.42 -0.69 17.05
N TYR C 33 13.40 -0.84 16.15
CA TYR C 33 13.49 -2.04 15.34
C TYR C 33 14.66 -2.95 15.69
N ILE C 34 15.56 -2.54 16.58
CA ILE C 34 16.64 -3.45 16.93
C ILE C 34 16.98 -3.25 18.39
N CYS C 35 17.22 -4.34 19.10
CA CYS C 35 17.69 -4.31 20.47
C CYS C 35 19.14 -4.73 20.50
N MET C 36 19.98 -3.87 21.08
CA MET C 36 21.40 -4.15 21.28
C MET C 36 21.72 -4.42 22.74
N GLY C 37 20.73 -4.91 23.49
CA GLY C 37 20.91 -5.10 24.92
C GLY C 37 21.98 -6.10 25.33
N SER C 38 22.46 -6.95 24.42
CA SER C 38 23.55 -7.86 24.72
C SER C 38 24.82 -7.49 23.96
N ILE C 39 24.87 -6.30 23.38
CA ILE C 39 26.11 -5.80 22.80
C ILE C 39 26.91 -5.18 23.94
N MET C 40 28.18 -5.54 24.04
CA MET C 40 29.04 -5.02 25.11
C MET C 40 29.15 -3.50 25.06
N HIS C 41 29.40 -2.94 23.87
CA HIS C 41 29.55 -1.49 23.67
C HIS C 41 28.60 -1.07 22.56
N PRO C 42 27.31 -0.96 22.85
CA PRO C 42 26.34 -0.74 21.78
C PRO C 42 26.42 0.64 21.17
N SER C 43 26.94 1.64 21.88
CA SER C 43 26.79 3.01 21.43
C SER C 43 28.12 3.74 21.57
N GLN C 44 28.42 4.58 20.57
CA GLN C 44 29.51 5.53 20.70
C GLN C 44 29.01 6.94 20.93
N HIS C 45 27.74 7.09 21.31
CA HIS C 45 27.16 8.41 21.58
C HIS C 45 27.81 8.98 22.83
N ALA C 46 28.61 10.02 22.64
CA ALA C 46 29.27 10.75 23.71
C ALA C 46 28.66 12.14 23.81
N ARG C 47 28.89 12.78 24.95
CA ARG C 47 28.29 14.08 25.19
C ARG C 47 29.10 15.25 24.64
N ARG C 48 30.42 15.08 24.50
CA ARG C 48 31.31 16.10 23.94
C ARG C 48 32.25 15.44 22.94
N PRO C 49 32.56 16.10 21.83
CA PRO C 49 33.31 15.45 20.76
C PRO C 49 34.74 15.10 21.15
N GLU C 50 35.40 14.41 20.21
CA GLU C 50 36.77 13.92 20.25
C GLU C 50 37.72 14.67 21.17
N ASP C 51 38.06 15.91 20.78
CA ASP C 51 39.12 16.65 21.41
C ASP C 51 38.55 17.81 22.23
N VAL C 52 39.37 18.83 22.47
CA VAL C 52 39.02 19.94 23.35
C VAL C 52 37.79 20.67 22.80
N ALA C 53 36.70 20.60 23.55
CA ALA C 53 35.43 21.16 23.10
C ALA C 53 35.46 22.68 23.12
N THR C 54 34.70 23.27 22.20
CA THR C 54 34.46 24.71 22.23
C THR C 54 33.53 25.05 23.40
N LYS C 55 33.30 26.34 23.61
CA LYS C 55 32.46 26.73 24.74
C LYS C 55 31.02 26.23 24.57
N ASP C 56 30.44 26.39 23.37
CA ASP C 56 29.05 25.94 23.19
C ASP C 56 28.92 24.43 23.30
N GLN C 57 30.03 23.70 23.30
CA GLN C 57 29.96 22.26 23.54
C GLN C 57 30.09 21.93 25.03
N LEU C 58 31.04 22.55 25.72
CA LEU C 58 31.28 22.19 27.10
C LEU C 58 30.29 22.87 28.05
N PHE C 59 30.02 24.16 27.87
CA PHE C 59 29.20 24.85 28.86
C PHE C 59 27.82 24.24 29.05
N PRO C 60 27.08 23.85 28.00
CA PRO C 60 25.74 23.26 28.25
C PRO C 60 25.79 22.00 29.11
N LEU C 61 26.86 21.19 28.97
CA LEU C 61 27.03 20.02 29.82
C LEU C 61 27.38 20.43 31.25
N ALA C 62 28.31 21.38 31.39
CA ALA C 62 28.60 21.92 32.71
C ALA C 62 27.34 22.43 33.36
N LYS C 63 26.60 23.29 32.65
CA LYS C 63 25.38 23.88 33.21
C LYS C 63 24.41 22.80 33.65
N GLU C 64 24.19 21.78 32.81
CA GLU C 64 23.27 20.72 33.18
C GLU C 64 23.69 20.05 34.48
N PHE C 65 24.98 19.76 34.62
CA PHE C 65 25.43 19.06 35.82
C PHE C 65 25.33 19.97 37.05
N ILE C 66 25.74 21.22 36.90
CA ILE C 66 25.66 22.16 38.03
C ILE C 66 24.20 22.36 38.43
N ASP C 67 23.33 22.52 37.43
CA ASP C 67 21.89 22.55 37.66
C ASP C 67 21.46 21.33 38.48
N GLN C 68 21.83 20.14 37.99
CA GLN C 68 21.47 18.91 38.69
C GLN C 68 22.00 18.91 40.12
N TYR C 69 23.27 19.32 40.31
CA TYR C 69 23.85 19.31 41.65
C TYR C 69 23.13 20.28 42.58
N TYR C 70 22.87 21.52 42.11
CA TYR C 70 22.20 22.46 43.00
C TYR C 70 20.73 22.10 43.19
N SER C 71 20.11 21.50 42.18
CA SER C 71 18.77 20.93 42.39
C SER C 71 18.84 19.86 43.46
N SER C 72 19.87 19.01 43.43
CA SER C 72 19.96 17.91 44.38
C SER C 72 20.03 18.40 45.82
N ILE C 73 20.62 19.58 46.07
CA ILE C 73 20.76 20.07 47.43
C ILE C 73 19.69 21.12 47.73
N LYS C 74 18.54 21.02 47.06
CA LYS C 74 17.39 21.87 47.35
C LYS C 74 17.75 23.36 47.27
N ARG C 75 18.72 23.67 46.41
CA ARG C 75 18.94 25.05 46.00
C ARG C 75 18.32 25.22 44.62
N PHE C 76 19.18 25.49 43.62
CA PHE C 76 18.78 25.79 42.25
C PHE C 76 18.23 27.20 42.15
N GLY C 77 18.90 28.02 41.35
CA GLY C 77 18.63 29.42 41.32
C GLY C 77 19.15 30.18 42.50
N SER C 78 19.70 29.49 43.50
CA SER C 78 20.25 30.17 44.67
C SER C 78 21.41 31.07 44.26
N LYS C 79 21.84 31.89 45.22
CA LYS C 79 23.00 32.74 44.99
C LYS C 79 24.22 31.92 44.57
N ALA C 80 24.55 30.87 45.32
CA ALA C 80 25.72 30.06 44.99
C ALA C 80 25.55 29.37 43.63
N HIS C 81 24.33 28.96 43.29
CA HIS C 81 24.12 28.31 42.00
C HIS C 81 24.41 29.28 40.86
N MET C 82 23.85 30.49 40.92
CA MET C 82 24.06 31.46 39.86
C MET C 82 25.53 31.88 39.81
N GLU C 83 26.14 32.07 40.98
CA GLU C 83 27.57 32.34 41.05
C GLU C 83 28.38 31.19 40.45
N ARG C 84 28.00 29.95 40.77
CA ARG C 84 28.74 28.80 40.25
C ARG C 84 28.65 28.76 38.73
N LEU C 85 27.46 29.00 38.18
CA LEU C 85 27.30 29.11 36.73
C LEU C 85 28.24 30.16 36.16
N GLU C 86 28.24 31.35 36.74
CA GLU C 86 29.07 32.43 36.22
C GLU C 86 30.54 32.11 36.36
N GLU C 87 30.91 31.36 37.40
CA GLU C 87 32.31 30.97 37.59
C GLU C 87 32.72 29.93 36.55
N VAL C 88 31.90 28.89 36.37
CA VAL C 88 32.19 27.89 35.35
C VAL C 88 32.28 28.57 33.98
N ASN C 89 31.47 29.60 33.78
CA ASN C 89 31.44 30.32 32.51
C ASN C 89 32.76 31.04 32.26
N LYS C 90 33.25 31.77 33.27
CA LYS C 90 34.54 32.45 33.12
C LYS C 90 35.66 31.43 32.99
N GLU C 91 35.59 30.33 33.75
CA GLU C 91 36.62 29.30 33.70
C GLU C 91 36.74 28.72 32.29
N ILE C 92 35.61 28.39 31.68
CA ILE C 92 35.65 27.85 30.32
C ILE C 92 36.18 28.90 29.35
N ASP C 93 35.79 30.17 29.56
CA ASP C 93 36.26 31.28 28.73
C ASP C 93 37.78 31.44 28.76
N THR C 94 38.42 31.08 29.87
CA THR C 94 39.83 31.36 30.04
C THR C 94 40.73 30.13 29.97
N THR C 95 40.19 28.94 30.16
CA THR C 95 40.97 27.71 30.15
C THR C 95 40.40 26.63 29.24
N SER C 96 39.23 26.85 28.63
CA SER C 96 38.53 25.88 27.79
C SER C 96 38.04 24.66 28.57
N THR C 97 38.11 24.68 29.89
CA THR C 97 37.59 23.64 30.77
C THR C 97 37.14 24.32 32.05
N TYR C 98 36.84 23.53 33.08
CA TYR C 98 36.56 24.10 34.40
C TYR C 98 36.85 23.04 35.44
N GLN C 99 36.80 23.45 36.71
CA GLN C 99 37.21 22.61 37.83
C GLN C 99 36.02 22.39 38.74
N LEU C 100 35.77 21.14 39.10
CA LEU C 100 34.72 20.81 40.04
C LEU C 100 35.13 21.20 41.45
N LYS C 101 34.18 21.79 42.19
CA LYS C 101 34.27 21.86 43.64
C LYS C 101 34.32 20.46 44.23
N ASP C 102 34.92 20.36 45.42
CA ASP C 102 35.02 19.09 46.11
C ASP C 102 33.65 18.43 46.31
N THR C 103 32.64 19.22 46.69
CA THR C 103 31.29 18.67 46.87
C THR C 103 30.73 18.15 45.54
N GLU C 104 30.98 18.88 44.46
CA GLU C 104 30.46 18.47 43.15
C GLU C 104 31.12 17.19 42.68
N LEU C 105 32.44 17.10 42.88
CA LEU C 105 33.19 15.89 42.57
C LEU C 105 32.65 14.70 43.34
N ILE C 106 32.40 14.88 44.64
CA ILE C 106 31.90 13.78 45.44
C ILE C 106 30.50 13.39 44.96
N TYR C 107 29.65 14.38 44.72
CA TYR C 107 28.33 14.15 44.18
C TYR C 107 28.42 13.39 42.85
N GLY C 108 29.26 13.89 41.94
CA GLY C 108 29.37 13.29 40.62
C GLY C 108 29.86 11.85 40.66
N ALA C 109 30.84 11.57 41.52
CA ALA C 109 31.35 10.21 41.59
C ALA C 109 30.31 9.26 42.16
N LYS C 110 29.62 9.68 43.23
CA LYS C 110 28.59 8.81 43.79
C LYS C 110 27.49 8.57 42.78
N HIS C 111 27.17 9.58 41.98
CA HIS C 111 26.05 9.44 41.07
C HIS C 111 26.43 8.68 39.82
N ALA C 112 27.71 8.74 39.42
CA ALA C 112 28.18 7.85 38.36
C ALA C 112 28.03 6.40 38.79
N TRP C 113 28.33 6.09 40.04
CA TRP C 113 28.09 4.75 40.55
C TRP C 113 26.59 4.47 40.63
N ARG C 114 25.81 5.43 41.15
CA ARG C 114 24.37 5.24 41.23
C ARG C 114 23.75 4.96 39.86
N ASN C 115 24.35 5.48 38.81
CA ASN C 115 23.82 5.38 37.46
C ASN C 115 24.41 4.24 36.68
N ALA C 116 25.33 3.48 37.27
CA ALA C 116 25.96 2.34 36.58
C ALA C 116 24.97 1.19 36.38
N SER C 117 24.27 1.18 35.24
CA SER C 117 23.20 0.20 35.07
CA SER C 117 23.22 0.20 35.00
C SER C 117 23.70 -1.23 35.19
N ARG C 118 24.99 -1.48 34.96
CA ARG C 118 25.50 -2.84 34.99
C ARG C 118 25.91 -3.32 36.38
N CYS C 119 25.80 -2.49 37.41
CA CYS C 119 26.41 -2.81 38.69
C CYS C 119 25.35 -3.25 39.67
N VAL C 120 25.46 -4.50 40.14
CA VAL C 120 24.52 -5.08 41.10
C VAL C 120 24.82 -4.61 42.51
N GLY C 121 25.92 -3.92 42.73
CA GLY C 121 26.29 -3.48 44.07
C GLY C 121 25.80 -2.11 44.48
N ARG C 122 25.00 -1.43 43.66
CA ARG C 122 24.69 -0.01 43.87
C ARG C 122 23.86 0.29 45.10
N ILE C 123 23.44 -0.70 45.90
CA ILE C 123 22.71 -0.34 47.09
C ILE C 123 23.61 0.49 48.02
N GLN C 124 24.92 0.33 47.88
CA GLN C 124 25.93 1.03 48.66
C GLN C 124 26.29 2.40 48.08
N TRP C 125 25.70 2.79 46.94
CA TRP C 125 26.24 3.87 46.11
C TRP C 125 26.60 5.12 46.90
N SER C 126 25.80 5.48 47.90
CA SER C 126 26.04 6.76 48.58
C SER C 126 27.10 6.64 49.68
N LYS C 127 27.61 5.43 49.91
CA LYS C 127 28.65 5.16 50.89
C LYS C 127 29.93 4.86 50.12
N LEU C 128 30.52 5.91 49.58
CA LEU C 128 31.70 5.82 48.72
C LEU C 128 32.70 6.84 49.23
N GLN C 129 33.92 6.40 49.45
CA GLN C 129 34.98 7.30 49.90
C GLN C 129 35.65 7.86 48.65
N VAL C 130 35.59 9.18 48.50
CA VAL C 130 36.13 9.84 47.30
C VAL C 130 37.48 10.46 47.67
N PHE C 131 38.56 9.96 47.06
CA PHE C 131 39.89 10.54 47.21
C PHE C 131 40.18 11.46 46.04
N ASP C 132 40.28 12.74 46.33
CA ASP C 132 40.58 13.75 45.33
C ASP C 132 42.08 13.72 45.04
N ALA C 133 42.46 13.26 43.85
CA ALA C 133 43.86 13.22 43.46
C ALA C 133 44.13 14.15 42.29
N ARG C 134 43.35 15.21 42.17
CA ARG C 134 43.49 16.13 41.05
C ARG C 134 44.73 17.00 41.15
N ASP C 135 45.41 17.00 42.28
CA ASP C 135 46.67 17.74 42.35
C ASP C 135 47.84 16.89 41.88
N CYS C 136 47.57 15.66 41.46
CA CYS C 136 48.63 14.75 41.05
C CYS C 136 49.27 15.25 39.76
N THR C 137 50.59 15.09 39.65
CA THR C 137 51.33 15.54 38.47
C THR C 137 52.25 14.50 37.84
N THR C 138 52.68 13.47 38.57
CA THR C 138 53.58 12.47 38.02
C THR C 138 53.06 11.08 38.34
N ALA C 139 53.64 10.09 37.65
CA ALA C 139 53.25 8.70 37.89
C ALA C 139 53.63 8.25 39.30
N HIS C 140 54.75 8.75 39.83
CA HIS C 140 55.05 8.49 41.23
C HIS C 140 53.90 8.93 42.13
N GLY C 141 53.38 10.13 41.89
CA GLY C 141 52.25 10.60 42.68
C GLY C 141 51.02 9.72 42.50
N MET C 142 50.77 9.27 41.28
CA MET C 142 49.67 8.32 41.06
C MET C 142 49.90 7.05 41.85
N PHE C 143 51.14 6.56 41.87
CA PHE C 143 51.45 5.36 42.63
C PHE C 143 51.14 5.58 44.10
N ASN C 144 51.59 6.72 44.65
CA ASN C 144 51.30 7.07 46.04
C ASN C 144 49.78 7.07 46.30
N TYR C 145 49.03 7.75 45.44
CA TYR C 145 47.57 7.82 45.63
C TYR C 145 46.92 6.44 45.55
N ILE C 146 47.38 5.61 44.61
CA ILE C 146 46.79 4.29 44.44
C ILE C 146 47.10 3.40 45.64
N CYS C 147 48.32 3.54 46.17
CA CYS C 147 48.67 2.76 47.35
C CYS C 147 47.79 3.12 48.52
N ASN C 148 47.56 4.42 48.73
CA ASN C 148 46.71 4.85 49.82
C ASN C 148 45.28 4.37 49.59
N HIS C 149 44.83 4.43 48.34
CA HIS C 149 43.51 3.90 48.01
C HIS C 149 43.42 2.43 48.37
N VAL C 150 44.39 1.64 47.91
CA VAL C 150 44.38 0.21 48.15
C VAL C 150 44.41 -0.08 49.65
N LYS C 151 45.26 0.62 50.41
CA LYS C 151 45.31 0.39 51.85
C LYS C 151 43.98 0.72 52.49
N TYR C 152 43.42 1.90 52.17
CA TYR C 152 42.16 2.31 52.77
C TYR C 152 41.04 1.36 52.39
N ALA C 153 40.93 1.06 51.09
CA ALA C 153 39.87 0.19 50.58
C ALA C 153 39.96 -1.20 51.19
N THR C 154 41.18 -1.73 51.31
CA THR C 154 41.35 -3.08 51.82
C THR C 154 40.96 -3.15 53.28
N ASN C 155 41.52 -2.26 54.11
CA ASN C 155 41.10 -2.11 55.50
C ASN C 155 41.18 -3.44 56.24
N LYS C 156 42.30 -4.15 56.04
CA LYS C 156 42.56 -5.43 56.68
C LYS C 156 41.44 -6.44 56.46
N GLY C 157 40.78 -6.39 55.29
CA GLY C 157 39.73 -7.33 54.95
C GLY C 157 38.32 -6.81 55.10
N ASN C 158 38.12 -5.77 55.93
CA ASN C 158 36.82 -5.13 56.08
C ASN C 158 36.70 -4.05 55.01
N LEU C 159 36.42 -4.52 53.78
CA LEU C 159 36.61 -3.70 52.60
C LEU C 159 35.68 -2.49 52.59
N ARG C 160 36.17 -1.44 51.97
CA ARG C 160 35.50 -0.16 51.97
C ARG C 160 35.55 0.35 50.54
N SER C 161 34.40 0.74 50.02
CA SER C 161 34.35 1.18 48.66
C SER C 161 34.99 2.56 48.54
N ALA C 162 35.80 2.75 47.51
CA ALA C 162 36.54 3.98 47.34
C ALA C 162 36.79 4.22 45.86
N ILE C 163 36.95 5.48 45.51
CA ILE C 163 37.39 5.91 44.19
C ILE C 163 38.46 6.98 44.38
N THR C 164 39.47 6.96 43.52
CA THR C 164 40.51 7.98 43.50
C THR C 164 40.47 8.65 42.14
N ILE C 165 40.33 9.97 42.14
CA ILE C 165 40.06 10.70 40.92
C ILE C 165 41.28 11.57 40.58
N PHE C 166 41.98 11.20 39.52
CA PHE C 166 43.15 11.89 39.02
C PHE C 166 42.75 13.04 38.11
N PRO C 167 43.70 13.90 37.72
CA PRO C 167 43.34 15.08 36.94
C PRO C 167 42.54 14.74 35.69
N GLN C 168 41.52 15.56 35.44
CA GLN C 168 40.68 15.39 34.27
C GLN C 168 41.47 15.57 32.98
N ARG C 169 40.89 15.06 31.90
CA ARG C 169 41.46 15.24 30.57
C ARG C 169 41.39 16.70 30.15
N THR C 170 42.42 17.14 29.44
CA THR C 170 42.49 18.53 29.00
C THR C 170 42.39 18.58 27.49
N ASP C 171 43.49 18.31 26.79
CA ASP C 171 43.50 18.28 25.33
C ASP C 171 43.55 16.87 24.76
N GLY C 172 43.54 15.84 25.60
CA GLY C 172 43.65 14.47 25.13
C GLY C 172 45.07 13.99 24.90
N LYS C 173 46.05 14.89 24.89
CA LYS C 173 47.44 14.48 24.79
C LYS C 173 48.12 14.48 26.15
N HIS C 174 47.42 14.87 27.21
CA HIS C 174 47.96 14.95 28.56
C HIS C 174 47.18 14.06 29.52
N ASP C 175 46.67 12.94 29.01
CA ASP C 175 45.79 12.08 29.81
C ASP C 175 46.54 11.47 30.99
N PHE C 176 45.88 11.42 32.13
CA PHE C 176 46.25 10.49 33.19
C PHE C 176 45.56 9.16 32.94
N ARG C 177 46.32 8.07 32.99
CA ARG C 177 45.75 6.74 32.79
C ARG C 177 46.43 5.75 33.70
N VAL C 178 45.63 4.91 34.35
CA VAL C 178 46.10 3.64 34.86
C VAL C 178 46.00 2.66 33.70
N TRP C 179 47.13 2.12 33.26
CA TRP C 179 47.12 1.21 32.13
C TRP C 179 46.57 -0.16 32.50
N ASN C 180 46.65 -0.53 33.77
CA ASN C 180 46.02 -1.76 34.24
C ASN C 180 44.51 -1.65 34.08
N SER C 181 43.87 -2.80 33.83
CA SER C 181 42.42 -2.81 33.80
C SER C 181 41.86 -2.84 35.22
N GLN C 182 42.48 -3.61 36.11
CA GLN C 182 42.24 -3.47 37.54
C GLN C 182 43.57 -3.22 38.24
N LEU C 183 43.49 -2.53 39.38
CA LEU C 183 44.68 -2.26 40.17
C LEU C 183 45.44 -3.53 40.47
N ILE C 184 44.71 -4.59 40.85
CA ILE C 184 45.32 -5.87 41.20
C ILE C 184 44.77 -6.93 40.26
N ARG C 185 45.66 -7.52 39.47
CA ARG C 185 45.36 -8.67 38.62
C ARG C 185 46.62 -9.51 38.51
N TYR C 186 46.44 -10.72 38.01
CA TYR C 186 47.55 -11.65 37.89
C TYR C 186 48.06 -11.69 36.46
N ALA C 187 49.38 -11.90 36.34
CA ALA C 187 50.01 -11.95 35.04
C ALA C 187 49.50 -13.13 34.22
N GLY C 188 49.61 -13.00 32.90
CA GLY C 188 49.35 -14.07 31.97
C GLY C 188 50.55 -14.31 31.07
N TYR C 189 50.99 -15.56 30.97
CA TYR C 189 52.21 -15.90 30.24
C TYR C 189 51.91 -16.81 29.08
N LYS C 190 52.38 -16.42 27.89
CA LYS C 190 52.33 -17.27 26.70
C LYS C 190 53.43 -18.31 26.83
N GLN C 191 53.04 -19.58 26.94
CA GLN C 191 53.98 -20.67 27.21
C GLN C 191 54.60 -21.17 25.92
N PRO C 192 55.69 -21.96 26.02
CA PRO C 192 56.37 -22.41 24.79
C PRO C 192 55.51 -23.32 23.92
N ASP C 193 54.82 -24.30 24.51
CA ASP C 193 53.94 -25.16 23.72
C ASP C 193 52.80 -24.39 23.07
N GLY C 194 52.45 -23.22 23.61
CA GLY C 194 51.33 -22.45 23.11
C GLY C 194 50.20 -22.31 24.10
N SER C 195 50.19 -23.07 25.18
CA SER C 195 49.21 -22.88 26.25
C SER C 195 49.58 -21.62 27.03
N THR C 196 48.88 -21.35 28.12
CA THR C 196 48.99 -20.07 28.81
C THR C 196 49.10 -20.29 30.31
N LEU C 197 50.09 -19.63 30.92
CA LEU C 197 50.31 -19.70 32.35
C LEU C 197 49.73 -18.45 33.02
N GLY C 198 49.04 -18.66 34.14
CA GLY C 198 48.38 -17.56 34.83
C GLY C 198 47.05 -17.16 34.24
N ASP C 199 46.80 -15.85 34.12
CA ASP C 199 45.52 -15.33 33.67
C ASP C 199 45.61 -14.98 32.19
N PRO C 200 44.91 -15.71 31.31
CA PRO C 200 45.04 -15.42 29.88
C PRO C 200 44.57 -14.03 29.49
N ALA C 201 43.60 -13.45 30.21
CA ALA C 201 43.13 -12.11 29.86
C ALA C 201 44.26 -11.09 29.86
N ASN C 202 45.26 -11.29 30.71
CA ASN C 202 46.30 -10.30 30.93
C ASN C 202 47.58 -10.63 30.18
N VAL C 203 47.53 -11.57 29.22
CA VAL C 203 48.74 -11.94 28.49
C VAL C 203 49.33 -10.73 27.79
N GLN C 204 48.50 -10.00 27.05
CA GLN C 204 49.00 -8.82 26.34
C GLN C 204 49.49 -7.75 27.31
N PHE C 205 48.71 -7.48 28.35
CA PHE C 205 49.16 -6.49 29.31
C PHE C 205 50.42 -6.95 30.04
N THR C 206 50.47 -8.23 30.42
CA THR C 206 51.70 -8.79 31.00
C THR C 206 52.87 -8.62 30.05
N GLU C 207 52.64 -8.79 28.75
CA GLU C 207 53.73 -8.64 27.79
C GLU C 207 54.18 -7.19 27.71
N ILE C 208 53.25 -6.24 27.74
CA ILE C 208 53.62 -4.83 27.78
C ILE C 208 54.50 -4.56 28.99
N CYS C 209 54.11 -5.07 30.16
CA CYS C 209 54.92 -4.89 31.36
C CYS C 209 56.30 -5.50 31.18
N ILE C 210 56.38 -6.72 30.64
CA ILE C 210 57.69 -7.35 30.44
C ILE C 210 58.49 -6.54 29.43
N GLN C 211 57.86 -6.15 28.33
CA GLN C 211 58.43 -5.28 27.31
C GLN C 211 58.73 -3.88 27.85
N GLN C 212 58.37 -3.57 29.09
CA GLN C 212 58.71 -2.30 29.73
C GLN C 212 59.80 -2.43 30.78
N GLY C 213 60.33 -3.64 30.99
CA GLY C 213 61.37 -3.86 31.98
C GLY C 213 60.92 -4.63 33.21
N TRP C 214 59.65 -5.03 33.28
CA TRP C 214 59.19 -5.83 34.41
C TRP C 214 59.83 -7.22 34.35
N LYS C 215 60.32 -7.67 35.49
CA LYS C 215 60.90 -9.00 35.64
C LYS C 215 59.80 -9.95 36.09
N PRO C 216 59.29 -10.79 35.20
CA PRO C 216 58.21 -11.68 35.59
C PRO C 216 58.74 -12.83 36.42
N PRO C 217 58.16 -13.06 37.60
CA PRO C 217 58.47 -14.32 38.32
C PRO C 217 57.99 -15.55 37.59
N ARG C 218 57.03 -15.41 36.67
CA ARG C 218 56.50 -16.46 35.81
C ARG C 218 55.80 -17.57 36.61
N GLY C 219 54.81 -17.16 37.42
CA GLY C 219 53.94 -18.07 38.11
C GLY C 219 52.49 -17.96 37.63
N ARG C 220 51.63 -18.72 38.31
CA ARG C 220 50.21 -18.70 38.02
C ARG C 220 49.51 -17.49 38.65
N PHE C 221 50.13 -16.86 39.66
CA PHE C 221 49.50 -15.80 40.44
C PHE C 221 50.52 -14.71 40.75
N ASP C 222 51.12 -14.15 39.71
CA ASP C 222 52.03 -13.02 39.83
C ASP C 222 51.21 -11.73 39.77
N VAL C 223 51.17 -11.01 40.88
CA VAL C 223 50.48 -9.71 40.86
C VAL C 223 51.21 -8.79 39.90
N LEU C 224 50.49 -8.29 38.90
CA LEU C 224 51.08 -7.42 37.91
C LEU C 224 51.53 -6.10 38.55
N PRO C 225 52.58 -5.48 38.00
CA PRO C 225 52.94 -4.13 38.44
C PRO C 225 51.89 -3.16 37.96
N LEU C 226 51.85 -1.99 38.60
CA LEU C 226 51.07 -0.89 38.06
C LEU C 226 51.84 -0.25 36.93
N LEU C 227 51.12 0.11 35.87
CA LEU C 227 51.65 0.84 34.71
C LEU C 227 50.90 2.15 34.67
N LEU C 228 51.52 3.22 35.15
CA LEU C 228 50.82 4.46 35.45
C LEU C 228 51.29 5.56 34.49
N GLN C 229 50.33 6.30 33.96
CA GLN C 229 50.60 7.39 33.02
C GLN C 229 50.05 8.69 33.57
N ALA C 230 50.93 9.68 33.70
CA ALA C 230 50.58 11.00 34.20
C ALA C 230 50.83 12.03 33.11
N ASN C 231 49.82 12.84 32.83
CA ASN C 231 49.96 14.02 31.97
C ASN C 231 50.47 13.63 30.58
N GLY C 232 49.95 12.54 30.04
CA GLY C 232 50.27 12.12 28.70
C GLY C 232 51.65 11.53 28.50
N ASN C 233 52.46 11.49 29.55
CA ASN C 233 53.82 10.98 29.40
C ASN C 233 53.79 9.45 29.28
N ASP C 234 54.93 8.90 28.90
CA ASP C 234 55.11 7.46 28.83
C ASP C 234 54.78 6.84 30.19
N PRO C 235 54.13 5.67 30.21
CA PRO C 235 53.77 5.06 31.48
C PRO C 235 54.98 4.53 32.22
N GLU C 236 54.84 4.38 33.55
CA GLU C 236 55.94 3.96 34.39
C GLU C 236 55.51 2.81 35.28
N LEU C 237 56.40 1.82 35.43
CA LEU C 237 56.09 0.62 36.19
C LEU C 237 56.30 0.83 37.68
N PHE C 238 55.40 0.28 38.49
CA PHE C 238 55.49 0.32 39.94
C PHE C 238 55.00 -0.99 40.52
N GLN C 239 55.76 -1.57 41.44
CA GLN C 239 55.32 -2.78 42.14
C GLN C 239 54.52 -2.38 43.36
N ILE C 240 53.26 -2.81 43.43
CA ILE C 240 52.46 -2.55 44.63
C ILE C 240 53.10 -3.30 45.79
N PRO C 241 53.30 -2.67 46.94
CA PRO C 241 53.88 -3.38 48.08
C PRO C 241 53.01 -4.54 48.49
N PRO C 242 53.57 -5.77 48.51
CA PRO C 242 52.74 -6.96 48.74
C PRO C 242 51.90 -6.91 50.00
N GLU C 243 52.39 -6.27 51.07
CA GLU C 243 51.60 -6.18 52.29
C GLU C 243 50.31 -5.40 52.06
N LEU C 244 50.21 -4.68 50.96
CA LEU C 244 48.97 -4.02 50.61
C LEU C 244 48.02 -4.90 49.81
N VAL C 245 48.48 -6.02 49.26
CA VAL C 245 47.69 -6.85 48.34
C VAL C 245 47.15 -8.02 49.15
N LEU C 246 45.93 -7.84 49.66
CA LEU C 246 45.31 -8.90 50.44
C LEU C 246 44.90 -10.01 49.49
N GLU C 247 45.36 -11.23 49.75
CA GLU C 247 45.01 -12.39 48.96
C GLU C 247 44.38 -13.44 49.87
N VAL C 248 43.52 -14.26 49.28
CA VAL C 248 42.82 -15.29 50.01
C VAL C 248 43.17 -16.64 49.38
N PRO C 249 43.79 -17.56 50.12
CA PRO C 249 43.96 -18.92 49.59
C PRO C 249 42.61 -19.63 49.56
N ILE C 250 42.31 -20.28 48.45
CA ILE C 250 41.02 -20.94 48.27
C ILE C 250 41.12 -22.35 48.83
N ARG C 251 40.27 -22.64 49.81
CA ARG C 251 40.05 -23.99 50.29
C ARG C 251 38.56 -24.27 50.35
N HIS C 252 38.22 -25.55 50.48
CA HIS C 252 36.85 -26.02 50.44
C HIS C 252 36.44 -26.60 51.78
N PRO C 253 35.25 -26.27 52.26
CA PRO C 253 34.83 -26.76 53.59
C PRO C 253 34.70 -28.26 53.70
N LYS C 254 34.58 -28.98 52.59
CA LYS C 254 34.44 -30.43 52.62
C LYS C 254 35.57 -31.15 51.91
N PHE C 255 36.04 -30.62 50.79
CA PHE C 255 37.08 -31.26 49.99
C PHE C 255 38.45 -30.85 50.54
N GLU C 256 39.09 -31.76 51.28
CA GLU C 256 40.45 -31.51 51.78
C GLU C 256 41.38 -31.16 50.63
N TRP C 257 41.23 -31.85 49.49
CA TRP C 257 42.16 -31.73 48.39
C TRP C 257 42.04 -30.41 47.66
N PHE C 258 41.03 -29.60 47.95
CA PHE C 258 40.87 -28.35 47.22
C PHE C 258 42.06 -27.43 47.45
N LYS C 259 42.48 -27.26 48.71
CA LYS C 259 43.62 -26.38 48.96
C LYS C 259 44.84 -26.81 48.14
N ASP C 260 45.01 -28.13 47.97
CA ASP C 260 46.12 -28.68 47.20
C ASP C 260 46.13 -28.21 45.75
N LEU C 261 45.06 -27.57 45.28
CA LEU C 261 45.07 -27.01 43.92
C LEU C 261 45.95 -25.78 43.81
N GLY C 262 46.36 -25.20 44.93
CA GLY C 262 47.20 -24.02 44.92
C GLY C 262 46.53 -22.81 44.33
N LEU C 263 45.24 -22.64 44.54
CA LEU C 263 44.51 -21.48 44.05
C LEU C 263 44.47 -20.41 45.13
N LYS C 264 44.57 -19.15 44.70
CA LYS C 264 44.29 -18.01 45.55
C LYS C 264 43.70 -16.92 44.67
N TRP C 265 43.08 -15.93 45.31
CA TRP C 265 42.65 -14.74 44.60
C TRP C 265 42.84 -13.55 45.51
N TYR C 266 42.88 -12.38 44.91
CA TYR C 266 43.04 -11.16 45.67
C TYR C 266 41.67 -10.70 46.17
N GLY C 267 41.67 -9.90 47.22
CA GLY C 267 40.40 -9.55 47.86
C GLY C 267 39.76 -8.29 47.32
N LEU C 268 40.55 -7.47 46.65
CA LEU C 268 40.12 -6.13 46.29
C LEU C 268 39.88 -6.02 44.78
N PRO C 269 38.64 -5.96 44.32
CA PRO C 269 38.40 -5.66 42.91
C PRO C 269 38.37 -4.16 42.69
N ALA C 270 39.33 -3.65 41.91
CA ALA C 270 39.48 -2.21 41.74
C ALA C 270 39.56 -1.87 40.26
N VAL C 271 38.43 -1.49 39.66
CA VAL C 271 38.45 -1.18 38.22
C VAL C 271 39.22 0.11 37.98
N SER C 272 40.16 0.06 37.04
CA SER C 272 41.03 1.19 36.80
C SER C 272 41.13 1.64 35.35
N ASN C 273 40.37 1.05 34.42
CA ASN C 273 40.50 1.48 33.04
C ASN C 273 39.31 2.30 32.55
N MET C 274 38.37 2.61 33.42
CA MET C 274 37.16 3.26 32.95
C MET C 274 37.25 4.77 33.08
N LEU C 275 36.38 5.45 32.35
CA LEU C 275 36.36 6.90 32.31
C LEU C 275 35.17 7.39 33.12
N LEU C 276 35.42 8.36 33.98
CA LEU C 276 34.37 8.98 34.79
C LEU C 276 34.03 10.33 34.19
N GLU C 277 32.76 10.51 33.85
CA GLU C 277 32.30 11.66 33.09
C GLU C 277 31.32 12.45 33.94
N ILE C 278 31.64 13.71 34.19
CA ILE C 278 30.85 14.57 35.06
C ILE C 278 30.80 15.95 34.42
N GLY C 279 29.59 16.44 34.13
CA GLY C 279 29.41 17.74 33.51
C GLY C 279 30.34 18.03 32.35
N GLY C 280 30.48 17.05 31.44
CA GLY C 280 31.37 17.21 30.30
C GLY C 280 32.85 17.08 30.61
N LEU C 281 33.23 16.97 31.88
CA LEU C 281 34.62 16.70 32.24
C LEU C 281 34.87 15.20 32.19
N GLU C 282 36.05 14.82 31.73
CA GLU C 282 36.41 13.41 31.56
C GLU C 282 37.59 13.08 32.47
N PHE C 283 37.35 12.24 33.47
CA PHE C 283 38.40 11.78 34.36
C PHE C 283 38.83 10.40 33.87
N SER C 284 39.92 10.37 33.11
CA SER C 284 40.37 9.15 32.46
C SER C 284 41.11 8.20 33.39
N ALA C 285 41.41 8.63 34.61
CA ALA C 285 42.04 7.79 35.60
C ALA C 285 41.24 7.98 36.88
N CYS C 286 40.40 7.01 37.18
CA CYS C 286 39.46 7.09 38.28
C CYS C 286 39.28 5.71 38.91
N PRO C 287 40.37 5.04 39.31
CA PRO C 287 40.22 3.68 39.82
C PRO C 287 39.27 3.63 41.00
N PHE C 288 38.29 2.72 40.92
CA PHE C 288 37.31 2.55 41.96
C PHE C 288 37.25 1.09 42.37
N SER C 289 36.93 0.87 43.64
CA SER C 289 36.94 -0.48 44.18
C SER C 289 35.81 -0.64 45.15
N GLY C 290 35.35 -1.87 45.29
CA GLY C 290 34.46 -2.19 46.37
C GLY C 290 34.82 -3.55 46.93
N TRP C 291 33.93 -4.53 46.79
CA TRP C 291 34.23 -5.89 47.20
C TRP C 291 33.58 -6.85 46.20
N TYR C 292 34.03 -8.10 46.24
CA TYR C 292 33.67 -9.06 45.22
C TYR C 292 32.30 -9.68 45.50
N MET C 293 31.59 -9.98 44.43
CA MET C 293 30.56 -11.00 44.46
C MET C 293 31.26 -12.30 44.10
N GLY C 294 31.02 -13.35 44.90
CA GLY C 294 31.81 -14.57 44.76
C GLY C 294 31.86 -15.12 43.35
N THR C 295 30.76 -14.98 42.61
CA THR C 295 30.70 -15.51 41.25
C THR C 295 31.67 -14.81 40.31
N GLU C 296 32.14 -13.61 40.63
CA GLU C 296 33.11 -12.97 39.73
C GLU C 296 34.42 -13.74 39.72
N ILE C 297 34.89 -14.14 40.90
CA ILE C 297 36.06 -15.01 41.00
C ILE C 297 35.71 -16.41 40.54
N GLY C 298 34.76 -17.05 41.24
CA GLY C 298 34.55 -18.47 41.08
C GLY C 298 33.93 -18.87 39.76
N VAL C 299 33.12 -18.00 39.16
CA VAL C 299 32.53 -18.35 37.88
C VAL C 299 33.37 -17.78 36.73
N ARG C 300 33.53 -16.45 36.68
CA ARG C 300 34.16 -15.82 35.54
C ARG C 300 35.69 -15.92 35.58
N ASP C 301 36.31 -15.54 36.69
CA ASP C 301 37.78 -15.56 36.74
C ASP C 301 38.33 -16.98 36.62
N TYR C 302 37.72 -17.94 37.32
CA TYR C 302 38.28 -19.29 37.37
C TYR C 302 37.79 -20.19 36.25
N CYS C 303 36.55 -19.98 35.77
CA CYS C 303 35.89 -20.95 34.90
C CYS C 303 35.61 -20.49 33.48
N ASP C 304 35.75 -19.19 33.16
CA ASP C 304 35.72 -18.80 31.77
C ASP C 304 36.78 -19.59 31.00
N ASN C 305 36.47 -19.89 29.73
CA ASN C 305 37.38 -20.70 28.94
C ASN C 305 38.70 -19.98 28.68
N SER C 306 38.64 -18.73 28.24
CA SER C 306 39.84 -17.94 28.01
C SER C 306 40.32 -17.22 29.28
N ARG C 307 39.94 -17.73 30.45
CA ARG C 307 40.53 -17.28 31.71
C ARG C 307 41.23 -18.46 32.36
N TYR C 308 41.06 -18.66 33.68
CA TYR C 308 41.82 -19.71 34.35
C TYR C 308 41.33 -21.10 33.97
N ASN C 309 40.05 -21.25 33.63
CA ASN C 309 39.56 -22.48 32.99
C ASN C 309 39.83 -23.72 33.84
N ILE C 310 39.63 -23.61 35.16
CA ILE C 310 40.06 -24.68 36.06
C ILE C 310 38.99 -25.76 36.23
N LEU C 311 37.94 -25.73 35.38
CA LEU C 311 36.81 -26.65 35.55
C LEU C 311 37.27 -28.11 35.48
N GLU C 312 38.02 -28.47 34.44
CA GLU C 312 38.40 -29.86 34.26
C GLU C 312 39.22 -30.38 35.44
N GLU C 313 40.16 -29.56 35.94
CA GLU C 313 41.03 -30.03 37.02
C GLU C 313 40.24 -30.22 38.31
N VAL C 314 39.29 -29.32 38.59
CA VAL C 314 38.41 -29.53 39.73
C VAL C 314 37.51 -30.73 39.50
N ALA C 315 37.00 -30.88 38.27
CA ALA C 315 36.15 -32.02 37.98
C ALA C 315 36.91 -33.34 38.12
N LYS C 316 38.17 -33.39 37.69
CA LYS C 316 38.96 -34.61 37.86
C LYS C 316 39.04 -34.99 39.33
N LYS C 317 39.46 -34.04 40.17
CA LYS C 317 39.57 -34.31 41.60
C LYS C 317 38.22 -34.72 42.20
N MET C 318 37.11 -34.16 41.71
CA MET C 318 35.81 -34.59 42.19
C MET C 318 35.41 -35.97 41.67
N ASN C 319 36.13 -36.52 40.69
CA ASN C 319 35.84 -37.83 40.09
C ASN C 319 34.49 -37.84 39.35
N LEU C 320 34.33 -36.87 38.45
CA LEU C 320 33.08 -36.68 37.72
C LEU C 320 33.17 -37.31 36.34
N ASP C 321 32.04 -37.85 35.88
CA ASP C 321 31.89 -38.32 34.51
C ASP C 321 32.09 -37.16 33.54
N MET C 322 33.27 -37.05 32.94
CA MET C 322 33.56 -35.97 32.01
C MET C 322 33.47 -36.39 30.54
N ARG C 323 32.92 -37.58 30.27
CA ARG C 323 32.75 -38.03 28.89
C ARG C 323 31.85 -37.08 28.11
N LYS C 324 30.71 -36.73 28.67
CA LYS C 324 29.67 -36.02 27.95
C LYS C 324 29.18 -34.83 28.76
N THR C 325 28.53 -33.88 28.08
CA THR C 325 28.08 -32.68 28.79
C THR C 325 26.89 -32.97 29.70
N SER C 326 26.04 -33.92 29.31
CA SER C 326 24.79 -34.17 30.02
C SER C 326 24.99 -34.67 31.44
N SER C 327 26.20 -35.09 31.82
CA SER C 327 26.42 -35.38 33.23
C SER C 327 26.48 -34.11 34.06
N LEU C 328 26.60 -32.94 33.41
CA LEU C 328 26.64 -31.65 34.08
C LEU C 328 27.85 -31.54 35.01
N TRP C 329 28.95 -32.18 34.63
CA TRP C 329 30.17 -32.11 35.45
C TRP C 329 30.71 -30.68 35.54
N LYS C 330 30.60 -29.91 34.46
CA LYS C 330 31.01 -28.51 34.55
C LYS C 330 30.18 -27.78 35.60
N ASP C 331 28.86 -27.99 35.57
CA ASP C 331 27.96 -27.32 36.51
C ASP C 331 28.27 -27.73 37.95
N GLN C 332 28.63 -29.00 38.16
CA GLN C 332 28.86 -29.50 39.51
C GLN C 332 30.14 -28.91 40.09
N ALA C 333 31.23 -28.98 39.34
CA ALA C 333 32.48 -28.37 39.78
C ALA C 333 32.30 -26.87 39.97
N LEU C 334 31.56 -26.22 39.06
CA LEU C 334 31.36 -24.77 39.16
C LEU C 334 30.79 -24.40 40.52
N VAL C 335 29.76 -25.15 40.97
CA VAL C 335 29.16 -24.88 42.27
C VAL C 335 30.18 -25.07 43.39
N GLU C 336 30.97 -26.14 43.32
CA GLU C 336 31.93 -26.40 44.37
C GLU C 336 33.01 -25.32 44.42
N ILE C 337 33.43 -24.84 43.25
CA ILE C 337 34.43 -23.77 43.20
C ILE C 337 33.90 -22.52 43.87
N ASN C 338 32.64 -22.21 43.64
CA ASN C 338 32.07 -21.01 44.23
C ASN C 338 31.78 -21.17 45.71
N ILE C 339 31.43 -22.38 46.15
CA ILE C 339 31.38 -22.63 47.59
C ILE C 339 32.73 -22.37 48.23
N ALA C 340 33.79 -22.89 47.63
CA ALA C 340 35.13 -22.71 48.19
C ALA C 340 35.49 -21.24 48.27
N VAL C 341 35.21 -20.49 47.20
CA VAL C 341 35.62 -19.09 47.16
C VAL C 341 34.94 -18.32 48.29
N LEU C 342 33.62 -18.52 48.45
CA LEU C 342 32.88 -17.87 49.53
C LEU C 342 33.39 -18.31 50.89
N TYR C 343 33.57 -19.62 51.06
CA TYR C 343 34.01 -20.14 52.35
C TYR C 343 35.39 -19.59 52.72
N SER C 344 36.28 -19.45 51.73
CA SER C 344 37.62 -18.97 52.01
C SER C 344 37.62 -17.52 52.44
N PHE C 345 37.03 -16.65 51.61
CA PHE C 345 36.91 -15.24 51.94
C PHE C 345 36.27 -15.05 53.31
N GLN C 346 35.15 -15.73 53.56
CA GLN C 346 34.49 -15.59 54.86
C GLN C 346 35.39 -16.08 56.00
N SER C 347 36.15 -17.15 55.76
CA SER C 347 37.03 -17.67 56.80
C SER C 347 38.13 -16.66 57.15
N ASP C 348 38.65 -15.98 56.14
CA ASP C 348 39.69 -14.98 56.32
C ASP C 348 39.12 -13.60 56.65
N LYS C 349 37.80 -13.53 56.84
CA LYS C 349 37.12 -12.29 57.22
C LYS C 349 37.40 -11.18 56.21
N VAL C 350 37.45 -11.56 54.94
CA VAL C 350 37.58 -10.62 53.86
C VAL C 350 36.20 -10.45 53.23
N THR C 351 35.75 -9.20 53.12
CA THR C 351 34.40 -8.93 52.66
C THR C 351 34.15 -9.64 51.33
N ILE C 352 32.98 -10.26 51.24
CA ILE C 352 32.52 -10.86 49.99
C ILE C 352 31.01 -11.04 50.13
N VAL C 353 30.31 -11.05 49.00
CA VAL C 353 28.85 -11.27 49.01
C VAL C 353 28.54 -12.36 48.00
N ASP C 354 27.67 -13.28 48.38
CA ASP C 354 27.27 -14.32 47.45
C ASP C 354 26.21 -13.78 46.50
N HIS C 355 26.05 -14.47 45.36
CA HIS C 355 25.12 -13.93 44.37
C HIS C 355 23.67 -13.95 44.85
N HIS C 356 23.32 -14.78 45.85
CA HIS C 356 21.95 -14.76 46.35
C HIS C 356 21.68 -13.48 47.14
N SER C 357 22.57 -13.13 48.05
CA SER C 357 22.41 -11.91 48.83
CA SER C 357 22.41 -11.90 48.83
C SER C 357 22.57 -10.67 47.95
N ALA C 358 23.57 -10.65 47.08
CA ALA C 358 23.79 -9.46 46.26
C ALA C 358 22.57 -9.16 45.40
N THR C 359 22.01 -10.18 44.76
CA THR C 359 20.87 -9.92 43.88
C THR C 359 19.65 -9.51 44.69
N GLU C 360 19.45 -10.11 45.86
CA GLU C 360 18.33 -9.72 46.71
C GLU C 360 18.48 -8.27 47.16
N SER C 361 19.71 -7.87 47.50
CA SER C 361 19.96 -6.48 47.84
C SER C 361 19.65 -5.56 46.67
N PHE C 362 19.93 -6.02 45.45
CA PHE C 362 19.70 -5.15 44.31
C PHE C 362 18.20 -4.93 44.05
N ILE C 363 17.38 -5.96 44.26
CA ILE C 363 15.93 -5.80 44.16
C ILE C 363 15.47 -4.75 45.17
N LYS C 364 15.93 -4.90 46.41
CA LYS C 364 15.70 -3.88 47.43
C LYS C 364 16.19 -2.52 46.94
N HIS C 365 17.36 -2.48 46.30
CA HIS C 365 17.86 -1.19 45.82
C HIS C 365 16.92 -0.62 44.76
N MET C 366 16.47 -1.48 43.83
CA MET C 366 15.54 -1.04 42.81
C MET C 366 14.30 -0.40 43.44
N GLU C 367 13.72 -1.07 44.41
CA GLU C 367 12.48 -0.57 45.00
C GLU C 367 12.73 0.79 45.65
N ASN C 368 13.80 0.89 46.43
CA ASN C 368 14.22 2.19 46.96
C ASN C 368 14.31 3.23 45.86
N GLU C 369 15.00 2.90 44.76
CA GLU C 369 15.22 3.89 43.71
C GLU C 369 13.92 4.29 43.03
N TYR C 370 13.03 3.34 42.76
CA TYR C 370 11.75 3.71 42.17
C TYR C 370 10.93 4.54 43.15
N ARG C 371 10.92 4.13 44.43
CA ARG C 371 10.23 4.88 45.47
C ARG C 371 10.74 6.32 45.58
N CYS C 372 12.05 6.54 45.55
CA CYS C 372 12.53 7.89 45.82
C CYS C 372 12.95 8.66 44.59
N ARG C 373 13.33 7.98 43.51
CA ARG C 373 13.91 8.65 42.35
C ARG C 373 13.07 8.49 41.09
N GLY C 374 12.05 7.66 41.10
CA GLY C 374 11.29 7.44 39.89
C GLY C 374 11.91 6.44 38.94
N GLY C 375 12.91 5.69 39.38
CA GLY C 375 13.46 4.65 38.56
C GLY C 375 14.89 4.31 38.94
N CYS C 376 15.43 3.36 38.20
CA CYS C 376 16.75 2.83 38.43
C CYS C 376 17.17 2.13 37.14
N PRO C 377 18.13 2.66 36.40
CA PRO C 377 18.58 1.99 35.18
C PRO C 377 19.32 0.70 35.52
N ALA C 378 18.98 -0.37 34.81
CA ALA C 378 19.56 -1.65 35.14
C ALA C 378 19.66 -2.50 33.89
N ASP C 379 20.84 -3.06 33.70
CA ASP C 379 21.15 -3.90 32.56
C ASP C 379 20.97 -5.35 33.01
N TRP C 380 19.84 -5.95 32.63
CA TRP C 380 19.55 -7.33 33.03
C TRP C 380 20.69 -8.27 32.66
N VAL C 381 21.24 -8.12 31.45
CA VAL C 381 22.26 -9.02 30.96
C VAL C 381 23.46 -9.08 31.90
N TRP C 382 23.75 -7.99 32.59
CA TRP C 382 24.90 -7.89 33.49
C TRP C 382 24.56 -8.11 34.95
N ILE C 383 23.31 -7.81 35.33
CA ILE C 383 22.91 -7.92 36.72
C ILE C 383 22.68 -9.38 37.09
N VAL C 384 22.10 -10.16 36.18
CA VAL C 384 21.84 -11.55 36.52
C VAL C 384 23.17 -12.28 36.65
N PRO C 385 23.39 -13.04 37.73
CA PRO C 385 24.70 -13.64 37.94
C PRO C 385 24.99 -14.74 36.93
N PRO C 386 26.27 -15.02 36.67
CA PRO C 386 26.63 -15.99 35.62
C PRO C 386 26.43 -17.44 36.02
N MET C 387 25.87 -17.74 37.19
CA MET C 387 25.43 -19.09 37.50
C MET C 387 24.10 -19.02 38.23
N SER C 388 23.31 -20.10 38.11
CA SER C 388 22.06 -20.25 38.85
C SER C 388 21.17 -19.03 38.69
N GLY C 389 21.09 -18.51 37.47
CA GLY C 389 20.43 -17.22 37.27
C GLY C 389 19.01 -17.18 37.79
N SER C 390 18.20 -18.17 37.40
CA SER C 390 16.79 -18.06 37.72
C SER C 390 16.45 -18.38 39.16
N ILE C 391 17.38 -18.91 39.96
CA ILE C 391 17.04 -19.06 41.37
C ILE C 391 17.53 -17.84 42.12
N THR C 392 17.77 -16.76 41.39
CA THR C 392 17.96 -15.48 42.02
C THR C 392 16.85 -14.53 41.59
N PRO C 393 16.45 -13.61 42.45
CA PRO C 393 15.27 -12.79 42.17
C PRO C 393 15.42 -11.84 41.01
N VAL C 394 16.63 -11.47 40.60
CA VAL C 394 16.76 -10.49 39.53
C VAL C 394 16.44 -11.11 38.20
N PHE C 395 16.68 -12.42 38.06
CA PHE C 395 16.34 -13.10 36.82
C PHE C 395 14.88 -12.88 36.45
N HIS C 396 14.01 -12.83 37.46
CA HIS C 396 12.58 -12.66 37.30
C HIS C 396 12.15 -11.21 37.32
N GLN C 397 13.10 -10.29 37.29
CA GLN C 397 12.84 -8.86 37.44
C GLN C 397 13.03 -8.14 36.10
N GLU C 398 11.93 -7.67 35.51
CA GLU C 398 12.07 -6.77 34.38
C GLU C 398 12.83 -5.52 34.80
N MET C 399 13.73 -5.06 33.93
CA MET C 399 14.51 -3.86 34.15
C MET C 399 14.47 -2.98 32.91
N LEU C 400 14.57 -1.67 33.13
CA LEU C 400 14.72 -0.70 32.05
C LEU C 400 16.14 -0.19 32.06
N ASN C 401 16.76 -0.18 30.89
CA ASN C 401 18.14 0.30 30.80
C ASN C 401 18.17 1.60 30.04
N TYR C 402 18.80 2.62 30.64
CA TYR C 402 18.96 3.92 30.02
C TYR C 402 20.21 4.58 30.61
N ARG C 403 20.72 5.57 29.91
CA ARG C 403 22.03 6.17 30.22
C ARG C 403 21.81 7.52 30.91
N LEU C 404 22.17 7.59 32.19
CA LEU C 404 22.11 8.82 32.97
C LEU C 404 23.52 9.36 33.16
N THR C 405 23.62 10.67 33.39
CA THR C 405 24.89 11.30 33.67
C THR C 405 24.83 11.95 35.04
N PRO C 406 25.97 12.00 35.78
CA PRO C 406 27.32 11.47 35.56
C PRO C 406 27.38 9.96 35.34
N SER C 407 28.43 9.50 34.67
CA SER C 407 28.51 8.07 34.39
C SER C 407 29.96 7.63 34.32
N PHE C 408 30.14 6.31 34.44
CA PHE C 408 31.37 5.63 34.07
C PHE C 408 31.21 5.12 32.65
N GLU C 409 32.23 5.37 31.83
CA GLU C 409 32.23 4.94 30.45
C GLU C 409 33.47 4.09 30.23
N TYR C 410 33.43 3.28 29.19
CA TYR C 410 34.67 2.67 28.75
C TYR C 410 35.47 3.67 27.92
N GLN C 411 36.72 3.32 27.69
CA GLN C 411 37.63 4.11 26.87
C GLN C 411 38.62 3.15 26.26
N PRO C 412 39.24 3.52 25.16
CA PRO C 412 40.19 2.61 24.52
C PRO C 412 41.37 2.34 25.44
N ASP C 413 41.91 1.13 25.35
CA ASP C 413 43.15 0.81 26.04
C ASP C 413 44.23 1.77 25.59
N PRO C 414 44.97 2.40 26.51
CA PRO C 414 45.87 3.49 26.13
C PRO C 414 47.01 3.04 25.22
N TRP C 415 47.34 1.75 25.18
CA TRP C 415 48.44 1.36 24.32
C TRP C 415 48.04 1.33 22.85
N ASN C 416 46.75 1.39 22.55
CA ASN C 416 46.30 1.56 21.16
C ASN C 416 46.42 3.00 20.69
N THR C 417 46.44 3.96 21.62
CA THR C 417 46.42 5.38 21.27
C THR C 417 47.67 6.15 21.67
N HIS C 418 48.48 5.64 22.58
CA HIS C 418 49.59 6.42 23.13
C HIS C 418 50.77 6.43 22.17
N VAL C 419 51.21 7.62 21.77
CA VAL C 419 52.45 7.77 21.02
C VAL C 419 53.57 8.00 22.02
N TRP C 420 54.60 7.17 21.94
CA TRP C 420 55.65 7.15 22.96
C TRP C 420 56.64 8.29 22.73
N LYS C 421 57.35 8.63 23.80
CA LYS C 421 58.39 9.66 23.73
C LYS C 421 59.77 8.99 23.58
N ARG D 3 23.59 -0.27 5.65
CA ARG D 3 24.78 -0.52 6.47
C ARG D 3 24.77 -1.90 7.11
N PHE D 4 25.60 -2.06 8.13
CA PHE D 4 25.90 -3.35 8.72
C PHE D 4 26.00 -3.18 10.24
N LEU D 5 25.72 -4.26 10.96
CA LEU D 5 25.97 -4.30 12.40
C LEU D 5 26.82 -5.52 12.70
N LYS D 6 27.80 -5.36 13.58
CA LYS D 6 28.70 -6.44 13.93
C LYS D 6 28.35 -6.94 15.33
N VAL D 7 28.37 -8.26 15.50
CA VAL D 7 28.27 -8.88 16.80
C VAL D 7 29.55 -9.67 17.02
N LYS D 8 30.06 -9.58 18.24
CA LYS D 8 31.33 -10.19 18.59
C LYS D 8 31.06 -11.31 19.58
N ASN D 9 31.81 -12.39 19.47
CA ASN D 9 31.89 -13.35 20.56
C ASN D 9 33.14 -13.02 21.36
N TRP D 10 32.98 -12.82 22.66
CA TRP D 10 34.08 -12.37 23.51
C TRP D 10 34.92 -13.52 24.05
N GLU D 11 34.44 -14.75 23.92
CA GLU D 11 35.22 -15.93 24.24
C GLU D 11 36.09 -16.34 23.05
N THR D 12 35.51 -16.39 21.85
CA THR D 12 36.19 -16.87 20.67
C THR D 12 36.79 -15.76 19.82
N GLU D 13 36.35 -14.52 19.99
CA GLU D 13 36.72 -13.34 19.19
C GLU D 13 36.10 -13.36 17.80
N VAL D 14 35.24 -14.33 17.47
CA VAL D 14 34.57 -14.36 16.18
C VAL D 14 33.64 -13.16 16.04
N VAL D 15 33.70 -12.51 14.90
CA VAL D 15 32.83 -11.37 14.61
C VAL D 15 31.96 -11.72 13.40
N LEU D 16 30.67 -11.48 13.54
CA LEU D 16 29.70 -11.72 12.49
C LEU D 16 29.04 -10.40 12.14
N THR D 17 28.55 -10.30 10.91
CA THR D 17 28.01 -9.06 10.37
C THR D 17 26.54 -9.27 10.06
N ASP D 18 25.68 -8.50 10.72
CA ASP D 18 24.23 -8.66 10.57
C ASP D 18 23.76 -7.63 9.56
N THR D 19 23.36 -8.11 8.39
CA THR D 19 22.60 -7.29 7.44
C THR D 19 21.11 -7.58 7.50
N LEU D 20 20.73 -8.72 8.10
CA LEU D 20 19.34 -9.15 8.07
C LEU D 20 18.42 -8.22 8.86
N HIS D 21 18.96 -7.51 9.86
CA HIS D 21 18.12 -6.62 10.65
C HIS D 21 17.49 -5.52 9.82
N LEU D 22 18.02 -5.24 8.63
CA LEU D 22 17.45 -4.22 7.76
C LEU D 22 16.06 -4.60 7.26
N LYS D 23 15.80 -5.90 7.11
CA LYS D 23 14.51 -6.38 6.64
C LYS D 23 13.54 -6.62 7.78
N SER D 24 13.77 -6.00 8.92
CA SER D 24 12.86 -6.03 10.05
C SER D 24 11.83 -4.92 9.90
N THR D 25 10.60 -5.18 10.32
CA THR D 25 9.59 -4.13 10.29
C THR D 25 8.63 -4.17 11.47
N LEU D 26 8.80 -5.09 12.41
CA LEU D 26 8.03 -5.11 13.63
C LEU D 26 8.90 -4.55 14.77
N GLU D 27 8.27 -3.78 15.66
CA GLU D 27 9.00 -3.13 16.74
C GLU D 27 9.53 -4.14 17.75
N THR D 28 10.60 -3.74 18.46
CA THR D 28 11.12 -4.52 19.58
C THR D 28 10.60 -4.06 20.93
N GLY D 29 10.09 -2.84 21.03
CA GLY D 29 9.75 -2.26 22.31
C GLY D 29 10.79 -1.30 22.85
N CYS D 30 12.04 -1.44 22.44
CA CYS D 30 13.05 -0.48 22.83
C CYS D 30 12.87 0.82 22.06
N THR D 31 13.38 1.90 22.63
CA THR D 31 13.47 3.18 21.94
C THR D 31 14.95 3.52 21.81
N GLU D 32 15.23 4.67 21.20
CA GLU D 32 16.63 5.07 21.05
C GLU D 32 17.29 5.37 22.39
N TYR D 33 16.50 5.67 23.42
CA TYR D 33 17.07 6.08 24.69
C TYR D 33 16.69 5.15 25.83
N ILE D 34 15.82 4.16 25.61
CA ILE D 34 15.53 3.17 26.65
C ILE D 34 15.63 1.79 26.03
N CYS D 35 16.30 0.87 26.72
CA CYS D 35 16.34 -0.51 26.30
C CYS D 35 15.37 -1.30 27.16
N MET D 36 14.48 -2.05 26.52
CA MET D 36 13.48 -2.85 27.22
C MET D 36 13.72 -4.33 26.97
N GLY D 37 14.96 -4.70 26.68
CA GLY D 37 15.31 -6.06 26.32
C GLY D 37 14.94 -7.12 27.33
N SER D 38 14.75 -6.73 28.60
CA SER D 38 14.32 -7.69 29.61
C SER D 38 12.81 -7.63 29.93
N ILE D 39 12.03 -6.83 29.20
CA ILE D 39 10.58 -6.88 29.36
C ILE D 39 10.06 -8.15 28.68
N MET D 40 9.23 -8.91 29.41
CA MET D 40 8.76 -10.18 28.85
C MET D 40 7.78 -9.96 27.69
N HIS D 41 6.81 -9.05 27.85
CA HIS D 41 5.84 -8.76 26.81
C HIS D 41 5.67 -7.26 26.65
N PRO D 42 6.42 -6.63 25.75
CA PRO D 42 6.03 -5.29 25.29
C PRO D 42 4.85 -5.42 24.34
N SER D 43 4.16 -4.30 24.16
CA SER D 43 2.96 -4.26 23.33
C SER D 43 3.30 -4.42 21.85
N VAL D 52 -8.33 -7.27 14.02
CA VAL D 52 -8.24 -7.85 12.68
C VAL D 52 -7.77 -6.79 11.68
N ALA D 53 -6.85 -7.19 10.81
CA ALA D 53 -6.29 -6.27 9.82
C ALA D 53 -7.34 -5.89 8.79
N THR D 54 -7.37 -4.60 8.45
CA THR D 54 -8.27 -4.15 7.40
C THR D 54 -7.82 -4.70 6.04
N LYS D 55 -8.64 -4.46 5.02
CA LYS D 55 -8.24 -4.80 3.66
C LYS D 55 -6.95 -4.10 3.29
N ASP D 56 -6.86 -2.80 3.59
CA ASP D 56 -5.71 -2.01 3.15
C ASP D 56 -4.46 -2.30 3.98
N GLN D 57 -4.61 -2.72 5.24
CA GLN D 57 -3.46 -3.18 5.98
C GLN D 57 -2.94 -4.51 5.46
N LEU D 58 -3.83 -5.33 4.88
CA LEU D 58 -3.47 -6.71 4.52
C LEU D 58 -2.72 -6.79 3.19
N PHE D 59 -3.02 -5.90 2.25
CA PHE D 59 -2.29 -5.91 0.98
C PHE D 59 -0.77 -5.86 1.17
N PRO D 60 -0.20 -4.89 1.88
CA PRO D 60 1.27 -4.85 1.98
C PRO D 60 1.86 -6.04 2.72
N LEU D 61 1.18 -6.53 3.75
CA LEU D 61 1.67 -7.67 4.50
C LEU D 61 1.72 -8.90 3.62
N ALA D 62 0.61 -9.18 2.92
CA ALA D 62 0.58 -10.32 2.02
C ALA D 62 1.67 -10.20 0.98
N LYS D 63 1.74 -9.05 0.29
CA LYS D 63 2.75 -8.87 -0.74
C LYS D 63 4.14 -9.20 -0.21
N GLU D 64 4.48 -8.58 0.92
CA GLU D 64 5.81 -8.79 1.51
C GLU D 64 6.09 -10.27 1.72
N PHE D 65 5.12 -11.01 2.26
CA PHE D 65 5.33 -12.43 2.48
C PHE D 65 5.44 -13.19 1.15
N ILE D 66 4.48 -12.98 0.24
CA ILE D 66 4.56 -13.67 -1.05
C ILE D 66 5.88 -13.35 -1.73
N ASP D 67 6.33 -12.09 -1.62
CA ASP D 67 7.62 -11.70 -2.16
C ASP D 67 8.74 -12.52 -1.53
N GLN D 68 8.74 -12.62 -0.20
CA GLN D 68 9.83 -13.33 0.45
C GLN D 68 9.71 -14.83 0.19
N TYR D 69 8.49 -15.35 0.04
CA TYR D 69 8.35 -16.76 -0.29
C TYR D 69 8.92 -17.05 -1.68
N TYR D 70 8.57 -16.23 -2.67
CA TYR D 70 9.11 -16.47 -4.00
C TYR D 70 10.59 -16.12 -4.09
N SER D 71 11.08 -15.24 -3.21
CA SER D 71 12.52 -15.06 -3.15
C SER D 71 13.21 -16.33 -2.65
N SER D 72 12.62 -17.01 -1.65
CA SER D 72 13.28 -18.17 -1.04
C SER D 72 13.40 -19.33 -2.01
N ILE D 73 12.39 -19.55 -2.85
CA ILE D 73 12.42 -20.64 -3.83
C ILE D 73 13.00 -20.18 -5.16
N LYS D 74 13.69 -19.04 -5.19
CA LYS D 74 14.38 -18.55 -6.39
C LYS D 74 13.43 -18.45 -7.58
N ARG D 75 12.22 -17.92 -7.31
CA ARG D 75 11.21 -17.69 -8.34
C ARG D 75 10.70 -16.25 -8.26
N PHE D 76 11.51 -15.34 -7.72
CA PHE D 76 11.07 -13.96 -7.58
C PHE D 76 10.94 -13.31 -8.94
N GLY D 77 9.90 -12.51 -9.12
CA GLY D 77 9.59 -11.92 -10.41
C GLY D 77 9.05 -12.89 -11.44
N SER D 78 8.95 -14.18 -11.11
CA SER D 78 8.49 -15.17 -12.07
C SER D 78 7.01 -14.98 -12.38
N LYS D 79 6.56 -15.69 -13.41
CA LYS D 79 5.15 -15.65 -13.79
C LYS D 79 4.27 -16.17 -12.65
N ALA D 80 4.66 -17.30 -12.05
CA ALA D 80 3.93 -17.84 -10.90
C ALA D 80 3.91 -16.85 -9.74
N HIS D 81 5.03 -16.15 -9.51
CA HIS D 81 5.05 -15.13 -8.47
C HIS D 81 4.04 -14.02 -8.78
N MET D 82 4.04 -13.52 -10.02
CA MET D 82 3.18 -12.40 -10.36
C MET D 82 1.70 -12.79 -10.28
N GLU D 83 1.37 -14.00 -10.75
CA GLU D 83 -0.01 -14.44 -10.69
C GLU D 83 -0.43 -14.74 -9.26
N ARG D 84 0.50 -15.22 -8.42
CA ARG D 84 0.16 -15.42 -7.01
C ARG D 84 -0.19 -14.10 -6.35
N LEU D 85 0.64 -13.07 -6.56
CA LEU D 85 0.31 -11.73 -6.07
C LEU D 85 -1.07 -11.29 -6.53
N GLU D 86 -1.33 -11.44 -7.83
CA GLU D 86 -2.63 -11.06 -8.38
C GLU D 86 -3.75 -11.88 -7.74
N GLU D 87 -3.53 -13.18 -7.57
CA GLU D 87 -4.53 -14.02 -6.94
C GLU D 87 -4.78 -13.62 -5.49
N VAL D 88 -3.71 -13.29 -4.74
CA VAL D 88 -3.88 -12.87 -3.35
C VAL D 88 -4.67 -11.57 -3.29
N ASN D 89 -4.26 -10.58 -4.09
CA ASN D 89 -4.95 -9.30 -4.15
C ASN D 89 -6.44 -9.45 -4.43
N LYS D 90 -6.78 -10.22 -5.47
CA LYS D 90 -8.18 -10.52 -5.77
C LYS D 90 -8.89 -10.97 -4.50
N GLU D 91 -8.36 -12.03 -3.89
CA GLU D 91 -8.97 -12.64 -2.72
C GLU D 91 -9.15 -11.63 -1.59
N ILE D 92 -8.13 -10.80 -1.32
CA ILE D 92 -8.29 -9.76 -0.30
C ILE D 92 -9.38 -8.77 -0.72
N ASP D 93 -9.34 -8.35 -1.99
CA ASP D 93 -10.32 -7.40 -2.51
C ASP D 93 -11.75 -7.93 -2.36
N THR D 94 -11.96 -9.22 -2.62
CA THR D 94 -13.29 -9.80 -2.59
C THR D 94 -13.70 -10.24 -1.18
N THR D 95 -12.83 -11.01 -0.51
CA THR D 95 -13.18 -11.69 0.73
C THR D 95 -12.60 -11.05 1.98
N SER D 96 -11.81 -9.98 1.84
CA SER D 96 -11.14 -9.26 2.91
C SER D 96 -10.03 -10.07 3.59
N THR D 97 -9.72 -11.26 3.09
CA THR D 97 -8.62 -12.07 3.61
C THR D 97 -8.08 -12.89 2.45
N TYR D 98 -7.20 -13.85 2.74
CA TYR D 98 -6.75 -14.77 1.71
C TYR D 98 -6.33 -16.09 2.32
N GLN D 99 -6.09 -17.07 1.46
CA GLN D 99 -5.73 -18.42 1.87
C GLN D 99 -4.31 -18.72 1.41
N LEU D 100 -3.45 -19.11 2.33
CA LEU D 100 -2.12 -19.56 1.95
C LEU D 100 -2.21 -20.86 1.16
N LYS D 101 -1.33 -21.00 0.17
CA LYS D 101 -1.08 -22.32 -0.39
C LYS D 101 -0.47 -23.21 0.67
N ASP D 102 -0.47 -24.52 0.41
CA ASP D 102 0.14 -25.44 1.37
C ASP D 102 1.63 -25.18 1.50
N THR D 103 2.31 -24.95 0.36
CA THR D 103 3.72 -24.64 0.38
C THR D 103 4.03 -23.41 1.21
N GLU D 104 3.20 -22.37 1.06
CA GLU D 104 3.42 -21.14 1.78
C GLU D 104 3.19 -21.34 3.26
N LEU D 105 2.20 -22.15 3.61
CA LEU D 105 1.93 -22.43 5.02
C LEU D 105 3.11 -23.12 5.68
N ILE D 106 3.64 -24.15 5.03
CA ILE D 106 4.82 -24.85 5.55
C ILE D 106 5.99 -23.88 5.69
N TYR D 107 6.26 -23.12 4.62
CA TYR D 107 7.34 -22.15 4.62
C TYR D 107 7.14 -21.11 5.71
N GLY D 108 5.91 -20.62 5.85
CA GLY D 108 5.61 -19.64 6.87
C GLY D 108 5.82 -20.18 8.27
N ALA D 109 5.36 -21.40 8.52
CA ALA D 109 5.49 -21.98 9.86
C ALA D 109 6.95 -22.20 10.22
N LYS D 110 7.73 -22.74 9.27
CA LYS D 110 9.15 -22.96 9.49
C LYS D 110 9.88 -21.66 9.74
N HIS D 111 9.54 -20.61 9.00
CA HIS D 111 10.25 -19.35 9.18
C HIS D 111 9.84 -18.60 10.43
N ALA D 112 8.61 -18.79 10.92
CA ALA D 112 8.29 -18.24 12.23
C ALA D 112 9.14 -18.86 13.32
N TRP D 113 9.39 -20.16 13.21
CA TRP D 113 10.33 -20.79 14.14
C TRP D 113 11.73 -20.24 13.91
N ARG D 114 12.17 -20.23 12.65
CA ARG D 114 13.47 -19.68 12.33
C ARG D 114 13.65 -18.27 12.88
N ASN D 115 12.56 -17.51 12.95
CA ASN D 115 12.62 -16.12 13.38
C ASN D 115 12.38 -15.94 14.86
N ALA D 116 12.14 -17.01 15.62
CA ALA D 116 11.79 -16.88 17.03
C ALA D 116 13.06 -16.56 17.81
N SER D 117 13.29 -15.27 18.07
CA SER D 117 14.58 -14.86 18.63
CA SER D 117 14.56 -14.83 18.66
C SER D 117 14.81 -15.44 20.02
N ARG D 118 13.77 -15.88 20.72
CA ARG D 118 13.91 -16.43 22.06
C ARG D 118 14.14 -17.93 22.09
N CYS D 119 14.26 -18.60 20.93
CA CYS D 119 14.33 -20.05 20.90
C CYS D 119 15.76 -20.51 20.62
N VAL D 120 16.28 -21.33 21.54
CA VAL D 120 17.63 -21.88 21.41
C VAL D 120 17.68 -23.12 20.53
N GLY D 121 16.53 -23.72 20.22
CA GLY D 121 16.53 -24.94 19.45
C GLY D 121 16.39 -24.76 17.95
N ARG D 122 16.71 -23.56 17.44
CA ARG D 122 16.41 -23.23 16.06
C ARG D 122 17.34 -23.86 15.05
N ILE D 123 18.41 -24.54 15.47
CA ILE D 123 19.22 -25.25 14.51
C ILE D 123 18.37 -26.27 13.74
N GLN D 124 17.26 -26.70 14.33
CA GLN D 124 16.34 -27.69 13.78
C GLN D 124 15.22 -27.10 12.94
N TRP D 125 15.23 -25.78 12.70
CA TRP D 125 14.04 -25.09 12.23
C TRP D 125 13.51 -25.69 10.92
N SER D 126 14.40 -26.13 10.05
CA SER D 126 13.95 -26.58 8.74
C SER D 126 13.37 -27.99 8.78
N LYS D 127 13.50 -28.69 9.91
CA LYS D 127 12.94 -30.03 10.10
C LYS D 127 11.71 -29.92 11.00
N LEU D 128 10.68 -29.28 10.46
CA LEU D 128 9.42 -29.08 11.16
C LEU D 128 8.32 -29.74 10.37
N GLN D 129 7.56 -30.61 11.02
CA GLN D 129 6.46 -31.30 10.37
C GLN D 129 5.21 -30.44 10.52
N VAL D 130 4.67 -29.96 9.40
CA VAL D 130 3.56 -29.03 9.43
C VAL D 130 2.28 -29.82 9.17
N PHE D 131 1.33 -29.74 10.10
CA PHE D 131 0.04 -30.40 9.98
C PHE D 131 -0.99 -29.34 9.67
N ASP D 132 -1.50 -29.36 8.44
CA ASP D 132 -2.46 -28.37 8.00
C ASP D 132 -3.83 -28.78 8.53
N ALA D 133 -4.36 -28.02 9.48
CA ALA D 133 -5.66 -28.29 10.06
C ALA D 133 -6.64 -27.16 9.73
N ARG D 134 -6.42 -26.48 8.61
CA ARG D 134 -7.26 -25.35 8.28
C ARG D 134 -8.66 -25.78 7.80
N ASP D 135 -8.91 -27.07 7.65
CA ASP D 135 -10.26 -27.55 7.32
C ASP D 135 -11.08 -27.91 8.57
N CYS D 136 -10.49 -27.79 9.76
CA CYS D 136 -11.17 -28.09 11.00
C CYS D 136 -12.31 -27.10 11.25
N THR D 137 -13.42 -27.60 11.81
CA THR D 137 -14.57 -26.75 12.11
C THR D 137 -15.08 -26.85 13.53
N THR D 138 -14.71 -27.88 14.29
CA THR D 138 -15.28 -28.10 15.63
C THR D 138 -14.18 -28.52 16.60
N ALA D 139 -14.47 -28.32 17.89
CA ALA D 139 -13.55 -28.71 18.95
C ALA D 139 -13.18 -30.19 18.86
N HIS D 140 -14.15 -31.04 18.52
CA HIS D 140 -13.85 -32.47 18.33
C HIS D 140 -12.80 -32.67 17.24
N GLY D 141 -12.93 -31.95 16.12
CA GLY D 141 -11.91 -32.02 15.09
C GLY D 141 -10.56 -31.54 15.59
N MET D 142 -10.54 -30.41 16.32
CA MET D 142 -9.29 -29.97 16.93
C MET D 142 -8.69 -31.07 17.81
N PHE D 143 -9.53 -31.73 18.60
CA PHE D 143 -9.05 -32.81 19.46
C PHE D 143 -8.38 -33.90 18.64
N ASN D 144 -9.05 -34.32 17.56
CA ASN D 144 -8.48 -35.32 16.65
C ASN D 144 -7.13 -34.87 16.11
N TYR D 145 -7.07 -33.65 15.55
CA TYR D 145 -5.81 -33.11 15.05
C TYR D 145 -4.74 -33.07 16.15
N ILE D 146 -5.11 -32.65 17.36
CA ILE D 146 -4.09 -32.53 18.41
C ILE D 146 -3.62 -33.90 18.87
N CYS D 147 -4.51 -34.89 18.90
CA CYS D 147 -4.09 -36.24 19.26
C CYS D 147 -3.11 -36.81 18.24
N ASN D 148 -3.38 -36.58 16.95
CA ASN D 148 -2.46 -37.05 15.92
C ASN D 148 -1.14 -36.31 15.98
N HIS D 149 -1.19 -35.01 16.27
CA HIS D 149 0.03 -34.25 16.54
C HIS D 149 0.83 -34.91 17.65
N VAL D 150 0.19 -35.12 18.80
CA VAL D 150 0.89 -35.65 19.97
C VAL D 150 1.51 -37.00 19.64
N LYS D 151 0.73 -37.88 19.02
CA LYS D 151 1.23 -39.20 18.69
C LYS D 151 2.42 -39.12 17.74
N TYR D 152 2.33 -38.28 16.71
CA TYR D 152 3.39 -38.18 15.72
C TYR D 152 4.65 -37.57 16.34
N ALA D 153 4.47 -36.48 17.09
CA ALA D 153 5.59 -35.79 17.72
C ALA D 153 6.27 -36.68 18.74
N THR D 154 5.48 -37.38 19.56
CA THR D 154 6.03 -38.19 20.63
C THR D 154 6.84 -39.35 20.09
N ASN D 155 6.29 -40.11 19.13
CA ASN D 155 7.07 -41.09 18.38
C ASN D 155 7.80 -42.06 19.30
N LYS D 156 7.09 -42.55 20.33
CA LYS D 156 7.63 -43.54 21.28
C LYS D 156 8.94 -43.08 21.93
N GLY D 157 9.09 -41.77 22.11
CA GLY D 157 10.25 -41.18 22.74
C GLY D 157 11.24 -40.54 21.78
N ASN D 158 11.17 -40.90 20.50
CA ASN D 158 12.08 -40.32 19.51
C ASN D 158 11.40 -39.09 18.94
N LEU D 159 11.48 -37.99 19.70
CA LEU D 159 10.58 -36.86 19.47
C LEU D 159 10.92 -36.15 18.17
N ARG D 160 9.87 -35.66 17.51
CA ARG D 160 9.97 -34.99 16.22
C ARG D 160 9.22 -33.68 16.31
N SER D 161 9.81 -32.64 15.74
CA SER D 161 9.19 -31.33 15.79
C SER D 161 7.96 -31.30 14.90
N ALA D 162 6.93 -30.64 15.37
CA ALA D 162 5.68 -30.63 14.61
C ALA D 162 4.88 -29.43 15.05
N ILE D 163 4.03 -28.97 14.13
CA ILE D 163 3.08 -27.91 14.39
C ILE D 163 1.78 -28.26 13.69
N THR D 164 0.66 -27.98 14.35
CA THR D 164 -0.65 -28.15 13.74
C THR D 164 -1.31 -26.78 13.67
N ILE D 165 -1.72 -26.38 12.48
CA ILE D 165 -2.18 -25.02 12.22
C ILE D 165 -3.67 -25.05 11.93
N PHE D 166 -4.43 -24.40 12.78
CA PHE D 166 -5.89 -24.37 12.70
C PHE D 166 -6.33 -23.16 11.91
N PRO D 167 -7.62 -23.05 11.58
CA PRO D 167 -8.04 -21.97 10.67
C PRO D 167 -7.67 -20.60 11.23
N GLN D 168 -7.21 -19.73 10.33
CA GLN D 168 -6.79 -18.39 10.71
C GLN D 168 -7.97 -17.58 11.21
N ARG D 169 -7.63 -16.53 11.94
CA ARG D 169 -8.59 -15.54 12.38
C ARG D 169 -9.31 -14.94 11.17
N THR D 170 -10.60 -14.67 11.34
CA THR D 170 -11.39 -14.01 10.30
C THR D 170 -11.78 -12.66 10.84
N ASP D 171 -12.89 -12.54 11.56
CA ASP D 171 -13.35 -11.27 12.10
C ASP D 171 -13.00 -11.11 13.59
N GLY D 172 -12.16 -12.00 14.13
CA GLY D 172 -11.85 -11.98 15.54
C GLY D 172 -12.93 -12.55 16.43
N LYS D 173 -14.11 -12.84 15.89
CA LYS D 173 -15.22 -13.39 16.65
C LYS D 173 -15.38 -14.88 16.43
N HIS D 174 -14.56 -15.47 15.58
CA HIS D 174 -14.64 -16.89 15.25
C HIS D 174 -13.28 -17.54 15.40
N ASP D 175 -12.56 -17.20 16.47
CA ASP D 175 -11.20 -17.68 16.65
C ASP D 175 -11.19 -19.14 17.06
N PHE D 176 -10.28 -19.89 16.46
CA PHE D 176 -9.84 -21.15 17.04
C PHE D 176 -8.76 -20.85 18.09
N ARG D 177 -8.92 -21.45 19.26
CA ARG D 177 -7.96 -21.31 20.35
C ARG D 177 -7.84 -22.64 21.07
N VAL D 178 -6.62 -23.10 21.29
CA VAL D 178 -6.37 -24.04 22.38
C VAL D 178 -6.22 -23.21 23.65
N TRP D 179 -7.13 -23.42 24.60
CA TRP D 179 -7.07 -22.64 25.84
C TRP D 179 -5.89 -23.05 26.72
N ASN D 180 -5.36 -24.26 26.52
CA ASN D 180 -4.17 -24.71 27.22
C ASN D 180 -2.95 -23.91 26.80
N SER D 181 -2.02 -23.71 27.73
CA SER D 181 -0.79 -23.01 27.39
C SER D 181 0.20 -23.96 26.75
N GLN D 182 0.25 -25.19 27.23
CA GLN D 182 0.86 -26.30 26.50
C GLN D 182 -0.15 -27.43 26.36
N LEU D 183 0.06 -28.29 25.36
CA LEU D 183 -0.89 -29.38 25.13
C LEU D 183 -0.91 -30.34 26.31
N ILE D 184 0.26 -30.60 26.89
CA ILE D 184 0.38 -31.47 28.05
C ILE D 184 0.97 -30.65 29.19
N ARG D 185 0.21 -30.50 30.27
CA ARG D 185 0.68 -29.87 31.50
C ARG D 185 -0.03 -30.50 32.68
N TYR D 186 0.52 -30.27 33.87
CA TYR D 186 -0.07 -30.81 35.07
C TYR D 186 -0.94 -29.78 35.76
N ALA D 187 -2.01 -30.27 36.37
CA ALA D 187 -2.95 -29.41 37.04
C ALA D 187 -2.32 -28.83 38.30
N GLY D 188 -2.91 -27.75 38.77
CA GLY D 188 -2.56 -27.16 40.05
C GLY D 188 -3.81 -26.94 40.87
N TYR D 189 -3.79 -27.36 42.13
CA TYR D 189 -4.91 -27.17 43.04
C TYR D 189 -4.39 -26.42 44.26
N LYS D 190 -4.89 -25.21 44.45
CA LYS D 190 -4.62 -24.52 45.71
C LYS D 190 -5.48 -25.15 46.79
N GLN D 191 -4.86 -25.43 47.93
CA GLN D 191 -5.53 -26.02 49.07
C GLN D 191 -6.06 -24.93 50.00
N PRO D 192 -7.04 -25.24 50.84
CA PRO D 192 -7.52 -24.21 51.79
C PRO D 192 -6.42 -23.69 52.71
N ASP D 193 -5.35 -24.46 52.94
CA ASP D 193 -4.32 -24.04 53.87
C ASP D 193 -3.26 -23.15 53.20
N GLY D 194 -3.51 -22.76 51.96
CA GLY D 194 -2.61 -21.93 51.21
C GLY D 194 -1.58 -22.69 50.40
N SER D 195 -1.34 -23.95 50.70
CA SER D 195 -0.39 -24.71 49.92
C SER D 195 -0.99 -25.03 48.55
N THR D 196 -0.16 -25.58 47.68
CA THR D 196 -0.57 -25.89 46.33
C THR D 196 -0.14 -27.30 45.96
N LEU D 197 -1.07 -28.04 45.35
CA LEU D 197 -0.80 -29.40 44.89
C LEU D 197 -0.67 -29.37 43.37
N GLY D 198 0.35 -30.05 42.85
CA GLY D 198 0.63 -30.00 41.43
C GLY D 198 1.37 -28.73 41.03
N ASP D 199 1.07 -28.25 39.83
CA ASP D 199 1.84 -27.14 39.26
C ASP D 199 1.13 -25.82 39.58
N PRO D 200 1.73 -24.96 40.41
CA PRO D 200 1.06 -23.69 40.75
C PRO D 200 0.83 -22.77 39.58
N ALA D 201 1.64 -22.89 38.51
CA ALA D 201 1.42 -22.07 37.31
C ALA D 201 0.05 -22.32 36.70
N ASN D 202 -0.51 -23.51 36.92
CA ASN D 202 -1.70 -23.93 36.20
C ASN D 202 -2.94 -23.89 37.06
N VAL D 203 -2.85 -23.25 38.24
CA VAL D 203 -3.97 -23.18 39.15
C VAL D 203 -5.17 -22.51 38.48
N GLN D 204 -4.94 -21.38 37.82
CA GLN D 204 -6.07 -20.64 37.26
C GLN D 204 -6.71 -21.43 36.13
N PHE D 205 -5.89 -22.03 35.28
CA PHE D 205 -6.42 -22.85 34.19
C PHE D 205 -7.05 -24.14 34.71
N THR D 206 -6.54 -24.68 35.82
CA THR D 206 -7.18 -25.86 36.42
C THR D 206 -8.57 -25.51 36.92
N GLU D 207 -8.73 -24.35 37.58
CA GLU D 207 -10.05 -23.91 38.01
C GLU D 207 -11.02 -23.76 36.84
N ILE D 208 -10.55 -23.19 35.72
CA ILE D 208 -11.42 -23.08 34.55
C ILE D 208 -11.90 -24.46 34.11
N CYS D 209 -10.97 -25.42 34.01
CA CYS D 209 -11.36 -26.76 33.56
C CYS D 209 -12.37 -27.39 34.51
N ILE D 210 -12.10 -27.32 35.81
CA ILE D 210 -13.03 -27.88 36.79
C ILE D 210 -14.40 -27.22 36.63
N GLN D 211 -14.42 -25.91 36.42
CA GLN D 211 -15.67 -25.19 36.23
C GLN D 211 -16.41 -25.68 35.00
N GLN D 212 -15.68 -25.98 33.93
CA GLN D 212 -16.26 -26.49 32.70
C GLN D 212 -16.66 -27.96 32.79
N GLY D 213 -16.54 -28.58 33.96
CA GLY D 213 -16.98 -29.94 34.16
C GLY D 213 -15.88 -30.98 34.33
N TRP D 214 -14.60 -30.61 34.25
CA TRP D 214 -13.55 -31.60 34.47
C TRP D 214 -13.60 -32.12 35.89
N LYS D 215 -13.48 -33.44 36.04
CA LYS D 215 -13.44 -34.10 37.33
C LYS D 215 -11.99 -34.37 37.67
N PRO D 216 -11.35 -33.52 38.47
CA PRO D 216 -9.91 -33.64 38.67
C PRO D 216 -9.57 -34.79 39.59
N PRO D 217 -8.49 -35.52 39.31
CA PRO D 217 -8.04 -36.53 40.28
C PRO D 217 -7.52 -35.94 41.57
N ARG D 218 -7.18 -34.65 41.58
CA ARG D 218 -6.57 -33.98 42.73
C ARG D 218 -5.32 -34.72 43.19
N GLY D 219 -4.37 -34.85 42.27
CA GLY D 219 -3.07 -35.40 42.54
C GLY D 219 -1.99 -34.43 42.11
N ARG D 220 -0.74 -34.87 42.25
CA ARG D 220 0.39 -33.98 42.00
C ARG D 220 0.75 -33.84 40.53
N PHE D 221 0.45 -34.84 39.70
CA PHE D 221 0.81 -34.83 38.29
C PHE D 221 -0.38 -35.32 37.44
N ASP D 222 -1.48 -34.58 37.52
CA ASP D 222 -2.64 -34.86 36.69
C ASP D 222 -2.49 -34.15 35.35
N VAL D 223 -2.41 -34.91 34.26
CA VAL D 223 -2.42 -34.26 32.96
C VAL D 223 -3.73 -33.53 32.80
N LEU D 224 -3.65 -32.24 32.50
CA LEU D 224 -4.86 -31.45 32.35
C LEU D 224 -5.60 -31.89 31.10
N PRO D 225 -6.92 -31.65 31.05
CA PRO D 225 -7.66 -31.91 29.81
C PRO D 225 -7.38 -30.80 28.82
N LEU D 226 -7.55 -31.12 27.54
CA LEU D 226 -7.53 -30.09 26.52
C LEU D 226 -8.83 -29.30 26.56
N LEU D 227 -8.72 -27.99 26.37
CA LEU D 227 -9.84 -27.07 26.40
C LEU D 227 -9.79 -26.34 25.07
N LEU D 228 -10.63 -26.76 24.12
CA LEU D 228 -10.45 -26.41 22.73
C LEU D 228 -11.62 -25.56 22.25
N GLN D 229 -11.31 -24.51 21.51
CA GLN D 229 -12.29 -23.56 21.03
C GLN D 229 -12.20 -23.51 19.52
N ALA D 230 -13.30 -23.85 18.87
CA ALA D 230 -13.39 -23.83 17.41
C ALA D 230 -14.39 -22.77 16.98
N ASN D 231 -13.97 -21.93 16.05
CA ASN D 231 -14.87 -21.01 15.36
C ASN D 231 -15.56 -20.05 16.33
N GLY D 232 -14.85 -19.67 17.39
CA GLY D 232 -15.38 -18.69 18.32
C GLY D 232 -16.41 -19.22 19.26
N ASN D 233 -16.67 -20.52 19.24
CA ASN D 233 -17.64 -21.10 20.15
C ASN D 233 -17.02 -21.28 21.53
N ASP D 234 -17.87 -21.55 22.51
CA ASP D 234 -17.38 -21.88 23.84
C ASP D 234 -16.42 -23.07 23.72
N PRO D 235 -15.37 -23.10 24.52
CA PRO D 235 -14.43 -24.21 24.44
C PRO D 235 -15.01 -25.46 25.09
N GLU D 236 -14.49 -26.61 24.66
CA GLU D 236 -14.98 -27.91 25.10
C GLU D 236 -13.85 -28.73 25.67
N LEU D 237 -14.17 -29.59 26.62
CA LEU D 237 -13.18 -30.39 27.33
C LEU D 237 -12.96 -31.72 26.64
N PHE D 238 -11.69 -32.15 26.62
CA PHE D 238 -11.31 -33.43 26.03
C PHE D 238 -10.13 -33.99 26.81
N GLN D 239 -10.23 -35.26 27.18
CA GLN D 239 -9.15 -35.97 27.85
C GLN D 239 -8.24 -36.58 26.79
N ILE D 240 -7.00 -36.10 26.71
CA ILE D 240 -5.99 -36.77 25.88
C ILE D 240 -5.88 -38.22 26.32
N PRO D 241 -5.94 -39.18 25.41
CA PRO D 241 -5.77 -40.59 25.78
C PRO D 241 -4.46 -40.79 26.52
N PRO D 242 -4.51 -41.39 27.72
CA PRO D 242 -3.29 -41.52 28.52
C PRO D 242 -2.14 -42.19 27.80
N GLU D 243 -2.42 -43.18 26.95
CA GLU D 243 -1.36 -43.86 26.21
C GLU D 243 -0.64 -42.93 25.24
N LEU D 244 -1.17 -41.73 24.98
CA LEU D 244 -0.46 -40.76 24.17
C LEU D 244 0.40 -39.79 24.98
N VAL D 245 0.33 -39.80 26.31
CA VAL D 245 1.09 -38.87 27.14
C VAL D 245 2.32 -39.61 27.65
N LEU D 246 3.44 -39.40 26.98
CA LEU D 246 4.65 -40.07 27.41
C LEU D 246 5.22 -39.28 28.58
N GLU D 247 5.47 -39.98 29.68
CA GLU D 247 5.99 -39.38 30.91
C GLU D 247 7.27 -40.09 31.32
N VAL D 248 8.10 -39.37 32.06
CA VAL D 248 9.40 -39.87 32.50
C VAL D 248 9.48 -39.76 34.02
N PRO D 249 9.56 -40.86 34.76
CA PRO D 249 9.80 -40.76 36.20
C PRO D 249 11.24 -40.32 36.46
N ILE D 250 11.40 -39.33 37.33
CA ILE D 250 12.70 -38.72 37.54
C ILE D 250 13.43 -39.47 38.64
N ARG D 251 14.52 -40.12 38.28
CA ARG D 251 15.45 -40.72 39.23
C ARG D 251 16.83 -40.11 39.00
N HIS D 252 17.73 -40.35 39.96
CA HIS D 252 19.07 -39.80 39.92
C HIS D 252 20.09 -40.92 39.81
N PRO D 253 21.16 -40.73 39.04
CA PRO D 253 22.13 -41.83 38.85
C PRO D 253 22.88 -42.23 40.11
N LYS D 254 23.04 -41.34 41.08
CA LYS D 254 23.77 -41.65 42.30
C LYS D 254 22.88 -41.69 43.53
N PHE D 255 21.95 -40.73 43.65
CA PHE D 255 21.09 -40.61 44.82
C PHE D 255 19.91 -41.57 44.64
N GLU D 256 19.96 -42.70 45.35
CA GLU D 256 18.91 -43.70 45.28
C GLU D 256 17.58 -43.15 45.81
N TRP D 257 17.63 -42.22 46.74
CA TRP D 257 16.41 -41.64 47.33
C TRP D 257 15.67 -40.73 46.38
N PHE D 258 16.31 -40.30 45.28
CA PHE D 258 15.71 -39.28 44.43
C PHE D 258 14.36 -39.73 43.90
N LYS D 259 14.29 -40.98 43.40
CA LYS D 259 13.01 -41.50 42.89
C LYS D 259 11.90 -41.41 43.93
N ASP D 260 12.25 -41.44 45.22
CA ASP D 260 11.25 -41.33 46.27
C ASP D 260 10.60 -39.96 46.33
N LEU D 261 11.15 -38.96 45.65
CA LEU D 261 10.48 -37.68 45.60
C LEU D 261 9.17 -37.75 44.82
N GLY D 262 8.96 -38.84 44.08
CA GLY D 262 7.77 -39.01 43.27
C GLY D 262 7.69 -38.08 42.10
N LEU D 263 8.82 -37.56 41.62
CA LEU D 263 8.78 -36.60 40.53
C LEU D 263 8.70 -37.33 39.19
N LYS D 264 7.93 -36.76 38.29
CA LYS D 264 7.95 -37.17 36.91
C LYS D 264 7.72 -35.93 36.07
N TRP D 265 7.87 -36.09 34.76
CA TRP D 265 7.51 -35.02 33.85
C TRP D 265 7.08 -35.64 32.53
N TYR D 266 6.46 -34.82 31.71
CA TYR D 266 6.03 -35.28 30.42
C TYR D 266 7.14 -35.07 29.40
N GLY D 267 7.19 -35.93 28.38
CA GLY D 267 8.27 -35.85 27.42
C GLY D 267 8.11 -34.78 26.37
N LEU D 268 6.89 -34.29 26.15
CA LEU D 268 6.59 -33.47 24.97
C LEU D 268 6.24 -32.03 25.33
N PRO D 269 7.16 -31.07 25.14
CA PRO D 269 6.79 -29.66 25.32
C PRO D 269 6.06 -29.19 24.07
N ALA D 270 4.82 -28.76 24.24
CA ALA D 270 3.99 -28.43 23.09
C ALA D 270 3.26 -27.12 23.41
N VAL D 271 3.82 -26.01 22.95
CA VAL D 271 3.26 -24.70 23.24
C VAL D 271 2.01 -24.48 22.42
N SER D 272 0.93 -24.09 23.08
CA SER D 272 -0.34 -24.10 22.42
C SER D 272 -1.09 -22.78 22.53
N ASN D 273 -0.54 -21.76 23.20
CA ASN D 273 -1.29 -20.53 23.42
C ASN D 273 -0.79 -19.37 22.59
N MET D 274 0.06 -19.63 21.62
CA MET D 274 0.69 -18.55 20.86
C MET D 274 0.01 -18.38 19.53
N LEU D 275 0.31 -17.26 18.90
CA LEU D 275 -0.30 -16.87 17.65
C LEU D 275 0.77 -16.87 16.57
N LEU D 276 0.45 -17.53 15.47
CA LEU D 276 1.33 -17.64 14.32
C LEU D 276 0.86 -16.65 13.27
N GLU D 277 1.76 -15.78 12.85
CA GLU D 277 1.42 -14.70 11.94
C GLU D 277 2.21 -14.90 10.65
N ILE D 278 1.49 -15.11 9.57
CA ILE D 278 2.10 -15.29 8.25
C ILE D 278 1.41 -14.36 7.26
N GLY D 279 2.16 -13.43 6.69
CA GLY D 279 1.65 -12.55 5.66
C GLY D 279 0.44 -11.75 6.09
N GLY D 280 0.42 -11.29 7.33
CA GLY D 280 -0.74 -10.61 7.87
C GLY D 280 -1.87 -11.51 8.33
N LEU D 281 -1.81 -12.81 8.04
CA LEU D 281 -2.84 -13.73 8.51
C LEU D 281 -2.48 -14.21 9.90
N GLU D 282 -3.48 -14.38 10.75
CA GLU D 282 -3.26 -14.69 12.16
C GLU D 282 -3.84 -16.06 12.47
N PHE D 283 -2.95 -17.02 12.72
CA PHE D 283 -3.30 -18.37 13.11
C PHE D 283 -3.26 -18.45 14.63
N SER D 284 -4.42 -18.22 15.25
CA SER D 284 -4.54 -18.09 16.69
C SER D 284 -4.47 -19.41 17.44
N ALA D 285 -4.52 -20.53 16.73
CA ALA D 285 -4.38 -21.86 17.32
C ALA D 285 -3.40 -22.62 16.47
N CYS D 286 -2.20 -22.82 16.99
CA CYS D 286 -1.11 -23.37 16.21
C CYS D 286 -0.15 -24.16 17.09
N PRO D 287 -0.63 -25.12 17.87
CA PRO D 287 0.27 -25.80 18.81
C PRO D 287 1.48 -26.40 18.10
N PHE D 288 2.66 -26.13 18.65
CA PHE D 288 3.90 -26.65 18.13
C PHE D 288 4.67 -27.31 19.26
N SER D 289 5.55 -28.22 18.88
CA SER D 289 6.25 -29.01 19.86
C SER D 289 7.60 -29.39 19.30
N GLY D 290 8.55 -29.61 20.20
CA GLY D 290 9.82 -30.18 19.81
C GLY D 290 10.23 -31.15 20.88
N TRP D 291 11.30 -30.85 21.60
CA TRP D 291 11.72 -31.68 22.72
C TRP D 291 12.39 -30.75 23.72
N TYR D 292 12.52 -31.23 24.95
CA TYR D 292 12.94 -30.39 26.05
C TYR D 292 14.45 -30.16 26.06
N MET D 293 14.81 -28.97 26.52
CA MET D 293 16.12 -28.74 27.10
C MET D 293 16.01 -28.99 28.60
N GLY D 294 16.91 -29.80 29.14
CA GLY D 294 16.74 -30.28 30.51
C GLY D 294 16.45 -29.19 31.52
N THR D 295 17.03 -27.99 31.31
CA THR D 295 16.89 -26.94 32.32
C THR D 295 15.47 -26.40 32.38
N GLU D 296 14.69 -26.59 31.32
CA GLU D 296 13.31 -26.13 31.38
C GLU D 296 12.56 -26.84 32.48
N ILE D 297 12.83 -28.13 32.67
CA ILE D 297 12.18 -28.90 33.72
C ILE D 297 12.93 -28.75 35.03
N GLY D 298 14.24 -29.00 34.97
CA GLY D 298 15.03 -29.14 36.18
C GLY D 298 15.29 -27.83 36.90
N VAL D 299 15.38 -26.73 36.15
CA VAL D 299 15.57 -25.40 36.74
C VAL D 299 14.25 -24.67 36.92
N ARG D 300 13.47 -24.53 35.84
CA ARG D 300 12.29 -23.68 35.89
C ARG D 300 11.08 -24.42 36.45
N ASP D 301 10.68 -25.53 35.81
CA ASP D 301 9.50 -26.27 36.26
C ASP D 301 9.65 -26.75 37.71
N TYR D 302 10.83 -27.24 38.07
CA TYR D 302 10.98 -27.86 39.38
C TYR D 302 11.46 -26.93 40.47
N CYS D 303 12.21 -25.86 40.14
CA CYS D 303 12.91 -25.07 41.15
C CYS D 303 12.51 -23.60 41.22
N ASP D 304 11.78 -23.07 40.25
CA ASP D 304 11.17 -21.77 40.43
C ASP D 304 10.36 -21.76 41.71
N ASN D 305 10.50 -20.69 42.51
CA ASN D 305 9.73 -20.59 43.74
C ASN D 305 8.24 -20.68 43.50
N SER D 306 7.78 -20.22 42.34
CA SER D 306 6.37 -20.20 41.97
C SER D 306 5.91 -21.48 41.29
N ARG D 307 6.81 -22.41 40.99
CA ARG D 307 6.47 -23.68 40.33
C ARG D 307 6.54 -24.80 41.33
N TYR D 308 7.17 -25.95 41.03
CA TYR D 308 7.10 -27.07 41.96
C TYR D 308 7.96 -26.85 43.18
N ASN D 309 8.98 -25.99 43.08
CA ASN D 309 9.70 -25.44 44.23
C ASN D 309 10.28 -26.55 45.13
N ILE D 310 11.07 -27.44 44.53
CA ILE D 310 11.56 -28.62 45.22
C ILE D 310 12.98 -28.43 45.74
N LEU D 311 13.55 -27.23 45.66
CA LEU D 311 14.93 -27.05 46.12
C LEU D 311 15.10 -27.47 47.57
N GLU D 312 14.23 -26.99 48.47
CA GLU D 312 14.42 -27.27 49.89
C GLU D 312 14.35 -28.77 50.18
N GLU D 313 13.39 -29.47 49.55
CA GLU D 313 13.27 -30.90 49.81
C GLU D 313 14.49 -31.64 49.28
N VAL D 314 14.97 -31.29 48.09
CA VAL D 314 16.13 -31.97 47.52
C VAL D 314 17.36 -31.70 48.37
N ALA D 315 17.56 -30.44 48.76
CA ALA D 315 18.72 -30.10 49.59
C ALA D 315 18.61 -30.73 50.98
N LYS D 316 17.40 -30.89 51.50
CA LYS D 316 17.24 -31.59 52.77
C LYS D 316 17.72 -33.02 52.66
N LYS D 317 17.22 -33.74 51.65
CA LYS D 317 17.67 -35.11 51.45
C LYS D 317 19.15 -35.18 51.10
N MET D 318 19.74 -34.10 50.59
CA MET D 318 21.18 -34.04 50.37
C MET D 318 21.95 -33.69 51.63
N ASN D 319 21.27 -33.42 52.74
CA ASN D 319 21.90 -33.03 54.00
C ASN D 319 22.71 -31.74 53.86
N LEU D 320 22.25 -30.81 53.04
CA LEU D 320 22.99 -29.56 52.83
C LEU D 320 22.78 -28.61 54.00
N ASP D 321 23.78 -27.77 54.24
CA ASP D 321 23.64 -26.69 55.21
C ASP D 321 22.77 -25.60 54.60
N MET D 322 21.53 -25.53 55.05
CA MET D 322 20.58 -24.57 54.50
C MET D 322 20.38 -23.36 55.39
N ARG D 323 21.30 -23.14 56.35
CA ARG D 323 21.16 -22.00 57.23
C ARG D 323 21.56 -20.70 56.52
N LYS D 324 22.69 -20.71 55.81
CA LYS D 324 23.13 -19.53 55.07
C LYS D 324 23.06 -19.77 53.57
N THR D 325 22.72 -18.71 52.83
CA THR D 325 22.69 -18.78 51.38
C THR D 325 24.09 -19.06 50.81
N SER D 326 25.12 -18.56 51.48
CA SER D 326 26.48 -18.64 50.97
C SER D 326 27.02 -20.07 50.94
N SER D 327 26.35 -21.03 51.58
CA SER D 327 26.73 -22.41 51.33
C SER D 327 26.38 -22.86 49.92
N LEU D 328 25.63 -22.04 49.18
CA LEU D 328 25.14 -22.35 47.83
C LEU D 328 24.44 -23.70 47.79
N TRP D 329 23.69 -24.01 48.85
CA TRP D 329 22.90 -25.23 48.86
C TRP D 329 21.90 -25.24 47.70
N LYS D 330 21.25 -24.11 47.41
CA LYS D 330 20.30 -24.08 46.28
C LYS D 330 21.00 -24.43 44.98
N ASP D 331 22.16 -23.81 44.75
CA ASP D 331 22.95 -24.09 43.56
C ASP D 331 23.34 -25.56 43.50
N GLN D 332 23.75 -26.13 44.63
CA GLN D 332 24.15 -27.53 44.66
C GLN D 332 22.97 -28.45 44.35
N ALA D 333 21.83 -28.21 45.00
CA ALA D 333 20.66 -29.05 44.76
C ALA D 333 20.14 -28.87 43.34
N LEU D 334 20.15 -27.62 42.86
CA LEU D 334 19.71 -27.33 41.49
C LEU D 334 20.48 -28.17 40.47
N VAL D 335 21.81 -28.26 40.62
CA VAL D 335 22.58 -29.07 39.68
C VAL D 335 22.15 -30.53 39.75
N GLU D 336 22.06 -31.08 40.97
CA GLU D 336 21.71 -32.48 41.10
C GLU D 336 20.34 -32.77 40.47
N ILE D 337 19.39 -31.86 40.65
CA ILE D 337 18.05 -32.02 40.07
C ILE D 337 18.15 -32.08 38.56
N ASN D 338 19.02 -31.26 37.97
CA ASN D 338 19.09 -31.23 36.52
C ASN D 338 19.84 -32.42 35.98
N ILE D 339 20.78 -32.98 36.77
CA ILE D 339 21.39 -34.25 36.40
C ILE D 339 20.32 -35.33 36.32
N ALA D 340 19.44 -35.36 37.31
CA ALA D 340 18.40 -36.40 37.37
C ALA D 340 17.51 -36.35 36.14
N VAL D 341 17.04 -35.14 35.81
CA VAL D 341 16.18 -34.95 34.65
C VAL D 341 16.86 -35.50 33.39
N LEU D 342 18.11 -35.11 33.16
CA LEU D 342 18.79 -35.58 31.96
C LEU D 342 19.00 -37.09 32.01
N TYR D 343 19.42 -37.61 33.18
CA TYR D 343 19.61 -39.04 33.33
C TYR D 343 18.31 -39.79 33.09
N SER D 344 17.23 -39.31 33.69
CA SER D 344 15.95 -39.98 33.59
C SER D 344 15.47 -40.05 32.15
N PHE D 345 15.45 -38.91 31.45
CA PHE D 345 15.03 -38.92 30.04
C PHE D 345 15.94 -39.79 29.19
N GLN D 346 17.25 -39.67 29.38
CA GLN D 346 18.17 -40.45 28.57
C GLN D 346 17.98 -41.94 28.79
N SER D 347 17.83 -42.37 30.06
CA SER D 347 17.63 -43.78 30.36
C SER D 347 16.37 -44.32 29.69
N ASP D 348 15.28 -43.54 29.68
CA ASP D 348 14.06 -43.95 29.02
C ASP D 348 14.04 -43.66 27.53
N LYS D 349 15.18 -43.24 26.96
CA LYS D 349 15.31 -42.97 25.52
C LYS D 349 14.21 -42.04 25.04
N VAL D 350 13.95 -41.01 25.84
CA VAL D 350 13.11 -39.90 25.43
C VAL D 350 14.02 -38.72 25.10
N THR D 351 13.87 -38.19 23.89
CA THR D 351 14.72 -37.11 23.40
C THR D 351 14.78 -35.96 24.41
N ILE D 352 15.99 -35.53 24.71
CA ILE D 352 16.19 -34.35 25.54
C ILE D 352 17.57 -33.80 25.19
N VAL D 353 17.79 -32.51 25.45
CA VAL D 353 19.07 -31.89 25.18
C VAL D 353 19.50 -31.14 26.44
N ASP D 354 20.77 -31.28 26.82
CA ASP D 354 21.25 -30.49 27.95
C ASP D 354 21.60 -29.08 27.50
N HIS D 355 21.68 -28.16 28.48
CA HIS D 355 21.87 -26.77 28.11
C HIS D 355 23.22 -26.52 27.44
N HIS D 356 24.21 -27.36 27.71
CA HIS D 356 25.51 -27.18 27.06
C HIS D 356 25.45 -27.57 25.59
N SER D 357 24.86 -28.73 25.30
CA SER D 357 24.77 -29.13 23.90
C SER D 357 23.88 -28.16 23.12
N ALA D 358 22.75 -27.76 23.72
CA ALA D 358 21.82 -26.87 23.04
C ALA D 358 22.46 -25.52 22.73
N THR D 359 23.18 -24.94 23.70
CA THR D 359 23.78 -23.63 23.44
C THR D 359 24.91 -23.72 22.44
N GLU D 360 25.74 -24.76 22.53
CA GLU D 360 26.77 -24.93 21.51
C GLU D 360 26.13 -25.11 20.14
N SER D 361 25.05 -25.89 20.06
CA SER D 361 24.41 -26.06 18.77
CA SER D 361 24.36 -26.07 18.78
C SER D 361 23.84 -24.74 18.27
N PHE D 362 23.30 -23.91 19.17
CA PHE D 362 22.74 -22.64 18.74
C PHE D 362 23.81 -21.70 18.20
N ILE D 363 25.02 -21.73 18.78
CA ILE D 363 26.12 -20.92 18.23
C ILE D 363 26.45 -21.37 16.82
N LYS D 364 26.61 -22.68 16.61
CA LYS D 364 26.72 -23.22 15.26
C LYS D 364 25.58 -22.73 14.38
N HIS D 365 24.34 -22.83 14.87
CA HIS D 365 23.21 -22.36 14.10
C HIS D 365 23.34 -20.87 13.81
N MET D 366 23.73 -20.09 14.82
CA MET D 366 23.87 -18.66 14.64
C MET D 366 24.88 -18.31 13.56
N GLU D 367 26.10 -18.88 13.63
CA GLU D 367 27.11 -18.55 12.62
C GLU D 367 26.61 -18.91 11.23
N ASN D 368 25.93 -20.05 11.11
CA ASN D 368 25.41 -20.49 9.81
C ASN D 368 24.36 -19.51 9.29
N GLU D 369 23.43 -19.08 10.15
CA GLU D 369 22.44 -18.07 9.75
C GLU D 369 23.12 -16.77 9.30
N TYR D 370 24.16 -16.33 10.00
CA TYR D 370 24.86 -15.13 9.54
C TYR D 370 25.48 -15.38 8.17
N ARG D 371 26.06 -16.56 7.97
CA ARG D 371 26.69 -16.88 6.69
C ARG D 371 25.68 -16.94 5.55
N CYS D 372 24.61 -17.72 5.71
CA CYS D 372 23.70 -17.95 4.60
C CYS D 372 22.51 -17.00 4.55
N ARG D 373 22.27 -16.23 5.61
CA ARG D 373 21.08 -15.40 5.68
C ARG D 373 21.37 -13.95 6.07
N GLY D 374 22.60 -13.62 6.45
CA GLY D 374 22.89 -12.27 6.84
C GLY D 374 22.55 -11.93 8.28
N GLY D 375 22.21 -12.92 9.09
CA GLY D 375 22.00 -12.67 10.50
C GLY D 375 21.05 -13.68 11.11
N CYS D 376 20.82 -13.50 12.39
CA CYS D 376 19.98 -14.37 13.18
C CYS D 376 19.50 -13.59 14.39
N PRO D 377 18.25 -13.16 14.42
CA PRO D 377 17.76 -12.43 15.59
C PRO D 377 17.76 -13.34 16.80
N ALA D 378 18.24 -12.83 17.92
CA ALA D 378 18.42 -13.66 19.10
C ALA D 378 18.28 -12.82 20.36
N ASP D 379 17.59 -13.39 21.33
CA ASP D 379 17.24 -12.70 22.55
C ASP D 379 18.13 -13.28 23.65
N TRP D 380 19.25 -12.61 23.90
CA TRP D 380 20.23 -13.10 24.88
C TRP D 380 19.58 -13.45 26.21
N VAL D 381 18.67 -12.58 26.69
CA VAL D 381 17.98 -12.77 27.95
C VAL D 381 17.27 -14.10 27.99
N TRP D 382 16.77 -14.58 26.85
CA TRP D 382 16.11 -15.88 26.80
C TRP D 382 17.02 -17.01 26.34
N ILE D 383 18.05 -16.70 25.54
CA ILE D 383 18.88 -17.76 24.98
C ILE D 383 19.77 -18.36 26.06
N VAL D 384 20.32 -17.52 26.93
CA VAL D 384 21.22 -18.00 27.99
C VAL D 384 20.43 -18.88 28.95
N PRO D 385 20.90 -20.10 29.22
CA PRO D 385 20.14 -21.00 30.08
C PRO D 385 19.95 -20.42 31.47
N PRO D 386 18.91 -20.85 32.18
CA PRO D 386 18.61 -20.30 33.51
C PRO D 386 19.56 -20.74 34.62
N MET D 387 20.57 -21.55 34.31
CA MET D 387 21.60 -21.91 35.28
C MET D 387 22.91 -21.99 34.52
N SER D 388 24.01 -21.84 35.26
CA SER D 388 25.35 -22.03 34.69
C SER D 388 25.57 -21.17 33.46
N GLY D 389 25.02 -19.95 33.46
CA GLY D 389 24.98 -19.15 32.25
C GLY D 389 26.32 -19.01 31.56
N SER D 390 27.34 -18.55 32.30
CA SER D 390 28.57 -18.19 31.62
C SER D 390 29.45 -19.38 31.26
N ILE D 391 29.15 -20.59 31.74
CA ILE D 391 29.97 -21.70 31.27
C ILE D 391 29.33 -22.26 30.02
N THR D 392 28.25 -21.56 29.51
CA THR D 392 27.77 -21.95 28.18
C THR D 392 28.24 -20.93 27.15
N PRO D 393 28.45 -21.33 25.90
CA PRO D 393 29.03 -20.41 24.92
C PRO D 393 28.14 -19.23 24.54
N VAL D 394 26.81 -19.34 24.68
CA VAL D 394 25.97 -18.20 24.29
C VAL D 394 26.14 -17.02 25.24
N PHE D 395 26.60 -17.27 26.45
CA PHE D 395 26.78 -16.18 27.41
C PHE D 395 27.74 -15.11 26.89
N HIS D 396 28.79 -15.53 26.20
CA HIS D 396 29.80 -14.61 25.69
C HIS D 396 29.53 -14.15 24.27
N GLN D 397 28.38 -14.51 23.71
CA GLN D 397 28.06 -14.25 22.32
C GLN D 397 27.16 -13.01 22.25
N GLU D 398 27.67 -11.93 21.65
CA GLU D 398 26.79 -10.80 21.38
C GLU D 398 25.72 -11.25 20.38
N MET D 399 24.50 -10.72 20.56
CA MET D 399 23.33 -11.10 19.77
C MET D 399 22.49 -9.86 19.49
N LEU D 400 21.98 -9.76 18.27
CA LEU D 400 21.05 -8.69 17.93
C LEU D 400 19.64 -9.24 17.95
N ASN D 401 18.73 -8.50 18.57
CA ASN D 401 17.34 -8.90 18.66
C ASN D 401 16.52 -8.03 17.74
N TYR D 402 15.77 -8.65 16.83
CA TYR D 402 14.86 -7.89 15.99
C TYR D 402 13.77 -8.82 15.53
N ARG D 403 12.66 -8.25 15.13
CA ARG D 403 11.44 -9.00 14.92
C ARG D 403 11.21 -9.13 13.41
N LEU D 404 11.38 -10.35 12.90
CA LEU D 404 11.06 -10.66 11.51
C LEU D 404 9.73 -11.37 11.45
N THR D 405 9.09 -11.29 10.30
CA THR D 405 7.88 -12.04 10.04
C THR D 405 8.12 -13.01 8.90
N PRO D 406 7.43 -14.16 8.86
CA PRO D 406 6.46 -14.74 9.80
C PRO D 406 6.99 -14.87 11.22
N SER D 407 6.11 -14.83 12.21
CA SER D 407 6.56 -14.86 13.58
C SER D 407 5.54 -15.56 14.46
N PHE D 408 6.02 -16.06 15.60
CA PHE D 408 5.13 -16.44 16.68
C PHE D 408 5.01 -15.25 17.64
N GLU D 409 3.78 -15.01 18.08
CA GLU D 409 3.47 -13.87 18.90
C GLU D 409 2.67 -14.36 20.09
N TYR D 410 2.75 -13.59 21.17
CA TYR D 410 1.86 -13.82 22.29
C TYR D 410 0.47 -13.24 21.98
N GLN D 411 -0.50 -13.73 22.71
CA GLN D 411 -1.87 -13.25 22.55
C GLN D 411 -2.54 -13.33 23.90
N PRO D 412 -3.57 -12.54 24.12
CA PRO D 412 -4.27 -12.60 25.40
C PRO D 412 -4.80 -14.00 25.67
N ASP D 413 -4.77 -14.37 26.94
CA ASP D 413 -5.43 -15.59 27.37
C ASP D 413 -6.90 -15.56 26.97
N PRO D 414 -7.45 -16.66 26.47
CA PRO D 414 -8.79 -16.60 25.88
C PRO D 414 -9.87 -16.35 26.90
N TRP D 415 -9.66 -16.76 28.14
CA TRP D 415 -10.68 -16.53 29.17
C TRP D 415 -10.77 -15.07 29.56
N ASN D 416 -9.88 -14.22 29.06
CA ASN D 416 -9.99 -12.79 29.30
C ASN D 416 -10.71 -12.07 28.17
N THR D 417 -10.80 -12.67 26.98
CA THR D 417 -11.48 -12.04 25.85
C THR D 417 -12.72 -12.79 25.41
N HIS D 418 -12.88 -14.06 25.78
CA HIS D 418 -14.01 -14.82 25.28
C HIS D 418 -15.30 -14.34 25.92
N VAL D 419 -16.31 -14.10 25.09
CA VAL D 419 -17.66 -13.85 25.57
C VAL D 419 -18.46 -15.13 25.40
N TRP D 420 -18.91 -15.69 26.52
CA TRP D 420 -19.56 -16.99 26.54
C TRP D 420 -20.98 -16.89 25.99
N LYS D 421 -21.40 -17.94 25.28
CA LYS D 421 -22.76 -18.02 24.74
C LYS D 421 -23.62 -19.05 25.46
CHA HEM E . -10.30 18.97 -22.24
CHB HEM E . -9.28 15.58 -18.95
CHC HEM E . -7.85 19.18 -16.07
CHD HEM E . -9.59 22.54 -19.03
C1A HEM E . -9.99 17.77 -21.65
C2A HEM E . -9.86 16.49 -22.32
C3A HEM E . -9.58 15.56 -21.41
C4A HEM E . -9.53 16.20 -20.13
CMA HEM E . -9.33 14.07 -21.68
CAA HEM E . -9.98 16.21 -23.81
CBA HEM E . -8.58 16.47 -24.37
CGA HEM E . -8.56 15.94 -25.77
O1A HEM E . -9.32 15.00 -26.07
O2A HEM E . -7.79 16.47 -26.61
C1B HEM E . -8.76 16.27 -17.87
C2B HEM E . -8.22 15.68 -16.69
C3B HEM E . -7.83 16.67 -15.87
C4B HEM E . -8.12 17.92 -16.55
CMB HEM E . -8.11 14.17 -16.39
CAB HEM E . -7.18 16.43 -14.49
CBB HEM E . -7.06 17.41 -13.59
C1C HEM E . -8.15 20.40 -16.60
C2C HEM E . -7.77 21.69 -16.05
C3C HEM E . -8.25 22.64 -16.86
C4C HEM E . -8.94 21.97 -17.97
CMC HEM E . -6.95 21.84 -14.74
CAC HEM E . -8.17 24.18 -16.77
CBC HEM E . -7.81 24.84 -15.66
C1D HEM E . -9.95 21.85 -20.18
C2D HEM E . -10.51 22.44 -21.36
C3D HEM E . -10.71 21.44 -22.25
C4D HEM E . -10.27 20.21 -21.64
CMD HEM E . -10.79 23.94 -21.48
CAD HEM E . -11.29 21.44 -23.67
CBD HEM E . -10.82 22.59 -24.54
CGD HEM E . -11.85 22.66 -25.65
O1D HEM E . -12.87 23.38 -25.48
O2D HEM E . -11.62 21.99 -26.67
NA HEM E . -9.79 17.55 -20.30
NB HEM E . -8.70 17.64 -17.78
NC HEM E . -8.85 20.62 -17.76
ND HEM E . -9.82 20.49 -20.38
FE HEM E . -9.58 19.09 -18.93
N1 H4B F . -13.12 14.27 -28.37
C2 H4B F . -12.01 14.60 -27.67
N2 H4B F . -11.95 14.34 -26.34
N3 H4B F . -10.97 15.19 -28.30
C4 H4B F . -11.00 15.47 -29.62
O4 H4B F . -10.05 16.02 -30.19
C4A H4B F . -12.15 15.15 -30.34
C8A H4B F . -13.21 14.53 -29.68
N5 H4B F . -12.24 15.41 -31.67
N8 H4B F . -14.34 14.17 -30.36
C6 H4B F . -13.58 15.51 -32.20
C7 H4B F . -14.40 14.29 -31.81
C9 H4B F . -13.61 15.67 -33.72
O9 H4B F . -12.93 14.56 -34.31
C10 H4B F . -15.04 15.75 -34.27
C11 H4B F . -15.01 15.94 -35.77
O10 H4B F . -15.77 16.87 -33.71
C02 A1A0F G . -5.69 16.72 -19.65
C03 A1A0F G . -5.59 17.80 -18.78
C04 A1A0F G . -5.61 19.08 -19.32
C05 A1A0F G . -5.74 19.25 -20.69
C06 A1A0F G . -5.84 18.14 -21.50
C07 A1A0F G . -5.51 20.30 -18.44
C11 A1A0F G . -5.92 18.34 -22.98
C12 A1A0F G . -5.23 17.49 -23.82
C13 A1A0F G . -5.29 17.67 -25.20
C14 A1A0F G . -6.04 18.72 -25.72
C15 A1A0F G . -6.73 19.58 -24.88
C16 A1A0F G . -6.67 19.39 -23.50
C17 A1A0F G . -7.56 20.69 -25.44
C21 A1A0F G . -4.55 16.71 -26.10
C23 A1A0F G . -4.84 14.32 -26.67
F18 A1A0F G . -7.95 21.54 -24.50
F19 A1A0F G . -8.64 20.17 -25.98
F20 A1A0F G . -6.88 21.34 -26.36
N01 A1A0F G . -5.80 16.91 -20.98
N02 A1A0F G . -5.67 15.44 -19.19
N22 A1A0F G . -4.88 15.35 -25.61
C1 GOL H . -23.66 30.84 -13.76
O1 GOL H . -22.78 31.58 -14.60
C2 GOL H . -23.06 30.73 -12.36
O2 GOL H . -21.75 30.23 -12.44
C3 GOL H . -23.89 29.79 -11.49
O3 GOL H . -23.03 29.29 -10.48
C1 GOL I . -6.11 27.14 -4.40
O1 GOL I . -7.23 26.44 -4.90
C2 GOL I . -6.37 28.64 -4.42
O2 GOL I . -7.76 28.89 -4.28
C3 GOL I . -5.86 29.25 -5.73
O3 GOL I . -4.46 29.14 -5.82
ZN ZN J . -26.64 21.11 -31.54
CHA HEM K . -29.78 3.39 -37.33
CHB HEM K . -26.63 0.49 -39.52
CHC HEM K . -30.06 -0.36 -42.90
CHD HEM K . -32.89 3.06 -41.04
C1A HEM K . -28.70 2.56 -37.51
C2A HEM K . -27.68 2.20 -36.55
C3A HEM K . -26.80 1.38 -37.15
C4A HEM K . -27.23 1.22 -38.52
CMA HEM K . -25.55 0.73 -36.50
CAA HEM K . -27.64 2.61 -35.07
CBA HEM K . -28.49 1.56 -34.37
CGA HEM K . -28.22 1.63 -32.89
O1A HEM K . -27.10 2.09 -32.57
O2A HEM K . -29.08 1.24 -32.07
C1B HEM K . -27.31 0.01 -40.63
C2B HEM K . -26.77 -0.92 -41.58
C3B HEM K . -27.68 -1.16 -42.52
C4B HEM K . -28.87 -0.38 -42.20
CMB HEM K . -25.34 -1.53 -41.52
CAB HEM K . -27.44 -2.12 -43.72
CBB HEM K . -28.32 -2.28 -44.70
C1C HEM K . -31.15 0.46 -42.71
C2C HEM K . -32.40 0.45 -43.46
C3C HEM K . -33.19 1.42 -42.92
C4C HEM K . -32.46 2.05 -41.84
CMC HEM K . -32.69 -0.52 -44.63
CAC HEM K . -34.61 1.89 -43.32
CBC HEM K . -35.16 1.59 -44.50
C1D HEM K . -32.28 3.46 -39.88
C2D HEM K . -32.74 4.50 -39.01
C3D HEM K . -31.87 4.58 -37.99
C4D HEM K . -30.84 3.59 -38.18
CMD HEM K . -34.00 5.37 -39.21
CAD HEM K . -31.92 5.56 -36.82
CBD HEM K . -33.13 5.25 -35.97
CGD HEM K . -33.20 6.35 -34.96
O1D HEM K . -33.29 7.55 -35.36
O2D HEM K . -33.15 5.98 -33.76
NA HEM K . -28.37 1.96 -38.70
NB HEM K . -28.59 0.33 -41.03
NC HEM K . -31.25 1.43 -41.74
ND HEM K . -31.12 2.93 -39.36
FE HEM K . -29.69 1.94 -40.35
N1 H4B L . -25.32 5.76 -30.70
C2 H4B L . -25.89 4.68 -31.28
N2 H4B L . -25.44 4.24 -32.49
N3 H4B L . -26.91 4.02 -30.65
C4 H4B L . -27.38 4.45 -29.45
O4 H4B L . -28.31 3.82 -28.89
C4A H4B L . -26.80 5.56 -28.85
C8A H4B L . -25.75 6.22 -29.50
N5 H4B L . -27.22 6.04 -27.65
N8 H4B L . -25.17 7.30 -28.96
C6 H4B L . -26.99 7.45 -27.40
C7 H4B L . -25.52 7.78 -27.63
C9 H4B L . -27.39 7.90 -26.01
O9 H4B L . -26.85 7.00 -25.04
C10 H4B L . -26.82 9.28 -25.74
C11 H4B L . -27.12 9.74 -24.32
O10 H4B L . -27.36 10.21 -26.69
C02 A1A0F M . -28.96 -2.28 -38.42
C03 A1A0F M . -29.84 -2.23 -39.51
C04 A1A0F M . -31.10 -1.69 -39.32
C05 A1A0F M . -31.48 -1.21 -38.07
C06 A1A0F M . -30.57 -1.29 -37.01
C07 A1A0F M . -32.08 -1.61 -40.45
C11 A1A0F M . -30.96 -0.82 -35.66
C12 A1A0F M . -30.59 -1.56 -34.55
C13 A1A0F M . -30.94 -1.13 -33.28
C14 A1A0F M . -31.68 0.05 -33.13
C15 A1A0F M . -32.06 0.80 -34.23
C16 A1A0F M . -31.68 0.37 -35.50
C17 A1A0F M . -32.84 2.09 -34.03
C21 A1A0F M . -30.54 -1.93 -32.06
C23 A1A0F M . -28.20 -1.93 -31.30
F18 A1A0F M . -33.49 2.40 -35.14
F19 A1A0F M . -32.05 3.09 -33.71
F20 A1A0F M . -33.73 1.93 -33.06
N01 A1A0F M . -29.36 -1.84 -37.21
N02 A1A0F M . -27.71 -2.80 -38.56
N22 A1A0F M . -29.17 -2.49 -32.25
C1 GOL N . -34.80 17.77 -49.94
O1 GOL N . -35.49 17.20 -48.85
C2 GOL N . -35.18 17.07 -51.24
O2 GOL N . -34.35 15.94 -51.44
C3 GOL N . -35.08 18.03 -52.42
O3 GOL N . -33.91 17.82 -53.17
C1 GOL O . -38.30 -0.91 -54.72
O1 GOL O . -38.70 -2.03 -53.95
C2 GOL O . -37.13 -1.25 -55.63
O2 GOL O . -35.91 -1.00 -54.97
C3 GOL O . -37.20 -0.38 -56.87
O3 GOL O . -35.89 -0.05 -57.26
CHA HEM P . 29.95 -3.65 37.60
CHB HEM P . 29.39 -5.72 41.92
CHC HEM P . 31.05 -1.53 43.82
CHD HEM P . 30.99 0.68 39.55
C1A HEM P . 29.82 -4.62 38.57
C2A HEM P . 29.77 -6.06 38.38
C3A HEM P . 29.61 -6.64 39.57
C4A HEM P . 29.55 -5.59 40.56
CMA HEM P . 29.51 -8.15 39.87
CAA HEM P . 29.91 -6.80 37.04
CBA HEM P . 31.40 -7.06 36.84
CGA HEM P . 31.61 -8.13 35.80
O1A HEM P . 30.74 -9.03 35.71
O2A HEM P . 32.63 -8.10 35.09
C1B HEM P . 29.81 -4.76 42.82
C2B HEM P . 29.90 -4.93 44.24
C3B HEM P . 30.33 -3.79 44.78
C4B HEM P . 30.55 -2.83 43.69
CMB HEM P . 29.51 -6.23 45.00
CAB HEM P . 30.56 -3.60 46.30
CBB HEM P . 30.70 -2.39 46.85
C1C HEM P . 31.24 -0.55 42.88
C2C HEM P . 31.78 0.81 43.05
C3C HEM P . 31.76 1.39 41.82
C4C HEM P . 31.18 0.45 40.89
CMC HEM P . 32.31 1.44 44.36
CAC HEM P . 32.15 2.81 41.34
CBC HEM P . 32.21 3.83 42.20
C1D HEM P . 30.68 -0.31 38.65
C2D HEM P . 30.46 -0.15 37.24
C3D HEM P . 30.16 -1.33 36.74
C4D HEM P . 30.19 -2.31 37.78
CMD HEM P . 30.52 1.17 36.43
CAD HEM P . 29.82 -1.63 35.28
CBD HEM P . 31.07 -1.66 34.49
CGD HEM P . 30.75 -1.31 33.07
O1D HEM P . 29.65 -0.79 32.72
O2D HEM P . 31.70 -1.55 32.31
NA HEM P . 29.68 -4.38 39.91
NB HEM P . 30.21 -3.47 42.51
NC HEM P . 30.91 -0.71 41.56
ND HEM P . 30.48 -1.65 38.96
FE HEM P . 30.00 -2.46 40.69
N1 H4B Q . 27.52 -9.96 32.71
C2 H4B Q . 28.48 -9.58 33.58
N2 H4B Q . 28.14 -9.32 34.88
N3 H4B Q . 29.77 -9.44 33.18
C4 H4B Q . 30.12 -9.69 31.88
O4 H4B Q . 31.32 -9.56 31.52
C4A H4B Q . 29.14 -10.09 30.99
C8A H4B Q . 27.83 -10.22 31.42
N5 H4B Q . 29.42 -10.34 29.69
N8 H4B Q . 26.86 -10.60 30.58
C6 H4B Q . 28.33 -10.13 28.75
C7 H4B Q . 27.12 -10.94 29.20
C9 H4B Q . 28.70 -10.52 27.33
O9 H4B Q . 29.22 -11.84 27.33
C10 H4B Q . 27.46 -10.45 26.44
C11 H4B Q . 27.81 -10.73 24.99
O10 H4B Q . 26.85 -9.17 26.55
C02 A1A0F R . 33.19 -5.68 42.00
C03 A1A0F R . 33.33 -4.37 42.46
C04 A1A0F R . 33.78 -3.41 41.58
C05 A1A0F R . 34.07 -3.74 40.27
C06 A1A0F R . 33.92 -5.05 39.85
C07 A1A0F R . 33.96 -2.00 42.03
C11 A1A0F R . 34.25 -5.43 38.44
C12 A1A0F R . 34.89 -6.63 38.21
C13 A1A0F R . 35.23 -7.00 36.91
C14 A1A0F R . 34.92 -6.15 35.85
C15 A1A0F R . 34.28 -4.93 36.07
C16 A1A0F R . 33.94 -4.58 37.38
C17 A1A0F R . 33.96 -4.03 34.90
C21 A1A0F R . 35.92 -8.32 36.64
C23 A1A0F R . 34.80 -10.46 36.82
F18 A1A0F R . 33.65 -2.82 35.34
F19 A1A0F R . 32.95 -4.49 34.19
F20 A1A0F R . 35.01 -3.95 34.09
N01 A1A0F R . 33.51 -5.99 40.72
N02 A1A0F R . 32.77 -6.66 42.83
N22 A1A0F R . 35.41 -9.34 37.57
C1 GOL S . 18.91 12.64 36.82
O1 GOL S . 20.03 12.43 36.00
C2 GOL S . 19.31 13.25 38.17
O2 GOL S . 19.21 12.28 39.19
C3 GOL S . 18.39 14.42 38.52
O3 GOL S . 17.35 13.98 39.37
C1 GOL T . 32.12 9.80 52.01
O1 GOL T . 30.76 9.41 51.94
C2 GOL T . 32.43 10.74 50.85
O2 GOL T . 33.81 10.76 50.54
C3 GOL T . 31.89 12.12 51.21
O3 GOL T . 30.58 11.94 51.66
ZN ZN U . 17.14 -2.86 23.72
CHA HEM V . 11.37 -20.87 23.20
CHB HEM V . 14.12 -24.87 23.07
CHC HEM V . 11.44 -26.34 19.29
CHD HEM V . 9.30 -22.05 18.98
C1A HEM V . 12.22 -21.89 23.58
C2A HEM V . 12.81 -22.10 24.89
C3A HEM V . 13.56 -23.20 24.86
C4A HEM V . 13.48 -23.75 23.53
CMA HEM V . 14.37 -23.77 26.03
CAA HEM V . 12.60 -21.21 26.11
CBA HEM V . 11.33 -21.75 26.75
CGA HEM V . 11.24 -21.17 28.13
O1A HEM V . 12.30 -20.77 28.67
O2A HEM V . 10.13 -21.10 28.70
C1B HEM V . 13.61 -25.62 22.04
C2B HEM V . 14.06 -26.94 21.65
C3B HEM V . 13.33 -27.33 20.61
C4B HEM V . 12.38 -26.28 20.30
CMB HEM V . 15.18 -27.77 22.27
CAB HEM V . 13.53 -28.70 19.93
CBB HEM V . 13.17 -28.94 18.67
C1C HEM V . 10.60 -25.35 18.85
C2C HEM V . 9.63 -25.44 17.75
C3C HEM V . 9.02 -24.23 17.67
C4C HEM V . 9.60 -23.37 18.70
CMC HEM V . 9.38 -26.71 16.92
CAC HEM V . 7.95 -23.75 16.68
CBC HEM V . 7.82 -24.29 15.46
C1D HEM V . 9.68 -21.36 20.11
C2D HEM V . 9.23 -20.03 20.44
C3D HEM V . 9.81 -19.69 21.61
C4D HEM V . 10.63 -20.81 22.05
CMD HEM V . 8.27 -19.21 19.54
CAD HEM V . 9.72 -18.39 22.42
CBD HEM V . 8.35 -17.77 22.48
CGD HEM V . 8.58 -16.37 22.97
O1D HEM V . 8.83 -15.45 22.14
O2D HEM V . 8.53 -16.21 24.21
NA HEM V . 12.66 -22.92 22.78
NB HEM V . 12.59 -25.23 21.19
NC HEM V . 10.55 -24.09 19.37
ND HEM V . 10.55 -21.81 21.11
FE HEM V . 11.81 -23.34 20.92
N1 H4B W . 14.56 -16.91 29.70
C2 H4B W . 13.82 -17.98 29.34
N2 H4B W . 14.37 -18.96 28.55
N3 H4B W . 12.54 -18.10 29.77
C4 H4B W . 11.98 -17.16 30.54
O4 H4B W . 10.79 -17.29 30.92
C4A H4B W . 12.73 -16.05 30.89
C8A H4B W . 14.04 -15.93 30.45
N5 H4B W . 12.19 -15.08 31.67
N8 H4B W . 14.80 -14.86 30.81
C6 H4B W . 12.81 -13.76 31.61
C7 H4B W . 14.33 -13.84 31.74
C9 H4B W . 12.25 -12.82 32.66
O9 H4B W . 12.52 -13.36 33.95
C10 H4B W . 12.85 -11.42 32.54
C11 H4B W . 12.12 -10.47 33.48
O10 H4B W . 12.72 -10.93 31.22
C02 A1A0F X . 10.87 -26.54 24.08
C03 A1A0F X . 10.27 -26.72 22.82
C04 A1A0F X . 9.21 -25.91 22.45
C05 A1A0F X . 8.75 -24.97 23.33
C06 A1A0F X . 9.35 -24.81 24.56
C07 A1A0F X . 8.51 -26.06 21.12
C11 A1A0F X . 8.78 -23.80 25.48
C12 A1A0F X . 8.65 -24.11 26.82
C13 A1A0F X . 8.10 -23.20 27.70
C14 A1A0F X . 7.69 -21.95 27.23
C15 A1A0F X . 7.82 -21.63 25.89
C16 A1A0F X . 8.37 -22.56 25.02
C17 A1A0F X . 7.38 -20.28 25.37
C21 A1A0F X . 8.01 -23.57 29.17
C23 A1A0F X . 9.65 -23.94 31.00
F18 A1A0F X . 7.30 -20.29 24.06
F19 A1A0F X . 8.30 -19.39 25.71
F20 A1A0F X . 6.22 -19.97 25.89
N01 A1A0F X . 10.39 -25.60 24.91
N02 A1A0F X . 11.92 -27.31 24.46
N22 A1A0F X . 9.38 -24.02 29.55
C1 GOL Y . 13.82 -11.72 5.11
O1 GOL Y . 12.51 -11.68 5.64
C2 GOL Y . 14.12 -13.09 4.52
O2 GOL Y . 13.78 -14.11 5.44
C3 GOL Y . 15.61 -13.20 4.18
O3 GOL Y . 15.95 -14.57 4.16
#